data_8D7Z
#
_entry.id   8D7Z
#
_cell.length_a   1.00
_cell.length_b   1.00
_cell.length_c   1.00
_cell.angle_alpha   90.00
_cell.angle_beta   90.00
_cell.angle_gamma   90.00
#
_symmetry.space_group_name_H-M   'P 1'
#
loop_
_entity.id
_entity.type
_entity.pdbx_description
1 polymer 'DNA damage-binding protein 1'
2 polymer 'Protein cereblon'
3 polymer 'DNA-binding protein Ikaros'
4 non-polymer 'ZINC ION'
5 non-polymer Mezigdomide
#
loop_
_entity_poly.entity_id
_entity_poly.type
_entity_poly.pdbx_seq_one_letter_code
_entity_poly.pdbx_strand_id
1 'polypeptide(L)'
;MSYNYVVTAQKPTAVNGCVTGHFTSAEDLNLLIAKNTRLEIYVVTAEGLRPVKEVGMYGKIAVMELFRPKGESKDLLFIL
TAKYNACILEYKQSGESIDIITRAHGNVQDRIGRPSETGIIGIIDPECRMIGLRLYDGLFKVIPLDRDNKELKAFNIRLE
ELHVIDVKFLYGCQAPTICFVYQDPQGRHVKTYEVSLREKEFNKGPWKQENVEAEASMVIAVPEPFGGAIIIGQESITYH
NGDKYLAIAPPIIKQSTIVCHNRVDPNGSRYLLGDMEGRLFMLLLEKEEQMDGTVTLKDLRVELLGETSIAECLTYLDNG
VVFVGSRLGDSQLVKLNVDSNEQGSYVVAMETFTNLGPIVDMCVVDLERQGQGQLVTCSGAFKEGSLRIIRNGIGIHEHA
SIDLPGIKGLWPLRSDPNRETDDTLVLSFVGQTRVLMLNGEEVEETELMGFVDDQQTFFCGNVAHQQLIQITSASVRLVS
QEPKALVSEWKEPQAKNISVASCNSSQVVVAVGRALYYLQIHPQELRQISHTEMEHEVACLDITPLGDSNGLSPLCAIGL
WTDISARILKLPSFELLHKEMLGGEIIPRSILMTTFESSHYLLCALGDGALFYFGLNIETGLLSDRKKVTLGTQPTVLRT
FRSLSTTNVFACSDRPTVIYSSNHKLVFSNVNLKEVNYMCPLNSDGYPDSLALANNSTLTIGTIDEIQKLHIRTVPLYES
PRKICYQEVSQCFGVLSSRIEVQDTSGGTTALRPSASTQALSSSVSSSKLFSSSTAPHETSFGEEVEVHNLLIIDQHTFE
VLHAHQFLQNEYALSLVSCKLGKDPNTYFIVGTAMVYPEEAEPKQGRIVVFQYSDGKLQTVAEKEVKGAVYSMVEFNGKL
LASINSTVRLYEWTTEKELRTECNHYNNIMALYLKTKGDFILVGDLMRSVLLLAYKPMEGNFEEIARDFNPNWMSAVEIL
DDDNFLGAENAFNLFVCQKDSAATTDEERQHLQEVGLFHLGEFVNVFCHGSLVMQNLGETSTPTQGSVLFGTVNGMIGLV
TSLSESWYNLLLDMQNRLNKVIKSVGKIEHSFWRSFHTERKTEPATGFIDGDLIESFLDISRPKMQEVVANLQYDDGSGM
KREATADDLIKVVEELTRIH
;
A
2 'polypeptide(L)'
;MAGEGDQQDAAHNMGNHLPLLPAESEEEDEMEVEDQDSKEAKKPNIINFDTSLPTSHTYLGADMEEFHGRTLHDDDSCQV
IPVLPQVMMILIPGQTLPLQLFHPQEVSMVRNLIQKDRTFAVLAYSNVQEREAQFGTTAEIYAYREEQDFGIEIVKVKAI
GRQRFKVLELRTQSDGIQQAKVQILPECVLPSTMSAVQLESLNKCQIFPSKPVSREDQCSYKWWQKYQKRKFHCANLTSW
PRWLYSLYDAETLMDRIKKQLREWDENLKDDSLPSNPIDFSYRVAACLPIDDVLRIQLLKIGSAIQRLRCELDIMNKCTS
LCCKQCQETEITTKNEIFSLSLCGPMAAYVNPHGYVHETLTVYKACNLNLIGRPSTEHSWFPGYAWTVAQCKICASHIGW
KFTATKKDMSPQKFWGLTRSALLPTIPDTEDEISPDKVILCL
;
B
3 'polypeptide(L)'
;GSLPNGKLKCDICGIICIGPNVLMVHKRSHTGERPFQCNQCGASFTQKGNLLRHIKLHSGEKPFKCHLCNYACRRRDALT
GHLRTHS
;
C
#
loop_
_chem_comp.id
_chem_comp.type
_chem_comp.name
_chem_comp.formula
QFC non-polymer Mezigdomide 'C32 H30 F N5 O4'
ZN non-polymer 'ZINC ION' 'Zn 2'
#
# COMPACT_ATOMS: atom_id res chain seq x y z
N MET A 1 15.02 -12.73 -14.04
CA MET A 1 16.33 -12.94 -13.44
C MET A 1 16.34 -12.49 -11.98
N SER A 2 15.17 -12.08 -11.50
CA SER A 2 15.02 -11.63 -10.12
C SER A 2 14.78 -12.79 -9.16
N TYR A 3 13.82 -13.65 -9.47
CA TYR A 3 13.53 -14.86 -8.69
C TYR A 3 13.24 -14.52 -7.23
N ASN A 4 12.14 -13.80 -7.02
CA ASN A 4 11.73 -13.36 -5.70
C ASN A 4 10.50 -14.12 -5.23
N TYR A 5 10.36 -14.22 -3.91
CA TYR A 5 9.27 -14.94 -3.27
C TYR A 5 8.60 -14.01 -2.27
N VAL A 6 7.31 -13.75 -2.46
CA VAL A 6 6.57 -12.79 -1.64
C VAL A 6 5.46 -13.53 -0.89
N VAL A 7 5.35 -13.25 0.41
CA VAL A 7 4.39 -13.93 1.27
C VAL A 7 3.90 -12.92 2.32
N THR A 8 2.76 -13.23 2.91
CA THR A 8 2.12 -12.34 3.88
C THR A 8 2.41 -12.86 5.29
N ALA A 9 2.97 -12.00 6.14
CA ALA A 9 3.24 -12.33 7.53
C ALA A 9 2.13 -11.89 8.47
N GLN A 10 1.22 -11.05 8.02
CA GLN A 10 0.11 -10.59 8.87
C GLN A 10 -0.98 -10.05 7.97
N LYS A 11 -2.18 -10.60 8.07
CA LYS A 11 -3.25 -10.25 7.16
C LYS A 11 -3.75 -8.84 7.42
N PRO A 12 -4.36 -8.20 6.43
CA PRO A 12 -4.87 -6.82 6.62
C PRO A 12 -5.93 -6.76 7.72
N THR A 13 -5.94 -5.62 8.42
CA THR A 13 -6.83 -5.42 9.55
C THR A 13 -7.80 -4.27 9.39
N ALA A 14 -7.53 -3.31 8.51
CA ALA A 14 -8.42 -2.18 8.32
C ALA A 14 -9.73 -2.63 7.70
N VAL A 15 -10.83 -2.07 8.19
CA VAL A 15 -12.18 -2.41 7.72
C VAL A 15 -12.62 -1.35 6.72
N ASN A 16 -13.08 -1.78 5.55
CA ASN A 16 -13.56 -0.87 4.52
C ASN A 16 -15.01 -1.16 4.12
N GLY A 17 -15.77 -1.82 4.98
CA GLY A 17 -17.17 -2.10 4.70
C GLY A 17 -17.73 -3.17 5.61
N CYS A 18 -19.00 -3.03 6.00
CA CYS A 18 -19.63 -3.99 6.88
C CYS A 18 -21.13 -3.94 6.70
N VAL A 19 -21.76 -5.12 6.72
CA VAL A 19 -23.20 -5.25 6.55
C VAL A 19 -23.72 -6.26 7.57
N THR A 20 -25.04 -6.23 7.78
CA THR A 20 -25.72 -7.23 8.58
C THR A 20 -26.96 -7.75 7.88
N GLY A 21 -27.27 -9.02 8.14
CA GLY A 21 -28.42 -9.65 7.54
C GLY A 21 -28.40 -11.13 7.87
N HIS A 22 -29.33 -11.86 7.26
CA HIS A 22 -29.44 -13.30 7.46
C HIS A 22 -28.71 -13.98 6.31
N PHE A 23 -27.40 -14.16 6.47
CA PHE A 23 -26.55 -14.78 5.47
C PHE A 23 -26.33 -16.27 5.72
N THR A 24 -25.86 -16.62 6.92
CA THR A 24 -25.62 -18.02 7.22
C THR A 24 -26.93 -18.80 7.35
N SER A 25 -27.91 -18.22 8.05
CA SER A 25 -29.21 -18.86 8.20
C SER A 25 -30.27 -17.79 8.37
N ALA A 26 -31.51 -18.17 8.07
CA ALA A 26 -32.62 -17.22 8.15
C ALA A 26 -32.91 -16.78 9.58
N GLU A 27 -32.43 -17.52 10.57
CA GLU A 27 -32.65 -17.17 11.97
C GLU A 27 -31.49 -16.40 12.59
N ASP A 28 -30.26 -16.66 12.16
CA ASP A 28 -29.10 -15.97 12.70
C ASP A 28 -28.98 -14.56 12.12
N LEU A 29 -28.49 -13.64 12.94
CA LEU A 29 -28.17 -12.29 12.50
C LEU A 29 -26.65 -12.20 12.36
N ASN A 30 -26.19 -12.08 11.11
CA ASN A 30 -24.77 -12.11 10.81
C ASN A 30 -24.22 -10.70 10.64
N LEU A 31 -22.96 -10.54 10.99
CA LEU A 31 -22.19 -9.34 10.66
C LEU A 31 -21.06 -9.75 9.72
N LEU A 32 -21.07 -9.18 8.52
CA LEU A 32 -20.05 -9.44 7.53
C LEU A 32 -19.11 -8.24 7.47
N ILE A 33 -17.81 -8.50 7.47
CA ILE A 33 -16.80 -7.45 7.47
C ILE A 33 -15.85 -7.71 6.31
N ALA A 34 -15.57 -6.68 5.53
CA ALA A 34 -14.60 -6.74 4.44
C ALA A 34 -13.37 -5.96 4.86
N LYS A 35 -12.23 -6.65 4.95
CA LYS A 35 -10.97 -6.03 5.36
C LYS A 35 -10.23 -5.45 4.16
N ASN A 36 -10.03 -6.26 3.12
CA ASN A 36 -9.41 -5.83 1.87
C ASN A 36 -9.60 -6.93 0.85
N THR A 37 -8.79 -7.98 0.96
CA THR A 37 -8.96 -9.20 0.21
C THR A 37 -9.70 -10.27 1.01
N ARG A 38 -10.02 -9.99 2.28
CA ARG A 38 -10.63 -10.95 3.18
C ARG A 38 -12.07 -10.59 3.47
N LEU A 39 -12.90 -11.61 3.63
CA LEU A 39 -14.29 -11.43 4.02
C LEU A 39 -14.53 -12.24 5.29
N GLU A 40 -15.00 -11.56 6.34
CA GLU A 40 -15.18 -12.17 7.65
C GLU A 40 -16.67 -12.24 7.97
N ILE A 41 -17.13 -13.42 8.36
CA ILE A 41 -18.54 -13.66 8.64
C ILE A 41 -18.68 -14.00 10.12
N TYR A 42 -19.52 -13.25 10.81
CA TYR A 42 -19.77 -13.45 12.24
C TYR A 42 -21.24 -13.78 12.45
N VAL A 43 -21.57 -14.13 13.69
CA VAL A 43 -22.94 -14.34 14.12
C VAL A 43 -23.16 -13.49 15.36
N VAL A 44 -24.16 -12.61 15.32
CA VAL A 44 -24.41 -11.69 16.43
C VAL A 44 -25.15 -12.44 17.53
N THR A 45 -24.45 -12.76 18.60
CA THR A 45 -25.02 -13.42 19.77
C THR A 45 -25.23 -12.40 20.87
N ALA A 46 -25.85 -12.86 21.96
CA ALA A 46 -26.06 -11.98 23.11
C ALA A 46 -24.74 -11.52 23.71
N GLU A 47 -23.77 -12.44 23.82
CA GLU A 47 -22.47 -12.08 24.36
C GLU A 47 -21.74 -11.09 23.46
N GLY A 48 -21.79 -11.30 22.15
CA GLY A 48 -21.09 -10.43 21.23
C GLY A 48 -20.96 -11.01 19.84
N LEU A 49 -19.75 -10.97 19.30
CA LEU A 49 -19.47 -11.44 17.95
C LEU A 49 -18.88 -12.85 18.00
N ARG A 50 -19.48 -13.77 17.27
CA ARG A 50 -19.00 -15.15 17.20
C ARG A 50 -18.46 -15.43 15.80
N PRO A 51 -17.15 -15.56 15.62
CA PRO A 51 -16.61 -15.84 14.29
C PRO A 51 -17.11 -17.16 13.74
N VAL A 52 -17.35 -17.20 12.43
CA VAL A 52 -17.88 -18.39 11.79
C VAL A 52 -16.98 -18.81 10.63
N LYS A 53 -16.71 -17.88 9.71
CA LYS A 53 -15.93 -18.20 8.53
C LYS A 53 -14.89 -17.11 8.27
N GLU A 54 -13.74 -17.52 7.75
CA GLU A 54 -12.68 -16.62 7.32
C GLU A 54 -12.30 -17.00 5.90
N VAL A 55 -12.56 -16.11 4.95
CA VAL A 55 -12.32 -16.40 3.54
C VAL A 55 -11.68 -15.19 2.88
N GLY A 56 -10.66 -15.44 2.06
CA GLY A 56 -9.98 -14.41 1.31
C GLY A 56 -10.26 -14.55 -0.17
N MET A 57 -10.40 -13.42 -0.85
CA MET A 57 -10.74 -13.39 -2.26
C MET A 57 -9.58 -12.83 -3.08
N TYR A 58 -9.64 -13.07 -4.38
CA TYR A 58 -8.62 -12.60 -5.31
C TYR A 58 -8.96 -11.20 -5.82
N GLY A 59 -9.00 -10.26 -4.89
CA GLY A 59 -9.22 -8.88 -5.24
C GLY A 59 -9.39 -8.02 -4.02
N LYS A 60 -9.74 -6.76 -4.26
CA LYS A 60 -10.02 -5.80 -3.22
C LYS A 60 -11.52 -5.52 -3.22
N ILE A 61 -12.20 -5.88 -2.13
CA ILE A 61 -13.65 -5.70 -2.05
C ILE A 61 -13.95 -4.21 -2.07
N ALA A 62 -14.73 -3.78 -3.07
CA ALA A 62 -15.15 -2.38 -3.19
C ALA A 62 -16.64 -2.19 -2.95
N VAL A 63 -17.46 -3.17 -3.29
CA VAL A 63 -18.90 -3.11 -3.05
C VAL A 63 -19.31 -4.43 -2.40
N MET A 64 -20.09 -4.33 -1.33
CA MET A 64 -20.50 -5.52 -0.59
C MET A 64 -21.87 -5.24 0.02
N GLU A 65 -22.92 -5.81 -0.56
CA GLU A 65 -24.29 -5.57 -0.12
C GLU A 65 -25.04 -6.89 -0.06
N LEU A 66 -25.81 -7.07 1.02
CA LEU A 66 -26.66 -8.24 1.18
C LEU A 66 -28.04 -7.95 0.62
N PHE A 67 -28.56 -8.86 -0.20
CA PHE A 67 -29.90 -8.74 -0.73
C PHE A 67 -30.57 -10.09 -0.76
N ARG A 68 -31.90 -10.10 -0.60
CA ARG A 68 -32.68 -11.32 -0.64
C ARG A 68 -33.73 -11.24 -1.74
N PRO A 69 -33.46 -11.81 -2.91
CA PRO A 69 -34.48 -11.83 -3.96
C PRO A 69 -35.64 -12.74 -3.59
N LYS A 70 -36.78 -12.49 -4.23
CA LYS A 70 -37.96 -13.31 -4.00
C LYS A 70 -37.67 -14.76 -4.36
N GLY A 71 -38.09 -15.67 -3.49
CA GLY A 71 -37.81 -17.08 -3.68
C GLY A 71 -36.49 -17.55 -3.11
N GLU A 72 -35.90 -16.79 -2.20
CA GLU A 72 -34.63 -17.14 -1.57
C GLU A 72 -34.83 -17.16 -0.05
N SER A 73 -34.35 -18.21 0.59
CA SER A 73 -34.59 -18.38 2.03
C SER A 73 -33.71 -17.46 2.86
N LYS A 74 -32.47 -17.23 2.44
CA LYS A 74 -31.53 -16.40 3.17
C LYS A 74 -30.84 -15.44 2.21
N ASP A 75 -30.31 -14.36 2.76
CA ASP A 75 -29.75 -13.29 1.95
C ASP A 75 -28.56 -13.78 1.13
N LEU A 76 -28.39 -13.19 -0.05
CA LEU A 76 -27.21 -13.39 -0.87
C LEU A 76 -26.26 -12.21 -0.71
N LEU A 77 -25.05 -12.37 -1.25
CA LEU A 77 -24.01 -11.35 -1.11
C LEU A 77 -23.46 -11.02 -2.48
N PHE A 78 -23.50 -9.74 -2.84
CA PHE A 78 -22.88 -9.24 -4.06
C PHE A 78 -21.58 -8.56 -3.70
N ILE A 79 -20.51 -8.90 -4.44
CA ILE A 79 -19.19 -8.35 -4.18
C ILE A 79 -18.60 -7.86 -5.49
N LEU A 80 -18.11 -6.62 -5.50
CA LEU A 80 -17.41 -6.07 -6.64
C LEU A 80 -15.96 -5.80 -6.26
N THR A 81 -15.05 -6.31 -7.07
CA THR A 81 -13.61 -6.14 -6.85
C THR A 81 -13.14 -4.88 -7.57
N ALA A 82 -12.07 -4.27 -7.02
CA ALA A 82 -11.53 -3.05 -7.60
C ALA A 82 -11.04 -3.24 -9.02
N LYS A 83 -10.81 -4.49 -9.46
CA LYS A 83 -10.58 -4.80 -10.85
C LYS A 83 -11.88 -5.10 -11.60
N TYR A 84 -13.02 -4.70 -11.03
CA TYR A 84 -14.34 -4.84 -11.66
C TYR A 84 -14.73 -6.30 -11.82
N ASN A 85 -14.46 -7.11 -10.81
CA ASN A 85 -14.87 -8.52 -10.78
C ASN A 85 -16.14 -8.63 -9.94
N ALA A 86 -17.26 -8.83 -10.59
CA ALA A 86 -18.55 -8.95 -9.91
C ALA A 86 -18.88 -10.41 -9.65
N CYS A 87 -19.51 -10.67 -8.51
CA CYS A 87 -19.89 -12.03 -8.16
C CYS A 87 -21.03 -12.00 -7.14
N ILE A 88 -21.78 -13.09 -7.09
CA ILE A 88 -22.86 -13.28 -6.13
C ILE A 88 -22.58 -14.57 -5.37
N LEU A 89 -22.47 -14.47 -4.05
CA LEU A 89 -22.08 -15.59 -3.21
C LEU A 89 -23.23 -16.02 -2.31
N GLU A 90 -23.31 -17.32 -2.07
CA GLU A 90 -24.30 -17.90 -1.17
C GLU A 90 -23.60 -18.75 -0.14
N TYR A 91 -23.89 -18.49 1.13
CA TYR A 91 -23.33 -19.30 2.21
C TYR A 91 -23.94 -20.69 2.20
N LYS A 92 -23.11 -21.71 2.38
CA LYS A 92 -23.57 -23.09 2.32
C LYS A 92 -22.70 -23.95 3.23
N GLN A 93 -23.35 -24.71 4.11
CA GLN A 93 -22.66 -25.63 5.00
C GLN A 93 -23.39 -26.98 5.00
N SER A 94 -22.62 -28.05 5.07
CA SER A 94 -23.14 -29.42 5.07
C SER A 94 -22.58 -30.14 6.29
N GLY A 95 -23.25 -30.00 7.43
CA GLY A 95 -22.82 -30.67 8.64
C GLY A 95 -21.72 -29.94 9.37
N GLU A 96 -20.49 -30.03 8.87
CA GLU A 96 -19.36 -29.36 9.48
C GLU A 96 -18.55 -28.61 8.44
N SER A 97 -18.62 -29.04 7.18
CA SER A 97 -17.92 -28.36 6.11
C SER A 97 -18.68 -27.12 5.67
N ILE A 98 -17.93 -26.03 5.44
CA ILE A 98 -18.50 -24.75 5.05
C ILE A 98 -17.92 -24.35 3.71
N ASP A 99 -18.78 -23.97 2.77
CA ASP A 99 -18.34 -23.53 1.45
C ASP A 99 -19.18 -22.34 1.02
N ILE A 100 -18.52 -21.34 0.45
CA ILE A 100 -19.19 -20.14 -0.04
C ILE A 100 -19.28 -20.30 -1.56
N ILE A 101 -20.40 -20.83 -2.02
CA ILE A 101 -20.57 -21.07 -3.45
C ILE A 101 -20.79 -19.76 -4.19
N THR A 102 -20.49 -19.77 -5.48
CA THR A 102 -20.65 -18.60 -6.34
C THR A 102 -21.82 -18.86 -7.29
N ARG A 103 -22.92 -18.14 -7.07
CA ARG A 103 -24.10 -18.32 -7.92
C ARG A 103 -23.90 -17.69 -9.30
N ALA A 104 -23.31 -16.50 -9.35
CA ALA A 104 -23.07 -15.81 -10.60
C ALA A 104 -21.80 -14.99 -10.48
N HIS A 105 -21.10 -14.85 -11.59
CA HIS A 105 -19.84 -14.10 -11.59
C HIS A 105 -19.59 -13.54 -12.99
N GLY A 106 -18.72 -12.54 -13.05
CA GLY A 106 -18.41 -11.91 -14.31
C GLY A 106 -17.56 -10.68 -14.09
N ASN A 107 -17.12 -10.11 -15.20
CA ASN A 107 -16.32 -8.89 -15.22
C ASN A 107 -17.12 -7.79 -15.89
N VAL A 108 -17.24 -6.65 -15.24
CA VAL A 108 -18.13 -5.57 -15.69
C VAL A 108 -17.35 -4.36 -16.18
N GLN A 109 -16.04 -4.48 -16.38
CA GLN A 109 -15.27 -3.36 -16.89
C GLN A 109 -15.56 -3.13 -18.37
N ASP A 110 -15.33 -1.90 -18.80
CA ASP A 110 -15.55 -1.51 -20.18
C ASP A 110 -14.24 -1.48 -20.95
N ARG A 111 -14.36 -1.61 -22.27
CA ARG A 111 -13.17 -1.59 -23.12
C ARG A 111 -12.45 -0.25 -23.04
N ILE A 112 -13.20 0.85 -23.06
CA ILE A 112 -12.65 2.19 -22.94
C ILE A 112 -13.52 3.00 -21.99
N GLY A 113 -12.88 3.80 -21.15
CA GLY A 113 -13.61 4.63 -20.21
C GLY A 113 -12.74 5.20 -19.12
N ARG A 114 -12.99 6.46 -18.76
CA ARG A 114 -12.26 7.09 -17.67
C ARG A 114 -12.97 6.78 -16.35
N PRO A 115 -12.32 6.11 -15.41
CA PRO A 115 -12.97 5.84 -14.12
C PRO A 115 -13.38 7.13 -13.43
N SER A 116 -14.55 7.09 -12.79
CA SER A 116 -15.08 8.27 -12.15
C SER A 116 -14.21 8.70 -10.97
N GLU A 117 -14.19 10.01 -10.72
CA GLU A 117 -13.36 10.56 -9.66
C GLU A 117 -14.02 10.50 -8.29
N THR A 118 -15.30 10.18 -8.22
CA THR A 118 -15.98 9.98 -6.95
C THR A 118 -15.96 8.52 -6.51
N GLY A 119 -15.36 7.63 -7.31
CA GLY A 119 -15.20 6.25 -6.92
C GLY A 119 -16.30 5.35 -7.42
N ILE A 120 -16.26 4.12 -6.94
CA ILE A 120 -17.21 3.08 -7.33
C ILE A 120 -18.42 3.14 -6.41
N ILE A 121 -19.62 3.12 -6.99
CA ILE A 121 -20.86 3.15 -6.25
C ILE A 121 -21.66 1.91 -6.59
N GLY A 122 -22.05 1.15 -5.58
CA GLY A 122 -22.86 -0.04 -5.79
C GLY A 122 -24.12 -0.02 -4.97
N ILE A 123 -25.27 0.03 -5.64
CA ILE A 123 -26.57 0.10 -4.97
C ILE A 123 -27.47 -0.98 -5.53
N ILE A 124 -28.44 -1.41 -4.72
CA ILE A 124 -29.32 -2.51 -5.07
C ILE A 124 -30.77 -2.09 -4.86
N ASP A 125 -31.63 -2.49 -5.78
CA ASP A 125 -33.05 -2.21 -5.68
C ASP A 125 -33.62 -2.83 -4.39
N PRO A 126 -34.44 -2.09 -3.63
CA PRO A 126 -35.10 -2.73 -2.48
C PRO A 126 -35.96 -3.92 -2.85
N GLU A 127 -36.57 -3.93 -4.03
CA GLU A 127 -37.35 -5.06 -4.50
C GLU A 127 -36.48 -6.12 -5.18
N CYS A 128 -35.17 -5.92 -5.22
CA CYS A 128 -34.21 -6.87 -5.80
C CYS A 128 -34.53 -7.16 -7.27
N ARG A 129 -34.59 -6.08 -8.05
CA ARG A 129 -34.83 -6.17 -9.48
C ARG A 129 -33.58 -5.95 -10.31
N MET A 130 -32.62 -5.16 -9.83
CA MET A 130 -31.35 -4.97 -10.51
C MET A 130 -30.32 -4.44 -9.53
N ILE A 131 -29.09 -4.30 -10.01
CA ILE A 131 -28.00 -3.69 -9.27
C ILE A 131 -27.46 -2.53 -10.09
N GLY A 132 -27.40 -1.35 -9.49
CA GLY A 132 -26.90 -0.17 -10.15
C GLY A 132 -25.42 0.04 -9.82
N LEU A 133 -24.64 0.33 -10.83
CA LEU A 133 -23.21 0.54 -10.66
C LEU A 133 -22.78 1.79 -11.42
N ARG A 134 -22.07 2.68 -10.73
CA ARG A 134 -21.50 3.88 -11.34
C ARG A 134 -19.99 3.71 -11.34
N LEU A 135 -19.46 3.16 -12.44
CA LEU A 135 -18.02 2.93 -12.55
C LEU A 135 -17.29 4.00 -13.33
N TYR A 136 -17.94 4.65 -14.29
CA TYR A 136 -17.32 5.67 -15.12
C TYR A 136 -18.19 6.90 -15.18
N ASP A 137 -17.56 8.04 -15.45
CA ASP A 137 -18.28 9.30 -15.55
C ASP A 137 -19.23 9.28 -16.74
N GLY A 138 -20.45 9.77 -16.52
CA GLY A 138 -21.42 9.84 -17.60
C GLY A 138 -21.99 8.52 -18.03
N LEU A 139 -21.92 7.50 -17.19
CA LEU A 139 -22.50 6.20 -17.52
C LEU A 139 -23.01 5.55 -16.24
N PHE A 140 -24.19 4.96 -16.31
CA PHE A 140 -24.79 4.22 -15.21
C PHE A 140 -24.97 2.78 -15.65
N LYS A 141 -24.33 1.85 -14.94
CA LYS A 141 -24.33 0.45 -15.33
C LYS A 141 -25.40 -0.29 -14.55
N VAL A 142 -26.23 -1.05 -15.26
CA VAL A 142 -27.37 -1.75 -14.67
C VAL A 142 -27.19 -3.24 -14.89
N ILE A 143 -27.26 -4.01 -13.82
CA ILE A 143 -27.19 -5.47 -13.90
C ILE A 143 -28.57 -6.03 -13.60
N PRO A 144 -29.33 -6.46 -14.60
CA PRO A 144 -30.61 -7.12 -14.32
C PRO A 144 -30.39 -8.37 -13.48
N LEU A 145 -31.27 -8.57 -12.50
CA LEU A 145 -31.14 -9.67 -11.55
C LEU A 145 -32.20 -10.72 -11.91
N ASP A 146 -31.80 -11.68 -12.72
CA ASP A 146 -32.64 -12.80 -13.10
C ASP A 146 -31.90 -14.10 -12.85
N ARG A 147 -32.65 -15.19 -12.75
CA ARG A 147 -32.04 -16.50 -12.57
C ARG A 147 -31.20 -16.91 -13.77
N ASP A 148 -31.46 -16.34 -14.94
CA ASP A 148 -30.72 -16.66 -16.15
C ASP A 148 -29.46 -15.82 -16.33
N ASN A 149 -29.22 -14.84 -15.46
CA ASN A 149 -28.08 -13.94 -15.59
C ASN A 149 -26.93 -14.51 -14.75
N LYS A 150 -26.44 -15.67 -15.16
CA LYS A 150 -25.33 -16.32 -14.46
C LYS A 150 -23.99 -15.67 -14.73
N GLU A 151 -23.81 -15.02 -15.89
CA GLU A 151 -22.57 -14.35 -16.22
C GLU A 151 -22.56 -12.88 -15.78
N LEU A 152 -23.62 -12.42 -15.14
CA LEU A 152 -23.75 -11.02 -14.70
C LEU A 152 -23.53 -10.06 -15.87
N LYS A 153 -24.40 -10.19 -16.87
CA LYS A 153 -24.34 -9.32 -18.03
C LYS A 153 -25.02 -8.00 -17.69
N ALA A 154 -24.38 -6.89 -18.06
CA ALA A 154 -24.87 -5.57 -17.73
C ALA A 154 -24.94 -4.71 -18.99
N PHE A 155 -25.77 -3.68 -18.92
CA PHE A 155 -25.88 -2.70 -20.00
C PHE A 155 -25.71 -1.30 -19.42
N ASN A 156 -25.23 -0.39 -20.27
CA ASN A 156 -24.95 0.98 -19.87
C ASN A 156 -26.12 1.88 -20.22
N ILE A 157 -26.40 2.84 -19.34
CA ILE A 157 -27.40 3.87 -19.56
C ILE A 157 -26.70 5.22 -19.50
N ARG A 158 -26.91 6.04 -20.52
CA ARG A 158 -26.19 7.31 -20.61
C ARG A 158 -26.76 8.31 -19.62
N LEU A 159 -25.95 8.70 -18.65
CA LEU A 159 -26.32 9.73 -17.68
C LEU A 159 -25.87 11.08 -18.22
N GLU A 160 -26.85 11.95 -18.51
CA GLU A 160 -26.52 13.27 -19.05
C GLU A 160 -25.75 14.11 -18.05
N GLU A 161 -25.83 13.80 -16.77
CA GLU A 161 -25.09 14.52 -15.73
C GLU A 161 -23.75 13.80 -15.51
N LEU A 162 -22.66 14.50 -15.80
CA LEU A 162 -21.34 13.88 -15.72
C LEU A 162 -20.89 13.70 -14.27
N HIS A 163 -21.09 14.70 -13.42
CA HIS A 163 -20.63 14.67 -12.04
C HIS A 163 -21.79 14.26 -11.15
N VAL A 164 -21.74 13.03 -10.63
CA VAL A 164 -22.76 12.50 -9.73
C VAL A 164 -22.10 12.24 -8.39
N ILE A 165 -22.66 12.85 -7.34
CA ILE A 165 -22.05 12.76 -6.01
C ILE A 165 -22.44 11.46 -5.33
N ASP A 166 -23.73 11.25 -5.11
CA ASP A 166 -24.23 10.05 -4.45
C ASP A 166 -25.56 9.66 -5.05
N VAL A 167 -25.79 8.36 -5.20
CA VAL A 167 -27.01 7.83 -5.79
C VAL A 167 -27.49 6.66 -4.94
N LYS A 168 -28.81 6.56 -4.75
CA LYS A 168 -29.40 5.48 -3.98
C LYS A 168 -30.81 5.22 -4.48
N PHE A 169 -31.24 3.96 -4.38
CA PHE A 169 -32.58 3.58 -4.80
C PHE A 169 -33.60 3.98 -3.75
N LEU A 170 -34.77 4.39 -4.20
CA LEU A 170 -35.84 4.84 -3.32
C LEU A 170 -36.76 3.70 -2.93
N TYR A 171 -37.35 3.81 -1.75
CA TYR A 171 -38.29 2.82 -1.24
C TYR A 171 -39.72 3.21 -1.61
N GLY A 172 -40.57 2.21 -1.72
CA GLY A 172 -41.99 2.45 -1.97
C GLY A 172 -42.29 3.07 -3.31
N CYS A 173 -41.66 2.56 -4.37
CA CYS A 173 -41.85 3.06 -5.73
C CYS A 173 -42.38 1.94 -6.61
N GLN A 174 -43.32 2.29 -7.49
CA GLN A 174 -43.88 1.30 -8.40
C GLN A 174 -42.81 0.74 -9.33
N ALA A 175 -41.96 1.61 -9.85
CA ALA A 175 -40.85 1.20 -10.69
C ALA A 175 -39.53 1.56 -10.03
N PRO A 176 -38.45 0.83 -10.31
CA PRO A 176 -37.16 1.12 -9.68
C PRO A 176 -36.73 2.56 -9.95
N THR A 177 -36.49 3.29 -8.87
CA THR A 177 -36.24 4.73 -8.93
C THR A 177 -34.95 5.05 -8.21
N ILE A 178 -34.01 5.68 -8.89
CA ILE A 178 -32.81 6.20 -8.28
C ILE A 178 -33.01 7.70 -8.02
N CYS A 179 -32.36 8.20 -6.97
CA CYS A 179 -32.46 9.61 -6.61
C CYS A 179 -31.06 10.08 -6.24
N PHE A 180 -30.38 10.70 -7.20
CA PHE A 180 -28.99 11.09 -7.05
C PHE A 180 -28.87 12.60 -6.92
N VAL A 181 -27.80 13.03 -6.24
CA VAL A 181 -27.42 14.42 -6.17
C VAL A 181 -26.21 14.63 -7.08
N TYR A 182 -26.26 15.67 -7.91
CA TYR A 182 -25.25 15.89 -8.93
C TYR A 182 -24.80 17.35 -8.90
N GLN A 183 -23.78 17.64 -9.69
CA GLN A 183 -23.14 18.95 -9.73
C GLN A 183 -23.32 19.59 -11.10
N ASP A 184 -23.56 20.89 -11.10
CA ASP A 184 -23.64 21.72 -12.29
C ASP A 184 -22.83 22.98 -12.07
N PRO A 185 -22.52 23.71 -13.15
CA PRO A 185 -21.99 25.07 -12.96
C PRO A 185 -22.95 25.98 -12.23
N GLN A 186 -24.25 25.66 -12.22
CA GLN A 186 -25.25 26.41 -11.48
C GLN A 186 -25.36 25.98 -10.02
N GLY A 187 -24.65 24.94 -9.60
CA GLY A 187 -24.70 24.50 -8.22
C GLY A 187 -24.94 23.01 -8.07
N ARG A 188 -25.58 22.62 -6.96
CA ARG A 188 -25.92 21.23 -6.69
C ARG A 188 -27.43 21.05 -6.74
N HIS A 189 -27.86 19.96 -7.36
CA HIS A 189 -29.27 19.63 -7.47
C HIS A 189 -29.47 18.15 -7.16
N VAL A 190 -30.68 17.82 -6.71
CA VAL A 190 -31.08 16.44 -6.49
C VAL A 190 -32.06 16.07 -7.59
N LYS A 191 -31.80 14.96 -8.27
CA LYS A 191 -32.62 14.52 -9.38
C LYS A 191 -33.03 13.08 -9.15
N THR A 192 -34.12 12.68 -9.79
CA THR A 192 -34.64 11.33 -9.65
C THR A 192 -35.05 10.80 -11.01
N TYR A 193 -34.71 9.54 -11.28
CA TYR A 193 -35.03 8.90 -12.54
C TYR A 193 -35.75 7.58 -12.27
N GLU A 194 -36.50 7.14 -13.27
CA GLU A 194 -37.28 5.91 -13.20
C GLU A 194 -36.61 4.88 -14.10
N VAL A 195 -35.71 4.10 -13.52
CA VAL A 195 -34.90 3.18 -14.31
C VAL A 195 -35.80 2.12 -14.93
N SER A 196 -35.65 1.91 -16.23
CA SER A 196 -36.43 0.93 -16.96
C SER A 196 -35.51 -0.16 -17.49
N LEU A 197 -36.08 -1.37 -17.64
CA LEU A 197 -35.34 -2.53 -18.12
C LEU A 197 -35.73 -2.92 -19.54
N ARG A 198 -37.03 -2.93 -19.84
CA ARG A 198 -37.47 -3.27 -21.19
C ARG A 198 -36.98 -2.23 -22.20
N GLU A 199 -37.13 -0.94 -21.86
CA GLU A 199 -36.67 0.12 -22.75
C GLU A 199 -35.17 0.38 -22.63
N LYS A 200 -34.54 -0.11 -21.57
CA LYS A 200 -33.10 0.06 -21.34
C LYS A 200 -32.69 1.53 -21.21
N GLU A 201 -33.64 2.42 -20.90
CA GLU A 201 -33.34 3.83 -20.73
C GLU A 201 -34.06 4.35 -19.49
N PHE A 202 -33.73 5.58 -19.11
CA PHE A 202 -34.37 6.23 -17.99
C PHE A 202 -35.77 6.71 -18.36
N ASN A 203 -36.45 7.34 -17.40
CA ASN A 203 -37.79 7.85 -17.60
C ASN A 203 -37.96 9.10 -16.74
N LYS A 204 -39.20 9.51 -16.55
CA LYS A 204 -39.49 10.69 -15.73
C LYS A 204 -39.56 10.30 -14.27
N GLY A 205 -38.89 11.08 -13.41
CA GLY A 205 -38.83 10.78 -12.01
C GLY A 205 -40.14 11.04 -11.30
N PRO A 206 -40.29 10.49 -10.09
CA PRO A 206 -41.51 10.75 -9.32
C PRO A 206 -41.71 12.21 -8.97
N TRP A 207 -40.64 12.97 -8.76
CA TRP A 207 -40.76 14.38 -8.41
C TRP A 207 -39.68 15.17 -9.13
N LYS A 208 -39.83 16.50 -9.10
CA LYS A 208 -38.98 17.39 -9.86
C LYS A 208 -37.63 17.60 -9.18
N GLN A 209 -36.66 18.05 -9.97
CA GLN A 209 -35.35 18.37 -9.42
C GLN A 209 -35.43 19.57 -8.49
N GLU A 210 -34.77 19.47 -7.34
CA GLU A 210 -34.77 20.52 -6.34
C GLU A 210 -33.36 21.01 -6.10
N ASN A 211 -33.21 22.33 -5.99
CA ASN A 211 -31.92 22.90 -5.63
C ASN A 211 -31.61 22.58 -4.17
N VAL A 212 -30.41 22.08 -3.92
CA VAL A 212 -30.01 21.67 -2.57
C VAL A 212 -28.85 22.54 -2.11
N GLU A 213 -28.37 22.28 -0.88
CA GLU A 213 -27.25 23.02 -0.35
C GLU A 213 -26.03 22.84 -1.26
N ALA A 214 -25.19 23.88 -1.30
CA ALA A 214 -24.03 23.88 -2.19
C ALA A 214 -23.02 22.81 -1.83
N GLU A 215 -23.13 22.19 -0.65
CA GLU A 215 -22.19 21.15 -0.24
C GLU A 215 -22.90 19.87 0.17
N ALA A 216 -24.11 19.64 -0.31
CA ALA A 216 -24.81 18.39 -0.04
C ALA A 216 -24.05 17.24 -0.68
N SER A 217 -23.76 16.20 0.11
CA SER A 217 -22.87 15.14 -0.33
C SER A 217 -23.54 13.77 -0.37
N MET A 218 -24.24 13.38 0.68
CA MET A 218 -24.71 12.01 0.82
C MET A 218 -26.23 11.94 0.78
N VAL A 219 -26.73 10.80 0.32
CA VAL A 219 -28.15 10.54 0.17
C VAL A 219 -28.49 9.27 0.96
N ILE A 220 -29.58 9.30 1.71
CA ILE A 220 -30.11 8.09 2.35
C ILE A 220 -31.58 7.98 2.00
N ALA A 221 -32.04 6.75 1.76
CA ALA A 221 -33.42 6.48 1.41
C ALA A 221 -34.18 6.02 2.64
N VAL A 222 -35.35 6.63 2.86
CA VAL A 222 -36.16 6.37 4.04
C VAL A 222 -37.22 5.33 3.67
N PRO A 223 -37.26 4.18 4.34
CA PRO A 223 -38.25 3.16 3.99
C PRO A 223 -39.66 3.61 4.33
N GLU A 224 -40.62 2.77 3.96
CA GLU A 224 -42.02 3.03 4.22
C GLU A 224 -42.27 3.02 5.73
N PRO A 225 -43.30 3.75 6.21
CA PRO A 225 -44.30 4.49 5.45
C PRO A 225 -43.90 5.91 5.06
N PHE A 226 -42.69 6.33 5.45
CA PHE A 226 -42.25 7.69 5.14
C PHE A 226 -42.04 7.87 3.64
N GLY A 227 -41.10 7.12 3.06
CA GLY A 227 -40.73 7.32 1.68
C GLY A 227 -39.83 8.52 1.51
N GLY A 228 -39.43 8.76 0.28
CA GLY A 228 -38.57 9.89 -0.02
C GLY A 228 -37.12 9.60 0.31
N ALA A 229 -36.33 10.67 0.39
CA ALA A 229 -34.91 10.55 0.65
C ALA A 229 -34.44 11.74 1.47
N ILE A 230 -33.48 11.49 2.37
CA ILE A 230 -32.86 12.55 3.15
C ILE A 230 -31.51 12.88 2.54
N ILE A 231 -31.30 14.15 2.24
CA ILE A 231 -30.04 14.64 1.68
C ILE A 231 -29.28 15.30 2.82
N ILE A 232 -28.13 14.73 3.18
CA ILE A 232 -27.32 15.23 4.27
C ILE A 232 -26.14 15.97 3.70
N GLY A 233 -26.01 17.25 4.03
CA GLY A 233 -24.92 18.07 3.59
C GLY A 233 -23.92 18.36 4.69
N GLN A 234 -23.22 19.48 4.57
CA GLN A 234 -22.29 19.92 5.59
C GLN A 234 -22.91 20.91 6.57
N GLU A 235 -24.08 21.47 6.26
CA GLU A 235 -24.69 22.48 7.11
C GLU A 235 -26.13 22.13 7.45
N SER A 236 -26.83 21.46 6.54
CA SER A 236 -28.26 21.22 6.72
C SER A 236 -28.62 19.81 6.26
N ILE A 237 -29.46 19.14 7.03
CA ILE A 237 -30.02 17.83 6.68
C ILE A 237 -31.47 18.05 6.29
N THR A 238 -31.79 17.81 5.02
CA THR A 238 -33.10 18.08 4.48
C THR A 238 -33.80 16.78 4.10
N TYR A 239 -35.13 16.80 4.14
CA TYR A 239 -35.95 15.66 3.77
C TYR A 239 -36.83 16.05 2.59
N HIS A 240 -36.68 15.34 1.48
CA HIS A 240 -37.41 15.62 0.25
C HIS A 240 -38.36 14.48 -0.06
N ASN A 241 -39.59 14.82 -0.43
CA ASN A 241 -40.55 13.82 -0.89
C ASN A 241 -41.37 14.33 -2.08
N GLY A 242 -40.97 15.42 -2.72
CA GLY A 242 -41.77 15.99 -3.78
C GLY A 242 -42.70 17.06 -3.23
N ASP A 243 -43.96 16.69 -2.99
CA ASP A 243 -44.88 17.61 -2.34
C ASP A 243 -44.43 17.95 -0.94
N LYS A 244 -43.94 16.95 -0.20
CA LYS A 244 -43.43 17.18 1.15
C LYS A 244 -41.98 17.65 1.10
N TYR A 245 -41.62 18.55 2.00
CA TYR A 245 -40.26 19.06 2.07
C TYR A 245 -40.02 19.67 3.45
N LEU A 246 -39.02 19.17 4.16
CA LEU A 246 -38.61 19.71 5.44
C LEU A 246 -37.10 19.84 5.46
N ALA A 247 -36.60 20.75 6.29
CA ALA A 247 -35.17 21.04 6.30
C ALA A 247 -34.81 21.73 7.61
N ILE A 248 -33.81 21.21 8.30
CA ILE A 248 -33.28 21.83 9.51
C ILE A 248 -31.77 21.98 9.34
N ALA A 249 -31.21 22.89 10.13
CA ALA A 249 -29.77 23.17 10.13
C ALA A 249 -29.26 23.08 11.57
N PRO A 250 -29.14 21.87 12.10
CA PRO A 250 -28.70 21.73 13.49
C PRO A 250 -27.29 22.23 13.65
N PRO A 251 -26.96 22.84 14.80
CA PRO A 251 -25.63 23.40 14.99
C PRO A 251 -24.60 22.42 15.52
N ILE A 252 -25.00 21.19 15.86
CA ILE A 252 -24.03 20.20 16.36
C ILE A 252 -23.30 19.50 15.23
N ILE A 253 -23.82 19.54 14.00
CA ILE A 253 -23.20 18.86 12.87
C ILE A 253 -22.35 19.81 12.04
N LYS A 254 -22.12 21.03 12.51
CA LYS A 254 -21.32 22.00 11.78
C LYS A 254 -19.83 21.91 12.09
N GLN A 255 -19.45 21.14 13.11
CA GLN A 255 -18.03 21.00 13.44
C GLN A 255 -17.30 20.17 12.40
N SER A 256 -17.88 19.03 12.01
CA SER A 256 -17.29 18.16 11.00
C SER A 256 -18.41 17.57 10.15
N THR A 257 -18.04 17.18 8.93
CA THR A 257 -19.00 16.69 7.95
C THR A 257 -19.30 15.21 8.16
N ILE A 258 -20.58 14.85 8.02
CA ILE A 258 -21.00 13.45 8.12
C ILE A 258 -20.58 12.71 6.87
N VAL A 259 -19.96 11.54 7.04
CA VAL A 259 -19.47 10.75 5.93
C VAL A 259 -20.12 9.37 5.84
N CYS A 260 -20.79 8.91 6.88
CA CYS A 260 -21.33 7.56 6.91
C CYS A 260 -22.61 7.53 7.75
N HIS A 261 -23.43 6.51 7.51
CA HIS A 261 -24.75 6.43 8.11
C HIS A 261 -25.17 4.97 8.23
N ASN A 262 -26.21 4.73 9.02
CA ASN A 262 -26.73 3.39 9.20
C ASN A 262 -28.14 3.47 9.77
N ARG A 263 -29.03 2.61 9.29
CA ARG A 263 -30.41 2.57 9.74
C ARG A 263 -30.56 1.60 10.90
N VAL A 264 -31.12 2.08 12.01
CA VAL A 264 -31.30 1.24 13.19
C VAL A 264 -32.67 0.56 13.23
N ASP A 265 -33.70 1.15 12.63
CA ASP A 265 -35.03 0.59 12.68
C ASP A 265 -35.49 0.16 11.29
N PRO A 266 -36.16 -0.98 11.18
CA PRO A 266 -36.63 -1.43 9.86
C PRO A 266 -37.62 -0.49 9.21
N ASN A 267 -38.32 0.34 9.99
CA ASN A 267 -39.21 1.35 9.43
C ASN A 267 -38.54 2.71 9.31
N GLY A 268 -37.25 2.80 9.58
CA GLY A 268 -36.50 4.02 9.35
C GLY A 268 -36.93 5.19 10.20
N SER A 269 -37.34 4.94 11.44
CA SER A 269 -37.71 6.03 12.33
C SER A 269 -36.51 6.71 12.97
N ARG A 270 -35.39 6.01 13.11
CA ARG A 270 -34.18 6.57 13.69
C ARG A 270 -33.00 6.18 12.83
N TYR A 271 -31.95 6.99 12.87
CA TYR A 271 -30.76 6.77 12.05
C TYR A 271 -29.51 7.08 12.88
N LEU A 272 -28.39 6.51 12.45
CA LEU A 272 -27.09 6.77 13.04
C LEU A 272 -26.23 7.55 12.05
N LEU A 273 -25.46 8.51 12.56
CA LEU A 273 -24.57 9.31 11.74
C LEU A 273 -23.20 9.38 12.38
N GLY A 274 -22.16 9.36 11.57
CA GLY A 274 -20.81 9.50 12.06
C GLY A 274 -20.01 10.40 11.13
N ASP A 275 -19.10 11.16 11.72
CA ASP A 275 -18.35 12.15 10.95
C ASP A 275 -16.87 11.83 10.97
N MET A 276 -16.07 12.77 10.45
CA MET A 276 -14.65 12.52 10.21
C MET A 276 -13.87 12.44 11.53
N GLU A 277 -14.17 13.31 12.48
CA GLU A 277 -13.40 13.33 13.72
C GLU A 277 -13.91 12.33 14.75
N GLY A 278 -14.91 11.54 14.42
CA GLY A 278 -15.26 10.40 15.24
C GLY A 278 -16.20 10.68 16.39
N ARG A 279 -17.37 11.23 16.10
CA ARG A 279 -18.46 11.29 17.08
C ARG A 279 -19.73 10.79 16.42
N LEU A 280 -20.66 10.33 17.26
CA LEU A 280 -21.83 9.61 16.81
C LEU A 280 -23.09 10.43 17.08
N PHE A 281 -23.92 10.58 16.06
CA PHE A 281 -25.19 11.30 16.15
C PHE A 281 -26.36 10.33 16.12
N MET A 282 -27.56 10.89 16.13
CA MET A 282 -28.78 10.08 16.06
C MET A 282 -29.86 10.96 15.44
N LEU A 283 -30.13 10.76 14.15
CA LEU A 283 -31.18 11.49 13.46
C LEU A 283 -32.52 10.81 13.72
N LEU A 284 -33.46 11.54 14.33
CA LEU A 284 -34.74 11.00 14.72
C LEU A 284 -35.85 11.60 13.86
N LEU A 285 -36.80 10.76 13.46
CA LEU A 285 -37.93 11.16 12.65
C LEU A 285 -39.22 10.97 13.44
N GLU A 286 -40.10 11.96 13.37
CA GLU A 286 -41.39 11.93 14.06
C GLU A 286 -42.49 11.65 13.05
N LYS A 287 -43.23 10.56 13.27
CA LYS A 287 -44.31 10.13 12.38
C LYS A 287 -45.68 10.53 12.93
N GLU A 288 -45.78 11.70 13.55
CA GLU A 288 -47.02 12.10 14.19
C GLU A 288 -48.16 12.24 13.21
N GLU A 289 -47.91 12.82 12.03
CA GLU A 289 -48.96 13.12 11.08
C GLU A 289 -49.59 11.83 10.55
N GLN A 290 -50.92 11.77 10.59
CA GLN A 290 -51.67 10.63 10.06
C GLN A 290 -53.01 11.17 9.58
N MET A 291 -53.18 11.28 8.26
CA MET A 291 -54.38 11.91 7.71
C MET A 291 -55.53 10.92 7.62
N ASP A 292 -55.39 9.87 6.80
CA ASP A 292 -56.45 8.88 6.60
C ASP A 292 -55.85 7.49 6.57
N GLY A 293 -54.93 7.20 7.48
CA GLY A 293 -54.26 5.91 7.50
C GLY A 293 -52.79 6.02 7.15
N THR A 294 -52.48 6.86 6.17
CA THR A 294 -51.09 7.09 5.81
C THR A 294 -50.39 7.96 6.85
N VAL A 295 -49.09 7.74 7.00
CA VAL A 295 -48.28 8.45 7.98
C VAL A 295 -47.19 9.21 7.25
N THR A 296 -47.00 10.48 7.61
CA THR A 296 -45.97 11.33 7.02
C THR A 296 -45.11 11.93 8.12
N LEU A 297 -43.89 12.30 7.76
CA LEU A 297 -42.93 12.81 8.72
C LEU A 297 -43.29 14.22 9.15
N LYS A 298 -42.99 14.54 10.40
CA LYS A 298 -43.31 15.85 10.98
C LYS A 298 -42.08 16.62 11.46
N ASP A 299 -41.15 15.97 12.14
CA ASP A 299 -39.97 16.63 12.68
C ASP A 299 -38.72 15.80 12.36
N LEU A 300 -37.57 16.45 12.50
CA LEU A 300 -36.26 15.87 12.15
C LEU A 300 -35.25 16.14 13.25
N ARG A 301 -35.61 15.88 14.51
CA ARG A 301 -34.71 16.16 15.61
C ARG A 301 -33.40 15.40 15.47
N VAL A 302 -32.30 16.05 15.85
CA VAL A 302 -30.96 15.48 15.77
C VAL A 302 -30.34 15.54 17.17
N GLU A 303 -29.76 14.43 17.60
CA GLU A 303 -29.14 14.31 18.91
C GLU A 303 -27.72 13.78 18.77
N LEU A 304 -26.91 14.05 19.79
CA LEU A 304 -25.53 13.59 19.83
C LEU A 304 -25.41 12.46 20.85
N LEU A 305 -24.79 11.35 20.43
CA LEU A 305 -24.68 10.18 21.29
C LEU A 305 -23.41 10.19 22.13
N GLY A 306 -22.25 10.40 21.50
CA GLY A 306 -21.01 10.41 22.24
C GLY A 306 -19.80 10.53 21.33
N GLU A 307 -18.78 9.71 21.59
CA GLU A 307 -17.57 9.70 20.78
C GLU A 307 -17.11 8.26 20.59
N THR A 308 -16.72 7.94 19.36
CA THR A 308 -16.24 6.60 19.02
C THR A 308 -14.91 6.69 18.29
N SER A 309 -14.44 5.58 17.73
CA SER A 309 -13.29 5.62 16.86
C SER A 309 -13.64 6.37 15.58
N ILE A 310 -12.62 6.69 14.78
CA ILE A 310 -12.86 7.35 13.51
C ILE A 310 -13.53 6.34 12.60
N ALA A 311 -14.83 6.50 12.41
CA ALA A 311 -15.66 5.45 11.82
C ALA A 311 -15.54 5.48 10.30
N GLU A 312 -15.03 4.40 9.72
CA GLU A 312 -15.14 4.21 8.28
C GLU A 312 -16.55 3.78 7.90
N CYS A 313 -17.16 2.93 8.73
CA CYS A 313 -18.49 2.41 8.47
C CYS A 313 -19.15 2.02 9.78
N LEU A 314 -20.45 2.31 9.89
CA LEU A 314 -21.29 1.89 10.99
C LEU A 314 -22.17 0.72 10.60
N THR A 315 -22.67 0.04 11.63
CA THR A 315 -23.71 -0.97 11.47
C THR A 315 -24.30 -1.23 12.85
N TYR A 316 -25.63 -1.18 12.95
CA TYR A 316 -26.32 -1.36 14.21
C TYR A 316 -26.67 -2.83 14.38
N LEU A 317 -25.99 -3.50 15.30
CA LEU A 317 -26.35 -4.85 15.67
C LEU A 317 -27.59 -4.81 16.57
N ASP A 318 -28.18 -5.98 16.78
CA ASP A 318 -29.40 -6.06 17.58
C ASP A 318 -29.12 -5.71 19.04
N ASN A 319 -30.16 -5.20 19.71
CA ASN A 319 -30.15 -4.99 21.16
C ASN A 319 -29.14 -3.92 21.59
N GLY A 320 -29.21 -2.76 20.94
CA GLY A 320 -28.46 -1.61 21.38
C GLY A 320 -26.96 -1.66 21.13
N VAL A 321 -26.46 -2.71 20.51
CA VAL A 321 -25.03 -2.84 20.23
C VAL A 321 -24.76 -2.36 18.81
N VAL A 322 -23.75 -1.52 18.65
CA VAL A 322 -23.39 -0.94 17.36
C VAL A 322 -21.94 -1.28 17.08
N PHE A 323 -21.67 -1.80 15.87
CA PHE A 323 -20.32 -2.06 15.43
C PHE A 323 -19.80 -0.85 14.66
N VAL A 324 -18.79 -0.19 15.22
CA VAL A 324 -18.20 0.99 14.61
C VAL A 324 -16.91 0.54 13.94
N GLY A 325 -16.99 0.24 12.65
CA GLY A 325 -15.82 -0.16 11.88
C GLY A 325 -14.94 1.04 11.57
N SER A 326 -13.64 0.80 11.56
CA SER A 326 -12.67 1.86 11.32
C SER A 326 -11.63 1.40 10.31
N ARG A 327 -11.06 2.36 9.59
CA ARG A 327 -10.03 2.07 8.60
C ARG A 327 -8.71 2.75 8.91
N LEU A 328 -8.66 3.63 9.91
CA LEU A 328 -7.42 4.25 10.37
C LEU A 328 -7.35 4.24 11.88
N GLY A 329 -7.93 3.22 12.50
CA GLY A 329 -7.93 3.07 13.94
C GLY A 329 -8.58 1.76 14.32
N ASP A 330 -8.64 1.51 15.62
CA ASP A 330 -9.16 0.24 16.11
C ASP A 330 -10.68 0.17 15.90
N SER A 331 -11.14 -0.95 15.37
CA SER A 331 -12.58 -1.19 15.29
C SER A 331 -13.15 -1.37 16.69
N GLN A 332 -14.47 -1.24 16.81
CA GLN A 332 -15.09 -1.19 18.12
C GLN A 332 -16.47 -1.83 18.08
N LEU A 333 -16.93 -2.21 19.28
CA LEU A 333 -18.34 -2.49 19.54
C LEU A 333 -18.78 -1.54 20.64
N VAL A 334 -19.85 -0.78 20.40
CA VAL A 334 -20.32 0.19 21.36
C VAL A 334 -21.74 -0.16 21.77
N LYS A 335 -22.16 0.40 22.90
CA LYS A 335 -23.47 0.14 23.47
C LYS A 335 -24.25 1.45 23.54
N LEU A 336 -25.45 1.46 22.96
CA LEU A 336 -26.31 2.64 23.00
C LEU A 336 -27.31 2.54 24.14
N ASN A 337 -26.78 2.45 25.36
CA ASN A 337 -27.62 2.51 26.55
C ASN A 337 -28.26 3.89 26.68
N VAL A 338 -29.52 3.91 27.13
CA VAL A 338 -30.33 5.12 27.05
C VAL A 338 -30.40 5.85 28.38
N ASP A 339 -30.39 5.10 29.49
CA ASP A 339 -30.59 5.69 30.81
C ASP A 339 -29.30 5.90 31.59
N SER A 340 -28.15 5.59 31.00
CA SER A 340 -26.90 5.69 31.77
C SER A 340 -26.38 7.12 31.80
N ASN A 341 -25.99 7.66 30.65
CA ASN A 341 -25.50 9.02 30.51
C ASN A 341 -24.43 9.35 31.56
N GLU A 342 -23.29 8.67 31.46
CA GLU A 342 -22.26 8.80 32.46
C GLU A 342 -21.74 10.25 32.54
N GLN A 343 -21.51 10.88 31.38
CA GLN A 343 -21.10 12.27 31.36
C GLN A 343 -21.74 13.05 30.22
N GLY A 344 -22.72 12.48 29.54
CA GLY A 344 -23.29 13.09 28.35
C GLY A 344 -23.00 12.22 27.13
N SER A 345 -22.44 11.04 27.36
CA SER A 345 -22.09 10.10 26.31
C SER A 345 -22.99 8.88 26.44
N TYR A 346 -23.73 8.58 25.37
CA TYR A 346 -24.62 7.43 25.34
C TYR A 346 -23.92 6.14 24.94
N VAL A 347 -22.64 6.19 24.60
CA VAL A 347 -21.92 5.04 24.05
C VAL A 347 -20.98 4.50 25.13
N VAL A 348 -20.99 3.19 25.31
CA VAL A 348 -20.05 2.49 26.17
C VAL A 348 -19.40 1.39 25.34
N ALA A 349 -18.08 1.38 25.29
CA ALA A 349 -17.35 0.45 24.45
C ALA A 349 -17.38 -0.95 25.04
N MET A 350 -17.77 -1.93 24.22
CA MET A 350 -17.81 -3.33 24.66
C MET A 350 -16.52 -4.06 24.29
N GLU A 351 -16.19 -4.09 23.01
CA GLU A 351 -15.00 -4.76 22.50
C GLU A 351 -14.12 -3.75 21.77
N THR A 352 -12.96 -4.22 21.32
CA THR A 352 -12.04 -3.41 20.52
C THR A 352 -11.14 -4.34 19.75
N PHE A 353 -11.21 -4.26 18.42
CA PHE A 353 -10.51 -5.18 17.54
C PHE A 353 -9.23 -4.52 17.02
N THR A 354 -8.14 -5.27 17.06
CA THR A 354 -6.83 -4.74 16.70
C THR A 354 -6.80 -4.32 15.23
N ASN A 355 -6.24 -3.15 14.97
CA ASN A 355 -6.12 -2.61 13.62
C ASN A 355 -4.75 -1.94 13.51
N LEU A 356 -3.89 -2.48 12.65
CA LEU A 356 -2.52 -2.01 12.51
C LEU A 356 -2.35 -0.92 11.46
N GLY A 357 -3.39 -0.61 10.70
CA GLY A 357 -3.27 0.34 9.62
C GLY A 357 -3.67 1.74 10.01
N PRO A 358 -3.10 2.75 9.32
CA PRO A 358 -2.04 2.55 8.32
C PRO A 358 -0.66 2.46 8.94
N ILE A 359 0.26 1.74 8.29
CA ILE A 359 1.65 1.72 8.71
C ILE A 359 2.41 2.75 7.89
N VAL A 360 3.07 3.67 8.57
CA VAL A 360 3.79 4.76 7.93
C VAL A 360 5.30 4.51 7.91
N ASP A 361 5.82 3.91 8.98
CA ASP A 361 7.23 3.55 9.03
C ASP A 361 7.39 2.48 10.09
N MET A 362 8.48 1.71 9.97
CA MET A 362 8.70 0.60 10.87
C MET A 362 10.19 0.32 10.99
N CYS A 363 10.56 -0.35 12.07
CA CYS A 363 11.93 -0.76 12.31
C CYS A 363 11.94 -2.14 12.94
N VAL A 364 12.85 -3.00 12.50
CA VAL A 364 13.00 -4.34 13.05
C VAL A 364 14.08 -4.28 14.13
N VAL A 365 13.71 -4.63 15.36
CA VAL A 365 14.59 -4.52 16.51
C VAL A 365 14.60 -5.85 17.25
N ASP A 366 15.71 -6.15 17.92
CA ASP A 366 15.81 -7.29 18.82
C ASP A 366 15.66 -6.79 20.26
N LEU A 367 14.40 -6.58 20.64
CA LEU A 367 14.11 -5.94 21.92
C LEU A 367 14.35 -6.89 23.09
N GLU A 368 13.89 -8.13 22.97
CA GLU A 368 13.90 -9.06 24.09
C GLU A 368 14.90 -10.19 23.92
N ARG A 369 14.82 -10.94 22.83
CA ARG A 369 15.69 -12.08 22.59
C ARG A 369 16.67 -11.76 21.47
N GLN A 370 17.96 -11.93 21.75
CA GLN A 370 18.97 -11.69 20.73
C GLN A 370 18.80 -12.65 19.57
N GLY A 371 18.99 -12.15 18.37
CA GLY A 371 18.81 -12.95 17.16
C GLY A 371 17.44 -12.86 16.54
N GLN A 372 16.40 -12.98 17.35
CA GLN A 372 15.03 -12.89 16.86
C GLN A 372 14.55 -11.45 16.97
N GLY A 373 14.21 -10.85 15.83
CA GLY A 373 13.81 -9.46 15.80
C GLY A 373 12.33 -9.25 16.07
N GLN A 374 12.01 -8.00 16.37
CA GLN A 374 10.63 -7.57 16.61
C GLN A 374 10.33 -6.38 15.72
N LEU A 375 9.05 -6.19 15.43
CA LEU A 375 8.58 -5.13 14.55
C LEU A 375 7.83 -4.09 15.35
N VAL A 376 8.25 -2.84 15.24
CA VAL A 376 7.58 -1.72 15.89
C VAL A 376 7.16 -0.75 14.79
N THR A 377 5.85 -0.60 14.60
CA THR A 377 5.30 0.16 13.49
C THR A 377 4.74 1.49 13.97
N CYS A 378 4.46 2.36 13.00
CA CYS A 378 3.83 3.65 13.23
C CYS A 378 2.41 3.57 12.67
N SER A 379 1.45 3.26 13.53
CA SER A 379 0.10 2.91 13.11
C SER A 379 -0.90 3.97 13.56
N GLY A 380 -1.91 4.18 12.72
CA GLY A 380 -3.01 5.07 13.05
C GLY A 380 -2.77 6.51 12.63
N ALA A 381 -3.83 7.31 12.75
CA ALA A 381 -3.77 8.72 12.44
C ALA A 381 -4.74 9.47 13.34
N PHE A 382 -4.42 10.73 13.61
CA PHE A 382 -5.23 11.64 14.45
C PHE A 382 -5.26 11.06 15.87
N LYS A 383 -6.42 11.03 16.53
CA LYS A 383 -6.49 10.51 17.88
C LYS A 383 -6.28 9.00 17.94
N GLU A 384 -6.28 8.31 16.82
CA GLU A 384 -6.10 6.87 16.78
C GLU A 384 -4.64 6.46 16.58
N GLY A 385 -3.72 7.43 16.53
CA GLY A 385 -2.32 7.09 16.35
C GLY A 385 -1.74 6.38 17.55
N SER A 386 -0.78 5.50 17.29
CA SER A 386 -0.19 4.66 18.32
C SER A 386 1.05 3.99 17.74
N LEU A 387 1.64 3.09 18.51
CA LEU A 387 2.69 2.19 18.05
C LEU A 387 2.25 0.76 18.33
N ARG A 388 2.60 -0.14 17.42
CA ARG A 388 2.29 -1.55 17.57
C ARG A 388 3.58 -2.35 17.52
N ILE A 389 3.82 -3.18 18.55
CA ILE A 389 4.99 -4.02 18.63
C ILE A 389 4.57 -5.45 18.34
N ILE A 390 5.21 -6.06 17.35
CA ILE A 390 4.82 -7.37 16.84
C ILE A 390 5.96 -8.35 17.07
N ARG A 391 5.67 -9.47 17.72
CA ARG A 391 6.64 -10.54 17.88
C ARG A 391 5.96 -11.87 17.58
N ASN A 392 6.74 -12.81 17.07
CA ASN A 392 6.22 -14.13 16.71
C ASN A 392 6.31 -15.08 17.89
N GLY A 393 5.31 -15.95 18.00
CA GLY A 393 5.34 -17.00 19.00
C GLY A 393 5.05 -16.50 20.39
N ILE A 394 5.11 -17.45 21.34
CA ILE A 394 4.88 -17.18 22.74
C ILE A 394 6.21 -17.32 23.45
N GLY A 395 6.72 -16.21 23.99
CA GLY A 395 8.00 -16.25 24.68
C GLY A 395 7.89 -16.80 26.08
N ILE A 396 9.05 -17.17 26.63
CA ILE A 396 9.14 -17.73 27.97
C ILE A 396 9.95 -16.77 28.82
N HIS A 397 9.35 -16.28 29.91
CA HIS A 397 10.01 -15.34 30.82
C HIS A 397 10.67 -16.16 31.94
N GLU A 398 11.96 -16.41 31.79
CA GLU A 398 12.68 -17.23 32.76
C GLU A 398 12.76 -16.52 34.10
N HIS A 399 12.54 -17.28 35.18
CA HIS A 399 12.62 -16.76 36.53
C HIS A 399 13.62 -17.52 37.40
N ALA A 400 14.27 -18.56 36.87
CA ALA A 400 15.26 -19.32 37.62
C ALA A 400 16.15 -20.04 36.63
N SER A 401 17.31 -20.48 37.12
CA SER A 401 18.28 -21.19 36.29
C SER A 401 19.04 -22.18 37.15
N ILE A 402 19.03 -23.46 36.76
CA ILE A 402 19.74 -24.51 37.46
C ILE A 402 20.57 -25.30 36.45
N ASP A 403 21.61 -25.95 36.94
CA ASP A 403 22.51 -26.73 36.09
C ASP A 403 22.13 -28.20 36.17
N LEU A 404 21.56 -28.73 35.10
CA LEU A 404 21.20 -30.14 35.00
C LEU A 404 21.97 -30.79 33.88
N PRO A 405 22.98 -31.61 34.15
CA PRO A 405 23.78 -32.18 33.06
C PRO A 405 23.04 -33.26 32.30
N GLY A 406 22.04 -32.85 31.51
CA GLY A 406 21.28 -33.80 30.72
C GLY A 406 20.32 -34.63 31.54
N ILE A 407 19.34 -33.96 32.17
CA ILE A 407 18.32 -34.68 32.93
C ILE A 407 17.42 -35.43 31.97
N LYS A 408 17.16 -36.70 32.27
CA LYS A 408 16.38 -37.57 31.41
C LYS A 408 14.89 -37.45 31.63
N GLY A 409 14.44 -36.64 32.58
CA GLY A 409 13.02 -36.46 32.81
C GLY A 409 12.70 -35.73 34.10
N LEU A 410 11.69 -34.87 34.06
CA LEU A 410 11.25 -34.12 35.22
C LEU A 410 9.77 -34.34 35.43
N TRP A 411 9.38 -34.66 36.66
CA TRP A 411 7.99 -34.89 37.01
C TRP A 411 7.62 -34.09 38.26
N PRO A 412 6.40 -33.61 38.33
CA PRO A 412 5.98 -32.84 39.51
C PRO A 412 5.83 -33.72 40.73
N LEU A 413 5.97 -33.10 41.90
CA LEU A 413 5.81 -33.80 43.17
C LEU A 413 5.42 -32.80 44.24
N ARG A 414 4.62 -33.26 45.21
CA ARG A 414 4.18 -32.44 46.34
C ARG A 414 4.37 -33.27 47.61
N SER A 415 5.48 -33.04 48.30
CA SER A 415 5.75 -33.74 49.55
C SER A 415 5.13 -33.02 50.75
N ASP A 416 3.85 -32.67 50.61
CA ASP A 416 3.09 -32.01 51.66
C ASP A 416 1.59 -32.20 51.39
N PRO A 417 0.96 -33.22 51.97
CA PRO A 417 -0.48 -33.40 51.73
C PRO A 417 -1.27 -32.20 52.22
N ASN A 418 -2.30 -31.85 51.45
CA ASN A 418 -3.16 -30.70 51.73
C ASN A 418 -2.34 -29.42 51.89
N ARG A 419 -1.65 -29.06 50.80
CA ARG A 419 -0.83 -27.85 50.79
C ARG A 419 -1.14 -26.99 49.57
N GLU A 420 -1.64 -27.62 48.50
CA GLU A 420 -2.02 -26.93 47.27
C GLU A 420 -0.84 -26.16 46.66
N THR A 421 0.37 -26.68 46.81
CA THR A 421 1.56 -26.03 46.28
C THR A 421 2.67 -27.06 46.16
N ASP A 422 3.17 -27.26 44.94
CA ASP A 422 4.26 -28.19 44.71
C ASP A 422 5.53 -27.70 45.40
N ASP A 423 6.26 -28.64 45.99
CA ASP A 423 7.46 -28.31 46.75
C ASP A 423 8.74 -28.88 46.15
N THR A 424 8.68 -30.05 45.53
CA THR A 424 9.86 -30.69 44.98
C THR A 424 9.59 -31.15 43.55
N LEU A 425 10.61 -31.03 42.70
CA LEU A 425 10.53 -31.47 41.32
C LEU A 425 11.29 -32.79 41.20
N VAL A 426 10.59 -33.83 40.78
CA VAL A 426 11.20 -35.17 40.68
C VAL A 426 11.96 -35.27 39.36
N LEU A 427 13.23 -34.91 39.39
CA LEU A 427 14.07 -34.99 38.20
C LEU A 427 14.72 -36.37 38.12
N SER A 428 14.49 -37.06 37.01
CA SER A 428 15.01 -38.40 36.80
C SER A 428 16.04 -38.38 35.69
N PHE A 429 17.23 -38.89 35.97
CA PHE A 429 18.31 -38.97 35.00
C PHE A 429 18.31 -40.35 34.36
N VAL A 430 19.34 -40.64 33.57
CA VAL A 430 19.45 -41.95 32.94
C VAL A 430 19.77 -43.02 33.98
N GLY A 431 20.38 -42.63 35.10
CA GLY A 431 20.76 -43.60 36.11
C GLY A 431 20.15 -43.35 37.48
N GLN A 432 19.82 -42.10 37.79
CA GLN A 432 19.33 -41.73 39.11
C GLN A 432 18.12 -40.81 38.99
N THR A 433 17.32 -40.80 40.04
CA THR A 433 16.16 -39.92 40.15
C THR A 433 16.31 -39.08 41.41
N ARG A 434 16.77 -37.84 41.24
CA ARG A 434 17.00 -36.93 42.36
C ARG A 434 15.85 -35.95 42.46
N VAL A 435 15.23 -35.88 43.63
CA VAL A 435 14.10 -34.98 43.88
C VAL A 435 14.66 -33.70 44.47
N LEU A 436 14.88 -32.70 43.61
CA LEU A 436 15.39 -31.41 44.08
C LEU A 436 14.31 -30.66 44.84
N MET A 437 14.67 -30.13 46.00
CA MET A 437 13.76 -29.41 46.86
C MET A 437 14.07 -27.92 46.81
N LEU A 438 13.05 -27.11 46.57
CA LEU A 438 13.21 -25.65 46.52
C LEU A 438 11.91 -25.02 47.01
N ASN A 439 11.86 -24.71 48.31
CA ASN A 439 10.70 -24.00 48.85
C ASN A 439 10.59 -22.61 48.24
N GLY A 440 11.70 -21.90 48.11
CA GLY A 440 11.74 -20.62 47.44
C GLY A 440 12.58 -20.69 46.18
N GLU A 441 13.80 -20.17 46.24
CA GLU A 441 14.74 -20.23 45.13
C GLU A 441 15.96 -21.08 45.45
N GLU A 442 15.83 -22.02 46.38
CA GLU A 442 16.96 -22.82 46.82
C GLU A 442 17.37 -23.83 45.74
N VAL A 443 18.58 -24.36 45.90
CA VAL A 443 19.12 -25.34 44.97
C VAL A 443 19.42 -26.64 45.72
N GLU A 444 18.64 -26.90 46.77
CA GLU A 444 18.84 -28.09 47.58
C GLU A 444 18.20 -29.31 46.90
N GLU A 445 18.52 -30.49 47.43
CA GLU A 445 18.01 -31.76 46.92
C GLU A 445 17.65 -32.64 48.11
N THR A 446 16.35 -32.69 48.44
CA THR A 446 15.86 -33.52 49.53
C THR A 446 15.32 -34.82 48.94
N GLU A 447 16.00 -35.92 49.23
CA GLU A 447 15.60 -37.21 48.67
C GLU A 447 14.32 -37.71 49.33
N LEU A 448 13.48 -38.36 48.53
CA LEU A 448 12.24 -38.94 49.03
C LEU A 448 12.47 -40.34 49.55
N MET A 449 11.71 -40.71 50.58
CA MET A 449 11.87 -42.03 51.18
C MET A 449 11.38 -43.13 50.26
N GLY A 450 10.20 -42.96 49.66
CA GLY A 450 9.62 -43.99 48.83
C GLY A 450 10.22 -44.11 47.44
N PHE A 451 11.01 -43.14 47.01
CA PHE A 451 11.63 -43.17 45.70
C PHE A 451 13.06 -43.66 45.79
N VAL A 452 13.42 -44.60 44.92
CA VAL A 452 14.77 -45.13 44.91
C VAL A 452 15.73 -44.06 44.37
N ASP A 453 16.78 -43.77 45.15
CA ASP A 453 17.72 -42.73 44.75
C ASP A 453 18.52 -43.13 43.52
N ASP A 454 18.83 -44.42 43.37
CA ASP A 454 19.58 -44.92 42.23
C ASP A 454 18.62 -45.72 41.35
N GLN A 455 17.92 -45.00 40.47
CA GLN A 455 16.99 -45.59 39.52
C GLN A 455 16.54 -44.51 38.56
N GLN A 456 16.38 -44.88 37.29
CA GLN A 456 15.87 -43.96 36.27
C GLN A 456 14.35 -44.02 36.32
N THR A 457 13.76 -43.16 37.14
CA THR A 457 12.31 -43.16 37.32
C THR A 457 11.60 -42.81 36.02
N PHE A 458 10.56 -43.57 35.70
CA PHE A 458 9.76 -43.32 34.51
C PHE A 458 8.53 -42.48 34.79
N PHE A 459 8.03 -42.47 36.02
CA PHE A 459 6.87 -41.68 36.37
C PHE A 459 6.88 -41.44 37.87
N CYS A 460 6.52 -40.22 38.26
CA CYS A 460 6.38 -39.85 39.68
C CYS A 460 5.23 -38.86 39.77
N GLY A 461 4.03 -39.38 40.06
CA GLY A 461 2.86 -38.54 40.11
C GLY A 461 2.01 -38.85 41.34
N ASN A 462 1.32 -37.82 41.81
CA ASN A 462 0.50 -37.95 43.00
C ASN A 462 -0.68 -38.89 42.73
N VAL A 463 -0.94 -39.78 43.68
CA VAL A 463 -2.04 -40.72 43.60
C VAL A 463 -3.06 -40.38 44.69
N ALA A 464 -4.23 -40.99 44.59
CA ALA A 464 -5.29 -40.74 45.57
C ALA A 464 -4.96 -41.42 46.89
N HIS A 465 -5.81 -41.15 47.89
CA HIS A 465 -5.69 -41.74 49.22
C HIS A 465 -4.35 -41.40 49.87
N GLN A 466 -3.88 -40.17 49.67
CA GLN A 466 -2.68 -39.65 50.32
C GLN A 466 -1.46 -40.54 50.06
N GLN A 467 -1.28 -40.91 48.79
CA GLN A 467 -0.15 -41.73 48.39
C GLN A 467 0.45 -41.17 47.10
N LEU A 468 1.74 -41.42 46.92
CA LEU A 468 2.46 -41.00 45.72
C LEU A 468 2.91 -42.25 44.96
N ILE A 469 2.50 -42.36 43.70
CA ILE A 469 2.83 -43.51 42.87
C ILE A 469 4.06 -43.17 42.05
N GLN A 470 5.14 -43.93 42.24
CA GLN A 470 6.41 -43.73 41.54
C GLN A 470 6.78 -45.02 40.83
N ILE A 471 6.48 -45.09 39.53
CA ILE A 471 6.79 -46.27 38.73
C ILE A 471 8.24 -46.11 38.26
N THR A 472 9.17 -46.59 39.08
CA THR A 472 10.59 -46.48 38.77
C THR A 472 10.98 -47.53 37.73
N SER A 473 12.25 -47.49 37.32
CA SER A 473 12.72 -48.42 36.29
C SER A 473 12.66 -49.86 36.79
N ALA A 474 13.03 -50.10 38.05
CA ALA A 474 13.05 -51.45 38.58
C ALA A 474 11.65 -52.05 38.64
N SER A 475 10.71 -51.31 39.23
CA SER A 475 9.34 -51.79 39.38
C SER A 475 8.45 -50.62 39.74
N VAL A 476 7.14 -50.90 39.81
CA VAL A 476 6.14 -49.89 40.17
C VAL A 476 6.03 -49.94 41.69
N ARG A 477 6.90 -49.21 42.37
CA ARG A 477 6.95 -49.17 43.83
C ARG A 477 6.22 -47.93 44.32
N LEU A 478 5.11 -48.14 45.03
CA LEU A 478 4.33 -47.03 45.54
C LEU A 478 4.99 -46.45 46.79
N VAL A 479 4.48 -45.30 47.23
CA VAL A 479 4.95 -44.59 48.40
C VAL A 479 3.78 -43.94 49.11
N SER A 480 4.05 -43.28 50.22
CA SER A 480 3.04 -42.59 50.99
C SER A 480 3.55 -41.20 51.38
N GLN A 481 2.61 -40.28 51.61
CA GLN A 481 2.97 -38.89 51.88
C GLN A 481 3.37 -38.69 53.33
N GLU A 482 2.44 -38.96 54.26
CA GLU A 482 2.72 -38.67 55.67
C GLU A 482 3.71 -39.66 56.28
N PRO A 483 3.46 -40.98 56.27
CA PRO A 483 4.42 -41.90 56.91
C PRO A 483 5.74 -42.04 56.16
N LYS A 484 5.80 -41.61 54.90
CA LYS A 484 7.01 -41.71 54.08
C LYS A 484 7.51 -43.16 54.01
N ALA A 485 6.58 -44.08 53.77
CA ALA A 485 6.91 -45.49 53.65
C ALA A 485 6.20 -46.08 52.44
N LEU A 486 6.82 -47.07 51.83
CA LEU A 486 6.27 -47.74 50.65
C LEU A 486 5.12 -48.63 51.07
N VAL A 487 3.88 -48.16 50.84
CA VAL A 487 2.70 -48.95 51.18
C VAL A 487 2.65 -50.22 50.34
N SER A 488 2.93 -50.10 49.05
CA SER A 488 2.89 -51.25 48.15
C SER A 488 4.04 -51.14 47.15
N GLU A 489 4.41 -52.28 46.57
CA GLU A 489 5.47 -52.33 45.58
C GLU A 489 5.25 -53.55 44.70
N TRP A 490 4.86 -53.32 43.45
CA TRP A 490 4.63 -54.41 42.51
C TRP A 490 5.93 -54.70 41.77
N LYS A 491 6.71 -55.62 42.34
CA LYS A 491 7.89 -56.12 41.66
C LYS A 491 7.49 -57.06 40.53
N GLU A 492 8.34 -57.16 39.53
CA GLU A 492 8.06 -58.02 38.39
C GLU A 492 8.17 -59.49 38.82
N PRO A 493 7.10 -60.28 38.71
CA PRO A 493 7.21 -61.70 39.08
C PRO A 493 8.22 -62.47 38.25
N GLN A 494 8.40 -62.11 36.98
CA GLN A 494 9.35 -62.77 36.10
C GLN A 494 10.69 -62.04 36.07
N ALA A 495 10.92 -61.11 36.98
CA ALA A 495 12.15 -60.32 37.03
C ALA A 495 12.40 -59.58 35.72
N LYS A 496 11.32 -59.04 35.14
CA LYS A 496 11.41 -58.27 33.91
C LYS A 496 11.71 -56.81 34.25
N ASN A 497 11.89 -56.00 33.20
CA ASN A 497 12.20 -54.59 33.34
C ASN A 497 11.03 -53.75 32.85
N ILE A 498 10.74 -52.68 33.58
CA ILE A 498 9.67 -51.75 33.21
C ILE A 498 10.17 -50.87 32.07
N SER A 499 9.56 -51.00 30.90
CA SER A 499 9.98 -50.28 29.71
C SER A 499 9.14 -49.03 29.44
N VAL A 500 7.83 -49.12 29.60
CA VAL A 500 6.92 -48.00 29.38
C VAL A 500 6.01 -47.86 30.58
N ALA A 501 5.87 -46.64 31.09
CA ALA A 501 5.01 -46.35 32.23
C ALA A 501 4.01 -45.28 31.86
N SER A 502 2.73 -45.56 32.12
CA SER A 502 1.66 -44.60 31.85
C SER A 502 0.56 -44.84 32.88
N CYS A 503 0.59 -44.06 33.96
CA CYS A 503 -0.36 -44.21 35.05
C CYS A 503 -1.18 -42.94 35.21
N ASN A 504 -2.47 -43.12 35.49
CA ASN A 504 -3.41 -42.03 35.69
C ASN A 504 -3.60 -41.80 37.18
N SER A 505 -4.60 -40.99 37.52
CA SER A 505 -4.86 -40.67 38.93
C SER A 505 -5.18 -41.94 39.73
N SER A 506 -5.98 -42.84 39.16
CA SER A 506 -6.33 -44.08 39.81
C SER A 506 -5.84 -45.33 39.08
N GLN A 507 -5.78 -45.30 37.76
CA GLN A 507 -5.31 -46.43 36.98
C GLN A 507 -3.81 -46.35 36.75
N VAL A 508 -3.19 -47.50 36.54
CA VAL A 508 -1.77 -47.59 36.19
C VAL A 508 -1.62 -48.74 35.20
N VAL A 509 -1.34 -48.41 33.94
CA VAL A 509 -1.16 -49.39 32.88
C VAL A 509 0.29 -49.34 32.47
N VAL A 510 1.08 -50.32 32.91
CA VAL A 510 2.49 -50.39 32.61
C VAL A 510 2.76 -51.65 31.79
N ALA A 511 3.84 -51.60 31.01
CA ALA A 511 4.23 -52.69 30.14
C ALA A 511 5.65 -53.12 30.45
N VAL A 512 5.86 -54.42 30.61
CA VAL A 512 7.18 -54.99 30.82
C VAL A 512 7.42 -55.99 29.69
N GLY A 513 8.50 -55.78 28.93
CA GLY A 513 8.72 -56.61 27.76
C GLY A 513 7.60 -56.41 26.75
N ARG A 514 7.05 -57.52 26.28
CA ARG A 514 5.93 -57.51 25.35
C ARG A 514 4.58 -57.63 26.05
N ALA A 515 4.56 -57.66 27.38
CA ALA A 515 3.34 -57.84 28.15
C ALA A 515 3.04 -56.58 28.95
N LEU A 516 1.77 -56.16 28.92
CA LEU A 516 1.31 -54.98 29.64
C LEU A 516 0.24 -55.38 30.63
N TYR A 517 0.43 -55.03 31.90
CA TYR A 517 -0.50 -55.35 32.97
C TYR A 517 -1.09 -54.06 33.53
N TYR A 518 -2.42 -54.01 33.60
CA TYR A 518 -3.13 -52.84 34.10
C TYR A 518 -3.38 -53.05 35.59
N LEU A 519 -2.65 -52.31 36.42
CA LEU A 519 -2.74 -52.43 37.87
C LEU A 519 -3.43 -51.19 38.44
N GLN A 520 -4.55 -51.41 39.12
CA GLN A 520 -5.27 -50.31 39.75
C GLN A 520 -4.57 -49.88 41.04
N ILE A 521 -4.74 -48.60 41.38
CA ILE A 521 -4.15 -48.06 42.61
C ILE A 521 -5.18 -48.28 43.71
N HIS A 522 -5.13 -49.47 44.29
CA HIS A 522 -6.02 -49.80 45.40
C HIS A 522 -5.61 -49.01 46.64
N PRO A 523 -6.55 -48.78 47.57
CA PRO A 523 -6.19 -48.06 48.80
C PRO A 523 -5.10 -48.76 49.59
N GLN A 524 -3.93 -48.14 49.67
CA GLN A 524 -2.77 -48.71 50.35
C GLN A 524 -2.45 -50.11 49.83
N GLU A 525 -2.59 -50.30 48.52
CA GLU A 525 -2.36 -51.60 47.90
C GLU A 525 -2.14 -51.40 46.41
N LEU A 526 -1.62 -52.45 45.76
CA LEU A 526 -1.37 -52.47 44.33
C LEU A 526 -2.02 -53.73 43.76
N ARG A 527 -3.29 -53.64 43.39
CA ARG A 527 -4.05 -54.77 42.88
C ARG A 527 -4.47 -54.49 41.43
N GLN A 528 -4.21 -55.46 40.57
CA GLN A 528 -4.53 -55.33 39.15
C GLN A 528 -5.92 -55.91 38.85
N ILE A 529 -6.37 -55.66 37.63
CA ILE A 529 -7.65 -56.20 37.17
C ILE A 529 -7.54 -56.97 35.86
N SER A 530 -6.52 -56.74 35.04
CA SER A 530 -6.39 -57.44 33.77
C SER A 530 -4.93 -57.40 33.34
N HIS A 531 -4.59 -58.27 32.39
CA HIS A 531 -3.25 -58.33 31.84
C HIS A 531 -3.34 -58.82 30.39
N THR A 532 -2.32 -58.50 29.61
CA THR A 532 -2.29 -58.87 28.21
C THR A 532 -0.86 -58.81 27.71
N GLU A 533 -0.67 -59.24 26.46
CA GLU A 533 0.63 -59.22 25.79
C GLU A 533 0.47 -58.58 24.43
N MET A 534 1.50 -57.86 24.00
CA MET A 534 1.51 -57.18 22.70
C MET A 534 2.36 -57.97 21.71
N GLU A 535 1.88 -58.05 20.47
CA GLU A 535 2.62 -58.77 19.44
C GLU A 535 3.97 -58.12 19.17
N HIS A 536 4.00 -56.80 19.10
CA HIS A 536 5.24 -56.05 18.89
C HIS A 536 5.66 -55.38 20.20
N GLU A 537 6.85 -54.79 20.18
CA GLU A 537 7.36 -54.09 21.35
C GLU A 537 6.55 -52.82 21.58
N VAL A 538 6.11 -52.62 22.82
CA VAL A 538 5.30 -51.45 23.16
C VAL A 538 6.20 -50.23 23.20
N ALA A 539 6.12 -49.40 22.15
CA ALA A 539 6.96 -48.22 22.07
C ALA A 539 6.51 -47.16 23.07
N CYS A 540 5.21 -46.95 23.20
CA CYS A 540 4.68 -45.94 24.11
C CYS A 540 3.29 -46.35 24.57
N LEU A 541 2.90 -45.83 25.73
CA LEU A 541 1.60 -46.13 26.32
C LEU A 541 0.88 -44.82 26.64
N ASP A 542 -0.41 -44.79 26.35
CA ASP A 542 -1.24 -43.61 26.58
C ASP A 542 -2.58 -44.06 27.14
N ILE A 543 -2.69 -44.07 28.47
CA ILE A 543 -3.91 -44.47 29.17
C ILE A 543 -4.32 -43.26 30.02
N THR A 544 -5.19 -42.42 29.48
CA THR A 544 -5.62 -41.20 30.15
C THR A 544 -7.14 -41.14 30.14
N PRO A 545 -7.78 -40.91 31.30
CA PRO A 545 -9.23 -40.70 31.30
C PRO A 545 -9.61 -39.44 30.54
N LEU A 546 -10.76 -39.49 29.89
CA LEU A 546 -11.27 -38.34 29.15
C LEU A 546 -12.00 -37.41 30.11
N GLY A 547 -12.76 -36.46 29.57
CA GLY A 547 -13.48 -35.51 30.40
C GLY A 547 -14.49 -36.21 31.30
N ASP A 548 -14.71 -35.60 32.47
CA ASP A 548 -15.60 -36.12 33.49
C ASP A 548 -15.11 -37.44 34.06
N SER A 549 -15.73 -37.90 35.17
CA SER A 549 -15.37 -39.14 35.84
C SER A 549 -13.95 -39.07 36.38
N ASN A 550 -12.95 -39.09 35.48
CA ASN A 550 -11.54 -38.97 35.84
C ASN A 550 -11.10 -40.03 36.84
N GLY A 551 -11.65 -41.24 36.72
CA GLY A 551 -11.29 -42.32 37.62
C GLY A 551 -10.97 -43.60 36.89
N LEU A 552 -11.27 -43.64 35.59
CA LEU A 552 -11.00 -44.83 34.79
C LEU A 552 -10.98 -44.41 33.32
N SER A 553 -9.94 -44.84 32.61
CA SER A 553 -9.81 -44.50 31.20
C SER A 553 -10.66 -45.45 30.36
N PRO A 554 -11.65 -44.96 29.62
CA PRO A 554 -12.43 -45.85 28.75
C PRO A 554 -11.61 -46.53 27.68
N LEU A 555 -10.56 -45.87 27.18
CA LEU A 555 -9.70 -46.42 26.16
C LEU A 555 -8.25 -46.19 26.53
N CYS A 556 -7.37 -47.00 25.95
CA CYS A 556 -5.93 -46.88 26.19
C CYS A 556 -5.21 -47.34 24.92
N ALA A 557 -4.84 -46.38 24.09
CA ALA A 557 -4.09 -46.66 22.86
C ALA A 557 -2.61 -46.74 23.16
N ILE A 558 -1.91 -47.64 22.47
CA ILE A 558 -0.48 -47.84 22.66
C ILE A 558 0.20 -47.83 21.31
N GLY A 559 1.51 -47.61 21.34
CA GLY A 559 2.35 -47.60 20.14
C GLY A 559 3.24 -48.82 20.12
N LEU A 560 3.35 -49.44 18.94
CA LEU A 560 4.15 -50.63 18.75
C LEU A 560 5.46 -50.26 18.07
N TRP A 561 6.58 -50.62 18.69
CA TRP A 561 7.89 -50.29 18.13
C TRP A 561 8.12 -51.00 16.80
N THR A 562 7.76 -52.28 16.71
CA THR A 562 8.01 -53.07 15.52
C THR A 562 6.88 -52.99 14.50
N ASP A 563 5.77 -52.35 14.83
CA ASP A 563 4.64 -52.24 13.91
C ASP A 563 4.31 -50.81 13.51
N ILE A 564 4.64 -49.82 14.32
CA ILE A 564 4.36 -48.41 14.04
C ILE A 564 2.86 -48.22 13.81
N SER A 565 2.05 -48.68 14.76
CA SER A 565 0.60 -48.59 14.64
C SER A 565 0.00 -48.27 16.00
N ALA A 566 -1.18 -47.67 15.98
CA ALA A 566 -1.90 -47.29 17.19
C ALA A 566 -3.29 -47.90 17.15
N ARG A 567 -3.63 -48.68 18.17
CA ARG A 567 -4.93 -49.33 18.28
C ARG A 567 -5.56 -48.98 19.62
N ILE A 568 -6.85 -48.65 19.59
CA ILE A 568 -7.57 -48.21 20.78
C ILE A 568 -8.10 -49.45 21.50
N LEU A 569 -7.71 -49.60 22.77
CA LEU A 569 -8.15 -50.71 23.60
C LEU A 569 -8.57 -50.20 24.96
N LYS A 570 -9.63 -50.78 25.51
CA LYS A 570 -10.13 -50.35 26.81
C LYS A 570 -9.15 -50.73 27.92
N LEU A 571 -9.22 -49.99 29.03
CA LEU A 571 -8.35 -50.27 30.16
C LEU A 571 -8.58 -51.65 30.77
N PRO A 572 -9.80 -52.08 31.08
CA PRO A 572 -9.98 -53.41 31.67
C PRO A 572 -9.94 -54.56 30.67
N SER A 573 -9.62 -54.30 29.40
CA SER A 573 -9.56 -55.35 28.39
C SER A 573 -8.36 -55.08 27.50
N PHE A 574 -8.30 -55.79 26.37
CA PHE A 574 -7.22 -55.59 25.41
C PHE A 574 -7.68 -55.62 23.96
N GLU A 575 -8.98 -55.74 23.70
CA GLU A 575 -9.47 -55.78 22.33
C GLU A 575 -9.31 -54.44 21.65
N LEU A 576 -8.92 -54.47 20.38
CA LEU A 576 -8.68 -53.26 19.60
C LEU A 576 -10.02 -52.74 19.09
N LEU A 577 -10.53 -51.67 19.70
CA LEU A 577 -11.77 -51.06 19.24
C LEU A 577 -11.61 -50.48 17.84
N HIS A 578 -10.48 -49.81 17.59
CA HIS A 578 -10.17 -49.29 16.26
C HIS A 578 -8.66 -49.37 16.07
N LYS A 579 -8.24 -49.47 14.82
CA LYS A 579 -6.83 -49.65 14.48
C LYS A 579 -6.37 -48.54 13.56
N GLU A 580 -5.14 -48.08 13.79
CA GLU A 580 -4.52 -47.06 12.95
C GLU A 580 -3.03 -47.34 12.88
N MET A 581 -2.45 -47.15 11.70
CA MET A 581 -1.03 -47.41 11.46
C MET A 581 -0.37 -46.18 10.85
N LEU A 582 -0.63 -45.02 11.44
CA LEU A 582 -0.08 -43.78 10.93
C LEU A 582 1.44 -43.79 11.00
N GLY A 583 2.09 -43.37 9.91
CA GLY A 583 3.53 -43.32 9.88
C GLY A 583 4.17 -44.70 9.76
N GLY A 584 5.46 -44.74 10.02
CA GLY A 584 6.19 -45.99 9.93
C GLY A 584 7.67 -45.76 10.23
N GLU A 585 8.45 -46.80 9.98
CA GLU A 585 9.90 -46.77 10.15
C GLU A 585 10.27 -46.42 11.59
N ILE A 586 10.54 -45.14 11.86
CA ILE A 586 10.93 -44.72 13.20
C ILE A 586 9.78 -44.96 14.17
N ILE A 587 10.11 -45.43 15.36
CA ILE A 587 9.12 -45.78 16.37
C ILE A 587 8.46 -44.50 16.90
N PRO A 588 7.18 -44.55 17.27
CA PRO A 588 6.56 -43.39 17.92
C PRO A 588 7.32 -42.98 19.16
N ARG A 589 7.37 -41.67 19.40
CA ARG A 589 8.07 -41.13 20.56
C ARG A 589 7.16 -41.00 21.78
N SER A 590 5.94 -40.51 21.59
CA SER A 590 5.01 -40.34 22.71
C SER A 590 3.59 -40.23 22.16
N ILE A 591 2.67 -41.01 22.73
CA ILE A 591 1.28 -41.02 22.33
C ILE A 591 0.48 -40.24 23.36
N LEU A 592 -0.41 -39.37 22.89
CA LEU A 592 -1.21 -38.53 23.78
C LEU A 592 -2.59 -38.30 23.18
N MET A 593 -3.59 -38.22 24.04
CA MET A 593 -4.96 -37.90 23.65
C MET A 593 -5.30 -36.50 24.17
N THR A 594 -5.91 -35.70 23.31
CA THR A 594 -6.16 -34.29 23.60
C THR A 594 -7.66 -34.02 23.70
N THR A 595 -8.02 -33.06 24.54
CA THR A 595 -9.40 -32.67 24.77
C THR A 595 -9.54 -31.16 24.79
N PHE A 596 -8.97 -30.48 23.79
CA PHE A 596 -8.98 -29.02 23.75
C PHE A 596 -10.39 -28.50 23.53
N GLU A 597 -11.00 -27.97 24.59
CA GLU A 597 -12.28 -27.26 24.52
C GLU A 597 -13.36 -28.10 23.86
N SER A 598 -13.71 -29.20 24.54
CA SER A 598 -14.79 -30.09 24.11
C SER A 598 -14.53 -30.69 22.72
N SER A 599 -13.25 -30.86 22.38
CA SER A 599 -12.85 -31.48 21.12
C SER A 599 -11.83 -32.56 21.45
N HIS A 600 -12.27 -33.81 21.47
CA HIS A 600 -11.40 -34.92 21.85
C HIS A 600 -10.49 -35.28 20.67
N TYR A 601 -9.19 -35.24 20.91
CA TYR A 601 -8.19 -35.55 19.89
C TYR A 601 -7.21 -36.58 20.44
N LEU A 602 -6.39 -37.11 19.54
CA LEU A 602 -5.34 -38.07 19.90
C LEU A 602 -4.14 -37.79 19.01
N LEU A 603 -3.06 -37.29 19.61
CA LEU A 603 -1.87 -36.90 18.87
C LEU A 603 -0.78 -37.96 19.04
N CYS A 604 -0.20 -38.38 17.91
CA CYS A 604 0.89 -39.35 17.90
C CYS A 604 2.16 -38.65 17.42
N ALA A 605 3.21 -38.75 18.21
CA ALA A 605 4.50 -38.13 17.89
C ALA A 605 5.48 -39.23 17.50
N LEU A 606 5.84 -39.26 16.21
CA LEU A 606 6.83 -40.22 15.74
C LEU A 606 8.22 -39.82 16.22
N GLY A 607 9.16 -40.75 16.07
CA GLY A 607 10.52 -40.50 16.46
C GLY A 607 11.31 -39.61 15.53
N ASP A 608 10.76 -39.27 14.38
CA ASP A 608 11.42 -38.42 13.40
C ASP A 608 11.13 -36.94 13.62
N GLY A 609 10.42 -36.59 14.69
CA GLY A 609 10.09 -35.20 14.96
C GLY A 609 8.82 -34.72 14.30
N ALA A 610 7.92 -35.61 13.92
CA ALA A 610 6.66 -35.25 13.28
C ALA A 610 5.49 -35.59 14.20
N LEU A 611 4.47 -34.75 14.19
CA LEU A 611 3.27 -34.94 14.99
C LEU A 611 2.07 -35.19 14.07
N PHE A 612 1.34 -36.25 14.34
CA PHE A 612 0.17 -36.64 13.54
C PHE A 612 -1.08 -36.36 14.36
N TYR A 613 -1.78 -35.27 14.03
CA TYR A 613 -3.00 -34.92 14.72
C TYR A 613 -4.14 -35.84 14.30
N PHE A 614 -4.99 -36.20 15.27
CA PHE A 614 -6.12 -37.07 15.00
C PHE A 614 -7.15 -36.89 16.10
N GLY A 615 -8.43 -36.87 15.72
CA GLY A 615 -9.50 -36.75 16.69
C GLY A 615 -9.83 -38.06 17.38
N LEU A 616 -10.69 -37.97 18.39
CA LEU A 616 -11.10 -39.13 19.16
C LEU A 616 -12.57 -39.03 19.51
N ASN A 617 -13.19 -40.19 19.74
CA ASN A 617 -14.58 -40.29 20.15
C ASN A 617 -14.65 -40.73 21.60
N ILE A 618 -15.44 -40.04 22.40
CA ILE A 618 -15.52 -40.32 23.84
C ILE A 618 -16.10 -41.70 24.08
N GLU A 619 -17.17 -42.06 23.36
CA GLU A 619 -17.86 -43.31 23.63
C GLU A 619 -17.01 -44.52 23.25
N THR A 620 -16.68 -44.65 21.97
CA THR A 620 -15.90 -45.78 21.51
C THR A 620 -15.30 -45.45 20.14
N GLY A 621 -14.09 -45.94 19.91
CA GLY A 621 -13.43 -45.74 18.64
C GLY A 621 -12.94 -44.31 18.48
N LEU A 622 -12.42 -44.04 17.27
CA LEU A 622 -11.94 -42.71 16.93
C LEU A 622 -11.86 -42.60 15.41
N LEU A 623 -11.83 -41.36 14.94
CA LEU A 623 -11.70 -41.09 13.51
C LEU A 623 -10.22 -41.22 13.12
N SER A 624 -9.88 -40.79 11.91
CA SER A 624 -8.50 -40.83 11.45
C SER A 624 -7.88 -39.44 11.35
N ASP A 625 -8.49 -38.55 10.56
CA ASP A 625 -8.01 -37.17 10.41
C ASP A 625 -6.52 -37.14 10.10
N ARG A 626 -6.11 -37.96 9.13
CA ARG A 626 -4.70 -38.15 8.82
C ARG A 626 -4.04 -36.84 8.37
N LYS A 627 -3.16 -36.31 9.22
CA LYS A 627 -2.42 -35.09 8.92
C LYS A 627 -1.19 -35.05 9.81
N LYS A 628 -0.02 -34.80 9.21
CA LYS A 628 1.24 -34.77 9.92
C LYS A 628 1.96 -33.45 9.65
N VAL A 629 2.52 -32.87 10.71
CA VAL A 629 3.29 -31.64 10.62
C VAL A 629 4.62 -31.86 11.31
N THR A 630 5.71 -31.48 10.63
CA THR A 630 7.06 -31.64 11.18
C THR A 630 7.30 -30.54 12.20
N LEU A 631 6.87 -30.82 13.44
CA LEU A 631 6.99 -29.86 14.53
C LEU A 631 8.30 -30.07 15.29
N GLY A 632 9.40 -29.98 14.55
CA GLY A 632 10.73 -30.10 15.10
C GLY A 632 11.59 -31.01 14.25
N THR A 633 12.76 -31.37 14.80
CA THR A 633 13.70 -32.24 14.13
C THR A 633 14.27 -33.32 15.05
N GLN A 634 13.70 -33.49 16.23
CA GLN A 634 14.13 -34.48 17.20
C GLN A 634 12.90 -35.09 17.85
N PRO A 635 13.04 -36.27 18.45
CA PRO A 635 11.89 -36.85 19.15
C PRO A 635 11.37 -35.93 20.24
N THR A 636 10.05 -35.86 20.38
CA THR A 636 9.39 -34.90 21.23
C THR A 636 8.55 -35.61 22.30
N VAL A 637 8.50 -34.99 23.47
CA VAL A 637 7.69 -35.48 24.59
C VAL A 637 6.51 -34.53 24.73
N LEU A 638 5.29 -35.08 24.62
CA LEU A 638 4.07 -34.29 24.66
C LEU A 638 3.50 -34.32 26.07
N ARG A 639 3.35 -33.14 26.67
CA ARG A 639 2.75 -32.98 27.98
C ARG A 639 1.55 -32.05 27.85
N THR A 640 0.84 -31.86 28.96
CA THR A 640 -0.32 -30.99 29.02
C THR A 640 -0.13 -29.97 30.13
N PHE A 641 -0.13 -28.69 29.77
CA PHE A 641 -0.09 -27.59 30.72
C PHE A 641 -1.34 -26.76 30.48
N ARG A 642 -2.24 -26.71 31.46
CA ARG A 642 -3.47 -25.98 31.24
C ARG A 642 -3.20 -24.49 31.03
N SER A 643 -2.87 -23.79 32.13
CA SER A 643 -2.33 -22.43 32.11
C SER A 643 -3.17 -21.45 31.29
N LEU A 644 -4.36 -21.87 30.86
CA LEU A 644 -5.21 -21.00 30.06
C LEU A 644 -6.69 -21.20 30.31
N SER A 645 -7.09 -22.01 31.29
CA SER A 645 -8.42 -22.59 31.40
C SER A 645 -8.74 -23.49 30.22
N THR A 646 -7.70 -23.93 29.50
CA THR A 646 -7.82 -24.84 28.38
C THR A 646 -6.68 -25.85 28.48
N THR A 647 -6.88 -27.02 27.89
CA THR A 647 -5.92 -28.13 28.07
C THR A 647 -4.53 -27.75 27.61
N ASN A 648 -4.36 -27.46 26.32
CA ASN A 648 -3.08 -27.08 25.71
C ASN A 648 -2.06 -28.22 25.75
N VAL A 649 -1.13 -28.23 24.80
CA VAL A 649 -0.10 -29.25 24.73
C VAL A 649 1.23 -28.59 24.42
N PHE A 650 2.26 -28.95 25.18
CA PHE A 650 3.62 -28.45 24.97
C PHE A 650 4.43 -29.52 24.26
N ALA A 651 4.84 -29.24 23.03
CA ALA A 651 5.60 -30.19 22.23
C ALA A 651 7.08 -29.83 22.33
N CYS A 652 7.71 -30.27 23.41
CA CYS A 652 9.10 -29.97 23.65
C CYS A 652 9.98 -30.80 22.73
N SER A 653 10.81 -30.12 21.92
CA SER A 653 11.65 -30.77 20.93
C SER A 653 12.75 -29.80 20.52
N ASP A 654 13.43 -30.12 19.42
CA ASP A 654 14.43 -29.19 18.88
C ASP A 654 13.79 -27.86 18.51
N ARG A 655 12.53 -27.89 18.06
CA ARG A 655 11.74 -26.69 17.79
C ARG A 655 10.50 -26.74 18.68
N PRO A 656 10.56 -26.17 19.88
CA PRO A 656 9.41 -26.24 20.78
C PRO A 656 8.19 -25.53 20.20
N THR A 657 7.02 -26.07 20.49
CA THR A 657 5.77 -25.52 19.98
C THR A 657 4.65 -25.83 20.96
N VAL A 658 3.57 -25.05 20.85
CA VAL A 658 2.38 -25.24 21.67
C VAL A 658 1.21 -25.47 20.74
N ILE A 659 0.59 -26.64 20.82
CA ILE A 659 -0.59 -26.96 20.02
C ILE A 659 -1.80 -26.35 20.71
N TYR A 660 -2.47 -25.42 20.03
CA TYR A 660 -3.58 -24.68 20.59
C TYR A 660 -4.73 -24.65 19.60
N SER A 661 -5.93 -24.44 20.12
CA SER A 661 -7.13 -24.30 19.31
C SER A 661 -7.66 -22.89 19.47
N SER A 662 -7.92 -22.22 18.33
CA SER A 662 -8.42 -20.85 18.37
C SER A 662 -9.93 -20.84 18.64
N ASN A 663 -10.70 -21.41 17.73
CA ASN A 663 -12.14 -21.58 17.94
C ASN A 663 -12.52 -23.06 17.99
N HIS A 664 -12.26 -23.81 16.91
CA HIS A 664 -12.46 -25.26 16.94
C HIS A 664 -11.39 -26.02 16.17
N LYS A 665 -10.37 -25.36 15.65
CA LYS A 665 -9.32 -26.00 14.86
C LYS A 665 -7.98 -25.83 15.57
N LEU A 666 -7.25 -26.92 15.72
CA LEU A 666 -5.94 -26.87 16.36
C LEU A 666 -4.95 -26.13 15.48
N VAL A 667 -4.10 -25.32 16.12
CA VAL A 667 -3.06 -24.57 15.43
C VAL A 667 -1.75 -24.73 16.19
N PHE A 668 -0.66 -24.40 15.52
CA PHE A 668 0.69 -24.59 16.07
C PHE A 668 1.34 -23.23 16.28
N SER A 669 1.76 -22.96 17.51
CA SER A 669 2.53 -21.78 17.85
C SER A 669 4.02 -22.11 17.85
N ASN A 670 4.83 -21.18 18.32
CA ASN A 670 6.26 -21.41 18.45
C ASN A 670 6.71 -20.85 19.80
N VAL A 671 7.65 -21.53 20.43
CA VAL A 671 8.21 -21.09 21.70
C VAL A 671 9.58 -20.50 21.42
N ASN A 672 9.79 -19.25 21.85
CA ASN A 672 11.01 -18.51 21.55
C ASN A 672 12.13 -18.96 22.50
N LEU A 673 12.56 -20.20 22.30
CA LEU A 673 13.63 -20.80 23.08
C LEU A 673 14.56 -21.55 22.14
N LYS A 674 15.80 -21.77 22.59
CA LYS A 674 16.79 -22.44 21.76
C LYS A 674 16.37 -23.89 21.49
N GLU A 675 16.25 -24.69 22.55
CA GLU A 675 15.79 -26.07 22.42
C GLU A 675 15.39 -26.57 23.79
N VAL A 676 14.14 -26.99 23.94
CA VAL A 676 13.62 -27.56 25.17
C VAL A 676 13.20 -28.98 24.87
N ASN A 677 13.77 -29.94 25.62
CA ASN A 677 13.49 -31.34 25.38
C ASN A 677 12.38 -31.86 26.29
N TYR A 678 12.50 -31.62 27.60
CA TYR A 678 11.54 -32.09 28.60
C TYR A 678 11.00 -30.90 29.37
N MET A 679 9.72 -30.99 29.75
CA MET A 679 9.05 -29.90 30.44
C MET A 679 7.92 -30.47 31.29
N CYS A 680 7.42 -29.64 32.22
CA CYS A 680 6.35 -30.05 33.11
C CYS A 680 5.74 -28.83 33.75
N PRO A 681 4.42 -28.76 33.88
CA PRO A 681 3.80 -27.61 34.57
C PRO A 681 4.11 -27.66 36.06
N LEU A 682 4.38 -26.48 36.65
CA LEU A 682 4.76 -26.38 38.05
C LEU A 682 4.10 -25.15 38.66
N ASN A 683 3.09 -25.36 39.48
CA ASN A 683 2.43 -24.29 40.22
C ASN A 683 3.01 -24.16 41.63
N SER A 684 4.32 -23.91 41.68
CA SER A 684 5.03 -23.84 42.94
C SER A 684 4.64 -22.59 43.73
N ASP A 685 4.85 -22.65 45.04
CA ASP A 685 4.54 -21.52 45.90
C ASP A 685 5.50 -20.35 45.63
N GLY A 686 6.80 -20.63 45.60
CA GLY A 686 7.77 -19.59 45.29
C GLY A 686 7.80 -19.19 43.83
N TYR A 687 7.36 -20.08 42.93
CA TYR A 687 7.28 -19.81 41.50
C TYR A 687 5.88 -20.19 41.03
N PRO A 688 4.93 -19.26 41.10
CA PRO A 688 3.55 -19.60 40.76
C PRO A 688 3.26 -19.48 39.27
N ASP A 689 2.38 -20.39 38.81
CA ASP A 689 1.93 -20.43 37.41
C ASP A 689 3.11 -20.50 36.45
N SER A 690 4.09 -21.35 36.77
CA SER A 690 5.27 -21.50 35.96
C SER A 690 5.19 -22.77 35.10
N LEU A 691 6.27 -23.04 34.38
CA LEU A 691 6.36 -24.24 33.54
C LEU A 691 7.84 -24.64 33.50
N ALA A 692 8.19 -25.63 34.32
CA ALA A 692 9.59 -26.04 34.48
C ALA A 692 10.06 -26.69 33.18
N LEU A 693 10.84 -25.95 32.40
CA LEU A 693 11.38 -26.44 31.13
C LEU A 693 12.84 -26.81 31.34
N ALA A 694 13.12 -28.11 31.36
CA ALA A 694 14.48 -28.62 31.49
C ALA A 694 15.00 -28.99 30.12
N ASN A 695 15.96 -28.23 29.61
CA ASN A 695 16.50 -28.45 28.29
C ASN A 695 17.52 -29.60 28.34
N ASN A 696 18.25 -29.79 27.25
CA ASN A 696 19.29 -30.82 27.20
C ASN A 696 20.57 -30.39 27.89
N SER A 697 20.67 -29.14 28.32
CA SER A 697 21.88 -28.63 28.96
C SER A 697 21.64 -28.06 30.34
N THR A 698 20.46 -27.48 30.60
CA THR A 698 20.20 -26.84 31.89
C THR A 698 18.71 -26.84 32.16
N LEU A 699 18.36 -26.59 33.42
CA LEU A 699 16.98 -26.53 33.87
C LEU A 699 16.61 -25.09 34.21
N THR A 700 15.36 -24.72 33.92
CA THR A 700 14.89 -23.38 34.19
C THR A 700 13.37 -23.40 34.38
N ILE A 701 12.85 -22.35 35.01
CA ILE A 701 11.43 -22.18 35.24
C ILE A 701 11.00 -20.85 34.65
N GLY A 702 9.89 -20.86 33.93
CA GLY A 702 9.37 -19.66 33.31
C GLY A 702 7.87 -19.72 33.14
N THR A 703 7.31 -18.65 32.60
CA THR A 703 5.88 -18.53 32.41
C THR A 703 5.57 -18.33 30.93
N ILE A 704 4.44 -18.88 30.49
CA ILE A 704 4.03 -18.75 29.09
C ILE A 704 3.45 -17.36 28.86
N ASP A 705 3.68 -16.83 27.66
CA ASP A 705 3.21 -15.49 27.33
C ASP A 705 1.71 -15.49 27.03
N GLU A 706 1.31 -16.21 25.99
CA GLU A 706 -0.09 -16.27 25.59
C GLU A 706 -0.30 -17.56 24.80
N ILE A 707 -1.44 -17.66 24.12
CA ILE A 707 -1.75 -18.83 23.30
C ILE A 707 -2.00 -18.39 21.87
N GLN A 708 -1.37 -17.29 21.47
CA GLN A 708 -1.53 -16.74 20.13
C GLN A 708 -0.22 -16.85 19.36
N LYS A 709 -0.33 -17.11 18.05
CA LYS A 709 0.85 -17.18 17.20
C LYS A 709 1.56 -15.84 17.12
N LEU A 710 0.80 -14.75 17.03
CA LEU A 710 1.33 -13.41 16.92
C LEU A 710 0.79 -12.56 18.07
N HIS A 711 1.64 -11.78 18.70
CA HIS A 711 1.26 -10.92 19.80
C HIS A 711 1.50 -9.47 19.41
N ILE A 712 0.44 -8.66 19.48
CA ILE A 712 0.49 -7.26 19.11
C ILE A 712 0.21 -6.43 20.35
N ARG A 713 1.14 -5.55 20.71
CA ARG A 713 1.00 -4.66 21.85
C ARG A 713 0.89 -3.22 21.36
N THR A 714 -0.13 -2.52 21.82
CA THR A 714 -0.43 -1.17 21.37
C THR A 714 0.03 -0.15 22.39
N VAL A 715 0.70 0.90 21.91
CA VAL A 715 1.16 2.01 22.74
C VAL A 715 0.49 3.27 22.22
N PRO A 716 -0.62 3.69 22.83
CA PRO A 716 -1.38 4.82 22.28
C PRO A 716 -0.66 6.14 22.45
N LEU A 717 -0.68 6.95 21.39
CA LEU A 717 -0.08 8.27 21.41
C LEU A 717 -1.07 9.41 21.25
N TYR A 718 -2.27 9.14 20.72
CA TYR A 718 -3.29 10.17 20.49
C TYR A 718 -2.80 11.26 19.54
N GLU A 719 -1.92 10.88 18.62
CA GLU A 719 -1.44 11.78 17.57
C GLU A 719 -0.84 10.92 16.47
N SER A 720 -0.65 11.53 15.31
CA SER A 720 -0.16 10.80 14.16
C SER A 720 1.36 10.63 14.24
N PRO A 721 1.87 9.40 14.31
CA PRO A 721 3.32 9.20 14.24
C PRO A 721 3.77 9.01 12.79
N ARG A 722 4.89 9.66 12.46
CA ARG A 722 5.34 9.70 11.07
C ARG A 722 6.50 8.75 10.81
N LYS A 723 7.60 8.87 11.56
CA LYS A 723 8.78 8.06 11.35
C LYS A 723 9.25 7.48 12.68
N ILE A 724 9.94 6.35 12.61
CA ILE A 724 10.47 5.69 13.79
C ILE A 724 11.85 5.12 13.48
N CYS A 725 12.76 5.25 14.44
CA CYS A 725 14.10 4.69 14.32
C CYS A 725 14.58 4.31 15.71
N TYR A 726 15.56 3.42 15.76
CA TYR A 726 16.02 2.82 17.01
C TYR A 726 17.47 3.17 17.27
N GLN A 727 17.77 3.49 18.54
CA GLN A 727 19.14 3.76 18.99
C GLN A 727 19.44 2.81 20.15
N GLU A 728 20.29 1.81 19.90
CA GLU A 728 20.50 0.76 20.88
C GLU A 728 21.35 1.22 22.05
N VAL A 729 22.31 2.12 21.81
CA VAL A 729 23.18 2.56 22.90
C VAL A 729 22.38 3.29 23.98
N SER A 730 21.26 3.90 23.60
CA SER A 730 20.38 4.56 24.57
C SER A 730 19.12 3.76 24.87
N GLN A 731 18.87 2.68 24.13
CA GLN A 731 17.72 1.80 24.36
C GLN A 731 16.40 2.58 24.31
N CYS A 732 16.23 3.35 23.24
CA CYS A 732 15.04 4.19 23.10
C CYS A 732 14.72 4.36 21.62
N PHE A 733 13.45 4.65 21.36
CA PHE A 733 12.95 4.90 20.01
C PHE A 733 12.77 6.39 19.79
N GLY A 734 13.12 6.85 18.60
CA GLY A 734 12.83 8.21 18.18
C GLY A 734 11.68 8.20 17.20
N VAL A 735 10.64 8.97 17.51
CA VAL A 735 9.43 9.00 16.71
C VAL A 735 9.12 10.44 16.32
N LEU A 736 8.96 10.69 15.03
CA LEU A 736 8.41 11.96 14.56
C LEU A 736 6.90 11.86 14.56
N SER A 737 6.25 12.91 15.08
CA SER A 737 4.80 12.90 15.19
C SER A 737 4.28 14.31 15.03
N SER A 738 2.95 14.43 14.91
CA SER A 738 2.32 15.71 14.71
C SER A 738 0.93 15.69 15.33
N ARG A 739 0.58 16.76 16.03
CA ARG A 739 -0.73 16.93 16.62
C ARG A 739 -1.40 18.15 16.01
N ILE A 740 -2.73 18.11 15.91
CA ILE A 740 -3.50 19.20 15.33
C ILE A 740 -3.79 20.22 16.43
N GLU A 741 -3.41 21.47 16.20
CA GLU A 741 -3.66 22.56 17.11
C GLU A 741 -4.46 23.63 16.37
N VAL A 742 -5.63 23.96 16.88
CA VAL A 742 -6.53 24.91 16.23
C VAL A 742 -6.30 26.30 16.79
N GLN A 743 -6.17 27.29 15.91
CA GLN A 743 -5.97 28.66 16.33
C GLN A 743 -7.23 29.18 17.02
N ASP A 744 -7.12 29.48 18.31
CA ASP A 744 -8.25 30.04 19.05
C ASP A 744 -8.30 31.55 18.88
N THR A 745 -9.34 32.15 19.45
CA THR A 745 -9.53 33.59 19.34
C THR A 745 -8.74 34.34 20.42
N SER A 746 -7.45 34.01 20.55
CA SER A 746 -6.58 34.71 21.49
C SER A 746 -5.18 34.92 20.92
N GLY A 747 -4.97 34.67 19.62
CA GLY A 747 -3.67 34.82 19.01
C GLY A 747 -2.77 33.61 19.10
N GLY A 748 -3.23 32.53 19.72
CA GLY A 748 -2.41 31.33 19.84
C GLY A 748 -3.05 30.10 19.24
N THR A 749 -2.58 28.93 19.64
CA THR A 749 -3.12 27.65 19.17
C THR A 749 -3.40 26.76 20.37
N THR A 750 -4.54 26.08 20.33
CA THR A 750 -4.98 25.21 21.41
C THR A 750 -5.09 23.77 20.93
N ALA A 751 -4.68 22.84 21.77
CA ALA A 751 -4.77 21.43 21.45
C ALA A 751 -6.19 20.92 21.60
N LEU A 752 -6.53 19.91 20.80
CA LEU A 752 -7.86 19.31 20.86
C LEU A 752 -8.01 18.34 22.02
N ARG A 753 -6.93 17.69 22.45
CA ARG A 753 -6.98 16.69 23.49
C ARG A 753 -5.56 16.45 23.99
N PRO A 754 -5.40 15.91 25.19
CA PRO A 754 -4.05 15.53 25.65
C PRO A 754 -3.43 14.49 24.72
N SER A 755 -2.13 14.64 24.48
CA SER A 755 -1.41 13.80 23.55
C SER A 755 -0.11 13.33 24.18
N ALA A 756 0.50 12.32 23.56
CA ALA A 756 1.79 11.82 24.03
C ALA A 756 2.90 12.85 23.89
N SER A 757 2.67 13.90 23.11
CA SER A 757 3.64 14.98 22.98
C SER A 757 3.43 16.09 24.00
N THR A 758 2.22 16.21 24.52
CA THR A 758 1.91 17.19 25.55
C THR A 758 1.72 16.58 26.93
N GLN A 759 1.99 15.28 27.08
CA GLN A 759 1.92 14.57 28.35
C GLN A 759 3.18 13.74 28.56
N ALA A 760 4.34 14.34 28.29
CA ALA A 760 5.61 13.65 28.37
C ALA A 760 6.26 13.86 29.72
N LEU A 761 7.40 13.21 29.93
CA LEU A 761 8.15 13.38 31.17
C LEU A 761 8.80 14.77 31.22
N SER A 762 9.67 15.06 30.27
CA SER A 762 10.25 16.38 30.08
C SER A 762 9.97 16.83 28.65
N SER A 763 10.38 18.05 28.33
CA SER A 763 10.12 18.59 27.00
C SER A 763 11.13 19.68 26.68
N SER A 764 11.23 20.00 25.40
CA SER A 764 12.05 21.09 24.91
C SER A 764 11.38 21.68 23.69
N VAL A 765 11.72 22.93 23.39
CA VAL A 765 11.18 23.65 22.24
C VAL A 765 12.36 24.14 21.40
N SER A 766 12.27 23.93 20.10
CA SER A 766 13.33 24.38 19.20
C SER A 766 13.43 25.91 19.25
N SER A 767 14.62 26.40 19.57
CA SER A 767 14.86 27.83 19.73
C SER A 767 16.01 28.20 18.79
N SER A 768 15.68 28.86 17.68
CA SER A 768 16.69 29.31 16.73
C SER A 768 16.12 30.47 15.93
N LYS A 769 17.02 31.21 15.30
CA LYS A 769 16.65 32.35 14.46
C LYS A 769 17.42 32.32 13.15
N LEU A 770 17.58 31.14 12.56
CA LEU A 770 18.30 31.01 11.30
C LEU A 770 17.58 31.70 10.14
N PHE A 771 16.29 31.96 10.28
CA PHE A 771 15.54 32.64 9.23
C PHE A 771 15.55 34.15 9.44
N THR A 780 -4.33 31.50 9.92
CA THR A 780 -4.48 32.93 10.15
C THR A 780 -5.75 33.24 10.92
N SER A 781 -6.90 32.93 10.32
CA SER A 781 -8.18 33.22 10.94
C SER A 781 -8.44 32.27 12.11
N PHE A 782 -9.31 32.71 13.01
CA PHE A 782 -9.70 31.90 14.16
C PHE A 782 -10.42 30.64 13.71
N GLY A 783 -10.07 29.51 14.31
CA GLY A 783 -10.65 28.23 13.98
C GLY A 783 -9.82 27.39 13.03
N GLU A 784 -8.83 27.98 12.36
CA GLU A 784 -7.97 27.23 11.46
C GLU A 784 -7.11 26.25 12.25
N GLU A 785 -6.88 25.07 11.66
CA GLU A 785 -6.11 24.02 12.28
C GLU A 785 -4.74 23.93 11.63
N VAL A 786 -3.69 23.88 12.45
CA VAL A 786 -2.32 23.76 11.97
C VAL A 786 -1.67 22.58 12.67
N GLU A 787 -0.63 22.03 12.04
CA GLU A 787 0.06 20.87 12.54
C GLU A 787 1.34 21.28 13.27
N VAL A 788 1.56 20.70 14.44
CA VAL A 788 2.76 20.94 15.23
C VAL A 788 3.55 19.64 15.27
N HIS A 789 4.77 19.66 14.76
CA HIS A 789 5.58 18.46 14.61
C HIS A 789 6.57 18.35 15.75
N ASN A 790 6.62 17.17 16.37
CA ASN A 790 7.46 16.94 17.54
C ASN A 790 8.30 15.70 17.34
N LEU A 791 9.39 15.62 18.09
CA LEU A 791 10.25 14.45 18.13
C LEU A 791 10.13 13.83 19.51
N LEU A 792 9.60 12.62 19.58
CA LEU A 792 9.36 11.93 20.84
C LEU A 792 10.39 10.84 21.06
N ILE A 793 11.01 10.83 22.23
CA ILE A 793 11.90 9.75 22.64
C ILE A 793 11.09 8.79 23.51
N ILE A 794 11.04 7.52 23.10
CA ILE A 794 10.17 6.53 23.71
C ILE A 794 11.04 5.44 24.33
N ASP A 795 10.74 5.09 25.58
CA ASP A 795 11.48 4.02 26.24
C ASP A 795 11.18 2.68 25.58
N GLN A 796 12.20 1.81 25.56
CA GLN A 796 12.08 0.51 24.91
C GLN A 796 11.43 -0.55 25.78
N HIS A 797 11.31 -0.31 27.09
CA HIS A 797 10.79 -1.30 28.01
C HIS A 797 9.37 -0.97 28.47
N THR A 798 9.16 0.21 29.05
CA THR A 798 7.84 0.61 29.51
C THR A 798 7.05 1.36 28.45
N PHE A 799 7.67 1.70 27.32
CA PHE A 799 7.02 2.41 26.23
C PHE A 799 6.32 3.67 26.71
N GLU A 800 6.98 4.38 27.62
CA GLU A 800 6.52 5.67 28.09
C GLU A 800 7.33 6.77 27.41
N VAL A 801 6.63 7.80 26.95
CA VAL A 801 7.28 8.89 26.22
C VAL A 801 8.19 9.63 27.19
N LEU A 802 9.50 9.48 27.00
CA LEU A 802 10.47 10.11 27.90
C LEU A 802 10.68 11.59 27.59
N HIS A 803 10.58 11.98 26.33
CA HIS A 803 10.87 13.35 25.92
C HIS A 803 9.91 13.75 24.81
N ALA A 804 9.72 15.07 24.67
CA ALA A 804 8.85 15.61 23.63
C ALA A 804 9.45 16.93 23.17
N HIS A 805 10.23 16.88 22.10
CA HIS A 805 10.87 18.07 21.55
C HIS A 805 9.95 18.72 20.53
N GLN A 806 9.70 20.02 20.70
CA GLN A 806 8.85 20.77 19.80
C GLN A 806 9.70 21.53 18.79
N PHE A 807 9.34 21.42 17.52
CA PHE A 807 10.09 22.05 16.45
C PHE A 807 9.62 23.50 16.25
N LEU A 808 10.29 24.21 15.35
CA LEU A 808 9.93 25.58 15.06
C LEU A 808 8.52 25.66 14.50
N GLN A 809 7.87 26.80 14.71
CA GLN A 809 6.54 27.01 14.18
C GLN A 809 6.56 26.92 12.66
N ASN A 810 5.55 26.26 12.09
CA ASN A 810 5.40 26.13 10.65
C ASN A 810 6.55 25.35 10.01
N GLU A 811 7.12 24.42 10.76
CA GLU A 811 8.20 23.57 10.27
C GLU A 811 7.71 22.13 10.18
N TYR A 812 8.05 21.46 9.08
CA TYR A 812 7.59 20.10 8.81
C TYR A 812 8.77 19.15 8.91
N ALA A 813 8.73 18.25 9.89
CA ALA A 813 9.78 17.25 10.06
C ALA A 813 9.55 16.10 9.08
N LEU A 814 10.46 15.95 8.12
CA LEU A 814 10.29 15.01 7.02
C LEU A 814 10.99 13.68 7.26
N SER A 815 12.24 13.70 7.72
CA SER A 815 13.04 12.49 7.81
C SER A 815 13.69 12.41 9.19
N LEU A 816 14.20 11.22 9.51
CA LEU A 816 14.81 10.95 10.80
C LEU A 816 15.78 9.80 10.66
N VAL A 817 16.96 9.96 11.25
CA VAL A 817 18.02 8.96 11.18
C VAL A 817 18.70 8.88 12.54
N SER A 818 19.05 7.66 12.96
CA SER A 818 19.85 7.43 14.16
C SER A 818 21.12 6.70 13.73
N CYS A 819 22.25 7.40 13.72
CA CYS A 819 23.50 6.82 13.28
C CYS A 819 24.65 7.63 13.84
N LYS A 820 25.84 7.03 13.80
CA LYS A 820 27.07 7.69 14.22
C LYS A 820 27.89 8.05 12.99
N LEU A 821 28.61 9.16 13.06
CA LEU A 821 29.32 9.72 11.92
C LEU A 821 30.79 9.94 12.25
N GLY A 822 31.65 9.63 11.27
CA GLY A 822 33.07 9.91 11.43
C GLY A 822 33.70 9.08 12.53
N LYS A 823 34.63 9.69 13.25
CA LYS A 823 35.32 9.04 14.36
C LYS A 823 34.66 9.32 15.70
N ASP A 824 33.53 10.01 15.73
CA ASP A 824 32.83 10.28 16.98
C ASP A 824 32.14 9.01 17.45
N PRO A 825 32.40 8.54 18.68
CA PRO A 825 31.79 7.30 19.16
C PRO A 825 30.35 7.45 19.64
N ASN A 826 29.79 8.65 19.60
CA ASN A 826 28.43 8.87 20.05
C ASN A 826 27.44 8.62 18.92
N THR A 827 26.25 8.13 19.28
CA THR A 827 25.16 7.96 18.34
C THR A 827 24.21 9.14 18.44
N TYR A 828 23.70 9.59 17.31
CA TYR A 828 22.93 10.82 17.22
C TYR A 828 21.57 10.57 16.58
N PHE A 829 20.62 11.45 16.88
CA PHE A 829 19.39 11.59 16.11
C PHE A 829 19.57 12.76 15.16
N ILE A 830 19.47 12.49 13.86
CA ILE A 830 19.62 13.52 12.83
C ILE A 830 18.28 13.66 12.12
N VAL A 831 17.71 14.86 12.15
CA VAL A 831 16.41 15.13 11.58
C VAL A 831 16.55 16.20 10.50
N GLY A 832 15.92 15.95 9.35
CA GLY A 832 15.88 16.93 8.29
C GLY A 832 14.47 17.41 8.04
N THR A 833 14.24 18.71 8.18
CA THR A 833 12.90 19.28 8.14
C THR A 833 12.79 20.26 6.96
N ALA A 834 11.59 20.82 6.80
CA ALA A 834 11.31 21.77 5.74
C ALA A 834 10.40 22.86 6.27
N MET A 835 10.79 24.11 6.05
CA MET A 835 9.98 25.25 6.44
C MET A 835 8.98 25.53 5.33
N VAL A 836 7.72 25.16 5.55
CA VAL A 836 6.68 25.29 4.54
C VAL A 836 5.75 26.43 4.92
N TYR A 837 5.42 27.26 3.94
CA TYR A 837 4.50 28.36 4.12
C TYR A 837 3.36 28.26 3.11
N PRO A 838 2.11 28.47 3.53
CA PRO A 838 0.99 28.35 2.60
C PRO A 838 1.07 29.29 1.42
N GLU A 839 1.72 30.44 1.58
CA GLU A 839 1.84 31.39 0.47
C GLU A 839 2.66 30.80 -0.68
N GLU A 840 3.76 30.13 -0.36
CA GLU A 840 4.62 29.55 -1.39
C GLU A 840 4.14 28.15 -1.75
N ALA A 841 4.78 27.55 -2.74
CA ALA A 841 4.39 26.23 -3.24
C ALA A 841 5.50 25.19 -3.07
N GLU A 842 6.74 25.56 -3.36
CA GLU A 842 7.87 24.66 -3.18
C GLU A 842 8.78 25.20 -2.10
N PRO A 843 9.14 24.41 -1.09
CA PRO A 843 9.90 24.95 0.04
C PRO A 843 11.23 25.54 -0.40
N LYS A 844 11.60 26.64 0.24
CA LYS A 844 12.82 27.38 -0.10
C LYS A 844 13.99 27.04 0.83
N GLN A 845 13.75 26.96 2.13
CA GLN A 845 14.79 26.63 3.09
C GLN A 845 14.32 25.53 4.02
N GLY A 846 15.29 24.84 4.61
CA GLY A 846 15.03 23.75 5.53
C GLY A 846 16.25 23.53 6.40
N ARG A 847 16.08 22.68 7.40
CA ARG A 847 17.12 22.46 8.40
C ARG A 847 17.53 21.00 8.45
N ILE A 848 18.79 20.79 8.80
CA ILE A 848 19.31 19.49 9.20
C ILE A 848 19.84 19.64 10.61
N VAL A 849 19.14 19.06 11.57
CA VAL A 849 19.43 19.25 12.99
C VAL A 849 19.86 17.91 13.58
N VAL A 850 20.88 17.96 14.44
CA VAL A 850 21.46 16.78 15.05
C VAL A 850 21.17 16.82 16.55
N PHE A 851 20.61 15.73 17.07
CA PHE A 851 20.27 15.62 18.48
C PHE A 851 21.21 14.61 19.15
N GLN A 852 21.02 14.42 20.45
CA GLN A 852 21.73 13.39 21.19
C GLN A 852 21.01 13.17 22.51
N TYR A 853 20.63 11.94 22.79
CA TYR A 853 19.92 11.60 24.02
C TYR A 853 20.90 11.01 25.02
N SER A 854 21.28 11.80 26.02
CA SER A 854 22.13 11.32 27.10
C SER A 854 21.62 11.92 28.41
N ASP A 855 21.77 11.16 29.50
CA ASP A 855 21.38 11.60 30.83
C ASP A 855 19.90 11.99 30.88
N GLY A 856 19.07 11.26 30.14
CA GLY A 856 17.65 11.50 30.14
C GLY A 856 17.21 12.82 29.55
N LYS A 857 18.11 13.54 28.87
CA LYS A 857 17.78 14.82 28.26
C LYS A 857 18.19 14.81 26.80
N LEU A 858 17.46 15.60 26.00
CA LEU A 858 17.73 15.74 24.58
C LEU A 858 18.43 17.08 24.35
N GLN A 859 19.59 17.04 23.71
CA GLN A 859 20.35 18.25 23.40
C GLN A 859 20.50 18.39 21.89
N THR A 860 20.99 19.55 21.48
CA THR A 860 21.14 19.91 20.06
C THR A 860 22.61 20.25 19.83
N VAL A 861 23.39 19.26 19.38
CA VAL A 861 24.82 19.47 19.20
C VAL A 861 25.10 20.39 18.02
N ALA A 862 24.37 20.23 16.91
CA ALA A 862 24.67 21.01 15.71
C ALA A 862 23.43 21.07 14.83
N GLU A 863 23.17 22.27 14.29
CA GLU A 863 22.12 22.48 13.31
C GLU A 863 22.72 23.06 12.05
N LYS A 864 22.19 22.67 10.90
CA LYS A 864 22.71 23.08 9.61
C LYS A 864 21.54 23.53 8.72
N GLU A 865 21.58 24.78 8.29
CA GLU A 865 20.55 25.35 7.44
C GLU A 865 20.84 25.05 5.99
N VAL A 866 19.84 24.55 5.27
CA VAL A 866 19.98 24.23 3.85
C VAL A 866 18.90 24.98 3.07
N LYS A 867 19.17 25.17 1.78
CA LYS A 867 18.24 25.86 0.89
C LYS A 867 17.44 24.81 0.11
N GLY A 868 16.50 24.20 0.80
CA GLY A 868 15.66 23.18 0.19
C GLY A 868 14.88 22.43 1.25
N ALA A 869 14.24 21.36 0.80
CA ALA A 869 13.47 20.48 1.69
C ALA A 869 14.15 19.12 1.71
N VAL A 870 14.69 18.77 2.88
CA VAL A 870 15.43 17.51 3.03
C VAL A 870 14.41 16.38 3.09
N TYR A 871 14.22 15.69 1.97
CA TYR A 871 13.19 14.67 1.89
C TYR A 871 13.63 13.34 2.49
N SER A 872 14.94 13.04 2.45
CA SER A 872 15.42 11.78 2.97
C SER A 872 16.89 11.92 3.37
N MET A 873 17.30 11.08 4.30
CA MET A 873 18.68 11.01 4.76
C MET A 873 19.04 9.56 5.04
N VAL A 874 20.28 9.20 4.72
CA VAL A 874 20.83 7.89 5.06
C VAL A 874 22.26 8.10 5.54
N GLU A 875 22.82 7.06 6.14
CA GLU A 875 24.22 7.04 6.55
C GLU A 875 25.04 6.35 5.47
N PHE A 876 26.11 7.00 5.03
CA PHE A 876 26.94 6.50 3.94
C PHE A 876 28.36 6.29 4.45
N ASN A 877 28.65 5.08 4.93
CA ASN A 877 29.99 4.71 5.39
C ASN A 877 30.52 5.70 6.42
N GLY A 878 29.68 6.03 7.40
CA GLY A 878 30.05 6.98 8.41
C GLY A 878 29.88 8.43 8.01
N LYS A 879 29.35 8.69 6.82
CA LYS A 879 29.05 10.04 6.36
C LYS A 879 27.55 10.16 6.11
N LEU A 880 27.07 11.40 6.13
CA LEU A 880 25.64 11.65 5.97
C LEU A 880 25.34 11.97 4.50
N LEU A 881 24.35 11.28 3.96
CA LEU A 881 23.93 11.45 2.56
C LEU A 881 22.51 12.01 2.57
N ALA A 882 22.40 13.33 2.42
CA ALA A 882 21.12 14.02 2.47
C ALA A 882 20.62 14.32 1.06
N SER A 883 19.30 14.47 0.96
CA SER A 883 18.62 14.72 -0.31
C SER A 883 17.91 16.07 -0.23
N ILE A 884 18.59 17.13 -0.65
CA ILE A 884 18.05 18.48 -0.59
C ILE A 884 17.36 18.76 -1.93
N ASN A 885 16.03 18.90 -1.89
CA ASN A 885 15.24 19.23 -3.07
C ASN A 885 15.49 18.26 -4.21
N SER A 886 16.20 18.71 -5.25
CA SER A 886 16.50 17.89 -6.41
C SER A 886 17.99 17.59 -6.52
N THR A 887 18.69 17.52 -5.39
CA THR A 887 20.09 17.15 -5.35
C THR A 887 20.31 16.14 -4.24
N VAL A 888 21.34 15.32 -4.39
CA VAL A 888 21.81 14.44 -3.34
C VAL A 888 23.18 14.93 -2.89
N ARG A 889 23.34 15.12 -1.59
CA ARG A 889 24.54 15.72 -1.02
C ARG A 889 25.18 14.76 -0.04
N LEU A 890 26.51 14.68 -0.08
CA LEU A 890 27.28 13.87 0.86
C LEU A 890 27.90 14.80 1.89
N TYR A 891 27.66 14.51 3.16
CA TYR A 891 28.11 15.35 4.27
C TYR A 891 29.16 14.63 5.09
N GLU A 892 30.15 15.39 5.55
CA GLU A 892 31.24 14.87 6.36
C GLU A 892 31.16 15.46 7.76
N TRP A 893 31.28 14.60 8.77
CA TRP A 893 31.25 15.04 10.15
C TRP A 893 32.68 15.19 10.65
N THR A 894 33.05 16.42 11.00
CA THR A 894 34.41 16.72 11.42
C THR A 894 34.57 16.39 12.90
N THR A 895 35.71 16.81 13.47
CA THR A 895 35.91 16.78 14.91
C THR A 895 35.41 18.05 15.60
N GLU A 896 34.93 19.01 14.82
CA GLU A 896 34.39 20.26 15.35
C GLU A 896 32.89 20.18 15.63
N LYS A 897 32.30 18.99 15.48
CA LYS A 897 30.87 18.78 15.71
C LYS A 897 30.02 19.67 14.81
N GLU A 898 30.41 19.77 13.54
CA GLU A 898 29.64 20.47 12.53
C GLU A 898 29.75 19.71 11.22
N LEU A 899 28.70 19.79 10.40
CA LEU A 899 28.70 19.12 9.11
C LEU A 899 29.35 20.00 8.05
N ARG A 900 30.12 19.38 7.16
CA ARG A 900 30.69 20.06 6.01
C ARG A 900 30.33 19.31 4.75
N THR A 901 29.99 20.06 3.71
CA THR A 901 29.70 19.45 2.41
C THR A 901 30.93 18.74 1.87
N GLU A 902 30.73 17.59 1.26
CA GLU A 902 31.81 16.80 0.72
C GLU A 902 31.65 16.47 -0.76
N CYS A 903 30.42 16.40 -1.26
CA CYS A 903 30.17 16.09 -2.65
C CYS A 903 28.70 16.37 -2.95
N ASN A 904 28.43 16.88 -4.15
CA ASN A 904 27.08 17.15 -4.61
C ASN A 904 26.77 16.34 -5.85
N HIS A 905 25.51 16.38 -6.26
CA HIS A 905 25.09 15.77 -7.52
C HIS A 905 23.78 16.41 -7.93
N TYR A 906 23.78 17.07 -9.09
CA TYR A 906 22.64 17.84 -9.56
C TYR A 906 21.83 16.99 -10.54
N ASN A 907 20.68 16.51 -10.10
CA ASN A 907 19.76 15.77 -10.95
C ASN A 907 18.61 16.66 -11.39
N ASN A 908 17.77 16.11 -12.26
CA ASN A 908 16.53 16.75 -12.67
C ASN A 908 15.31 16.12 -12.02
N ILE A 909 15.51 15.32 -10.97
CA ILE A 909 14.44 14.65 -10.26
C ILE A 909 14.56 14.99 -8.78
N MET A 910 13.43 14.94 -8.08
CA MET A 910 13.40 15.16 -6.64
C MET A 910 13.76 13.87 -5.92
N ALA A 911 14.91 13.84 -5.26
CA ALA A 911 15.42 12.61 -4.65
C ALA A 911 14.64 12.33 -3.37
N LEU A 912 13.40 11.87 -3.54
CA LEU A 912 12.59 11.48 -2.39
C LEU A 912 13.14 10.24 -1.69
N TYR A 913 13.60 9.26 -2.46
CA TYR A 913 14.05 7.99 -1.91
C TYR A 913 15.56 7.87 -2.05
N LEU A 914 16.22 7.50 -0.96
CA LEU A 914 17.65 7.28 -0.94
C LEU A 914 17.95 5.94 -0.26
N LYS A 915 18.87 5.18 -0.84
CA LYS A 915 19.29 3.91 -0.30
C LYS A 915 20.81 3.81 -0.39
N THR A 916 21.36 2.74 0.17
CA THR A 916 22.81 2.56 0.18
C THR A 916 23.13 1.08 0.36
N LYS A 917 23.98 0.56 -0.52
CA LYS A 917 24.46 -0.82 -0.41
C LYS A 917 25.92 -0.81 -0.85
N GLY A 918 26.83 -0.73 0.13
CA GLY A 918 28.24 -0.60 -0.18
C GLY A 918 28.58 0.77 -0.73
N ASP A 919 28.90 0.83 -2.01
CA ASP A 919 29.20 2.09 -2.68
C ASP A 919 28.10 2.51 -3.64
N PHE A 920 26.96 1.83 -3.63
CA PHE A 920 25.85 2.14 -4.52
C PHE A 920 24.82 2.99 -3.79
N ILE A 921 24.16 3.86 -4.55
CA ILE A 921 23.10 4.73 -4.04
C ILE A 921 21.93 4.65 -5.00
N LEU A 922 20.75 4.37 -4.46
CA LEU A 922 19.53 4.29 -5.25
C LEU A 922 18.72 5.56 -5.04
N VAL A 923 18.39 6.23 -6.14
CA VAL A 923 17.67 7.50 -6.11
C VAL A 923 16.37 7.35 -6.88
N GLY A 924 15.27 7.80 -6.28
CA GLY A 924 13.99 7.77 -6.94
C GLY A 924 13.16 8.97 -6.54
N ASP A 925 12.09 9.19 -7.29
CA ASP A 925 11.14 10.25 -6.99
C ASP A 925 9.72 9.67 -7.03
N LEU A 926 8.74 10.54 -6.81
CA LEU A 926 7.35 10.08 -6.84
C LEU A 926 6.90 9.66 -8.23
N MET A 927 7.67 10.01 -9.27
CA MET A 927 7.32 9.66 -10.63
C MET A 927 7.99 8.36 -11.11
N ARG A 928 8.50 7.55 -10.18
CA ARG A 928 9.07 6.25 -10.50
C ARG A 928 10.24 6.42 -11.48
N SER A 929 11.03 7.47 -11.28
CA SER A 929 12.22 7.73 -12.08
C SER A 929 13.42 7.24 -11.28
N VAL A 930 13.68 5.93 -11.37
CA VAL A 930 14.77 5.33 -10.62
C VAL A 930 16.10 5.71 -11.25
N LEU A 931 17.07 6.05 -10.41
CA LEU A 931 18.41 6.44 -10.86
C LEU A 931 19.43 5.85 -9.90
N LEU A 932 20.51 5.30 -10.43
CA LEU A 932 21.52 4.62 -9.65
C LEU A 932 22.83 5.38 -9.72
N LEU A 933 23.46 5.58 -8.56
CA LEU A 933 24.73 6.27 -8.44
C LEU A 933 25.80 5.31 -7.94
N ALA A 934 27.02 5.83 -7.86
CA ALA A 934 28.15 5.08 -7.33
C ALA A 934 29.19 6.07 -6.84
N TYR A 935 29.61 5.92 -5.59
CA TYR A 935 30.57 6.83 -4.99
C TYR A 935 31.97 6.31 -5.26
N LYS A 936 32.81 7.13 -5.89
CA LYS A 936 34.19 6.78 -6.16
C LYS A 936 35.06 7.29 -5.02
N PRO A 937 35.45 6.44 -4.06
CA PRO A 937 36.17 6.96 -2.88
C PRO A 937 37.51 7.59 -3.21
N MET A 938 38.21 7.08 -4.22
CA MET A 938 39.52 7.64 -4.57
C MET A 938 39.42 9.04 -5.14
N GLU A 939 38.27 9.41 -5.72
CA GLU A 939 38.09 10.70 -6.34
C GLU A 939 36.97 11.52 -5.71
N GLY A 940 36.05 10.90 -4.98
CA GLY A 940 35.04 11.63 -4.24
C GLY A 940 34.00 12.37 -5.06
N ASN A 941 33.45 11.73 -6.09
CA ASN A 941 32.34 12.29 -6.84
C ASN A 941 31.42 11.17 -7.28
N PHE A 942 30.11 11.41 -7.18
CA PHE A 942 29.14 10.42 -7.60
C PHE A 942 29.17 10.22 -9.11
N GLU A 943 28.87 9.00 -9.53
CA GLU A 943 28.81 8.65 -10.94
C GLU A 943 27.51 7.90 -11.21
N GLU A 944 26.79 8.31 -12.26
CA GLU A 944 25.51 7.69 -12.58
C GLU A 944 25.76 6.37 -13.29
N ILE A 945 25.54 5.27 -12.57
CA ILE A 945 25.75 3.95 -13.16
C ILE A 945 24.71 3.65 -14.23
N ALA A 946 23.44 3.90 -13.93
CA ALA A 946 22.36 3.55 -14.84
C ALA A 946 21.14 4.40 -14.53
N ARG A 947 20.18 4.37 -15.46
CA ARG A 947 18.96 5.15 -15.36
C ARG A 947 17.77 4.32 -15.83
N ASP A 948 16.60 4.63 -15.27
CA ASP A 948 15.36 3.99 -15.70
C ASP A 948 14.21 4.94 -15.35
N PHE A 949 13.67 5.61 -16.36
CA PHE A 949 12.56 6.54 -16.18
C PHE A 949 11.31 5.97 -16.84
N ASN A 950 10.24 5.84 -16.08
CA ASN A 950 8.96 5.38 -16.59
C ASN A 950 7.86 6.09 -15.82
N PRO A 951 7.02 6.88 -16.50
CA PRO A 951 6.02 7.68 -15.77
C PRO A 951 5.00 6.85 -15.02
N ASN A 952 5.05 6.89 -13.70
CA ASN A 952 4.09 6.22 -12.83
C ASN A 952 4.17 6.87 -11.46
N TRP A 953 3.41 6.34 -10.52
CA TRP A 953 3.48 6.77 -9.12
C TRP A 953 4.20 5.71 -8.32
N MET A 954 5.31 6.09 -7.69
CA MET A 954 6.11 5.16 -6.90
C MET A 954 5.90 5.43 -5.42
N SER A 955 5.63 4.36 -4.67
CA SER A 955 5.35 4.47 -3.24
C SER A 955 6.53 4.17 -2.34
N ALA A 956 7.42 3.25 -2.75
CA ALA A 956 8.57 2.89 -1.94
C ALA A 956 9.61 2.23 -2.82
N VAL A 957 10.83 2.13 -2.30
CA VAL A 957 11.93 1.44 -2.96
C VAL A 957 12.71 0.65 -1.94
N GLU A 958 13.53 -0.28 -2.43
CA GLU A 958 14.40 -1.07 -1.58
C GLU A 958 15.50 -1.67 -2.45
N ILE A 959 16.64 -1.95 -1.84
CA ILE A 959 17.77 -2.58 -2.49
C ILE A 959 17.77 -4.05 -2.05
N LEU A 960 17.32 -4.94 -2.94
CA LEU A 960 17.36 -6.36 -2.64
C LEU A 960 18.78 -6.89 -2.60
N ASP A 961 19.62 -6.43 -3.52
CA ASP A 961 21.01 -6.83 -3.61
C ASP A 961 21.75 -5.75 -4.39
N ASP A 962 23.06 -5.95 -4.58
CA ASP A 962 23.84 -4.96 -5.31
C ASP A 962 23.44 -4.84 -6.77
N ASP A 963 22.66 -5.78 -7.30
CA ASP A 963 22.23 -5.73 -8.68
C ASP A 963 20.71 -5.77 -8.85
N ASN A 964 19.94 -5.81 -7.76
CA ASN A 964 18.49 -5.87 -7.83
C ASN A 964 17.88 -4.76 -6.99
N PHE A 965 16.80 -4.19 -7.49
CA PHE A 965 16.11 -3.08 -6.83
C PHE A 965 14.61 -3.33 -6.86
N LEU A 966 13.99 -3.29 -5.69
CA LEU A 966 12.57 -3.55 -5.53
C LEU A 966 11.83 -2.24 -5.32
N GLY A 967 10.58 -2.19 -5.77
CA GLY A 967 9.78 -0.99 -5.62
C GLY A 967 8.32 -1.31 -5.70
N ALA A 968 7.51 -0.41 -5.12
CA ALA A 968 6.06 -0.51 -5.17
C ALA A 968 5.52 0.68 -5.93
N GLU A 969 4.61 0.44 -6.87
CA GLU A 969 4.14 1.50 -7.74
C GLU A 969 2.62 1.47 -7.91
N ASN A 970 2.12 2.22 -8.89
CA ASN A 970 0.71 2.56 -8.96
C ASN A 970 -0.18 1.33 -9.09
N ALA A 971 -1.40 1.46 -8.57
CA ALA A 971 -2.41 0.40 -8.59
C ALA A 971 -1.96 -0.82 -7.79
N PHE A 972 -1.29 -0.57 -6.67
CA PHE A 972 -0.95 -1.61 -5.69
C PHE A 972 -0.09 -2.71 -6.31
N ASN A 973 0.91 -2.33 -7.09
CA ASN A 973 1.77 -3.28 -7.77
C ASN A 973 3.16 -3.32 -7.13
N LEU A 974 3.97 -4.25 -7.63
CA LEU A 974 5.37 -4.36 -7.26
C LEU A 974 6.18 -4.58 -8.53
N PHE A 975 7.45 -4.18 -8.49
CA PHE A 975 8.33 -4.35 -9.63
C PHE A 975 9.76 -4.52 -9.15
N VAL A 976 10.59 -5.12 -10.00
CA VAL A 976 12.01 -5.32 -9.71
C VAL A 976 12.81 -4.90 -10.93
N CYS A 977 13.81 -4.06 -10.71
CA CYS A 977 14.76 -3.68 -11.75
C CYS A 977 16.09 -4.38 -11.49
N GLN A 978 16.95 -4.40 -12.49
CA GLN A 978 18.24 -5.07 -12.37
C GLN A 978 19.21 -4.51 -13.39
N LYS A 979 20.42 -4.23 -12.94
CA LYS A 979 21.49 -3.75 -13.82
C LYS A 979 22.38 -4.92 -14.21
N ASP A 980 22.91 -4.85 -15.43
CA ASP A 980 23.78 -5.88 -15.99
C ASP A 980 25.11 -5.22 -16.37
N SER A 981 26.03 -5.17 -15.40
CA SER A 981 27.34 -4.60 -15.65
C SER A 981 28.20 -5.45 -16.57
N ALA A 982 27.81 -6.69 -16.83
CA ALA A 982 28.56 -7.58 -17.70
C ALA A 982 28.34 -7.29 -19.18
N ALA A 983 27.37 -6.44 -19.52
CA ALA A 983 27.13 -6.10 -20.92
C ALA A 983 28.31 -5.30 -21.48
N THR A 984 28.67 -5.60 -22.72
CA THR A 984 29.79 -4.93 -23.37
C THR A 984 29.37 -3.69 -24.16
N THR A 985 28.09 -3.38 -24.20
CA THR A 985 27.58 -2.23 -24.93
C THR A 985 27.27 -1.10 -23.96
N ASP A 986 27.69 0.12 -24.31
CA ASP A 986 27.61 1.23 -23.37
C ASP A 986 26.20 1.78 -23.23
N GLU A 987 25.39 1.77 -24.29
CA GLU A 987 24.05 2.32 -24.18
C GLU A 987 23.13 1.45 -23.34
N GLU A 988 23.58 0.24 -22.97
CA GLU A 988 22.80 -0.65 -22.12
C GLU A 988 23.33 -0.73 -20.69
N ARG A 989 24.62 -0.49 -20.47
CA ARG A 989 25.11 -0.40 -19.10
C ARG A 989 24.52 0.79 -18.35
N GLN A 990 24.00 1.77 -19.06
CA GLN A 990 23.22 2.85 -18.47
C GLN A 990 21.72 2.62 -18.62
N HIS A 991 21.28 1.36 -18.59
CA HIS A 991 19.86 1.02 -18.65
C HIS A 991 19.56 -0.05 -17.62
N LEU A 992 18.42 0.10 -16.94
CA LEU A 992 17.99 -0.83 -15.91
C LEU A 992 16.87 -1.71 -16.48
N GLN A 993 17.12 -3.01 -16.55
CA GLN A 993 16.14 -3.94 -17.09
C GLN A 993 15.14 -4.31 -16.01
N GLU A 994 13.85 -4.25 -16.36
CA GLU A 994 12.77 -4.61 -15.45
C GLU A 994 12.55 -6.11 -15.56
N VAL A 995 12.83 -6.84 -14.48
CA VAL A 995 12.81 -8.29 -14.51
C VAL A 995 11.82 -8.84 -13.48
N GLY A 996 10.75 -8.10 -13.22
CA GLY A 996 9.77 -8.57 -12.27
C GLY A 996 8.54 -7.69 -12.14
N LEU A 997 7.37 -8.30 -12.08
CA LEU A 997 6.12 -7.58 -11.90
C LEU A 997 5.20 -8.42 -11.02
N PHE A 998 4.27 -7.75 -10.34
CA PHE A 998 3.40 -8.41 -9.38
C PHE A 998 2.32 -7.43 -8.96
N HIS A 999 1.12 -7.96 -8.71
CA HIS A 999 0.00 -7.16 -8.21
C HIS A 999 -0.24 -7.55 -6.76
N LEU A 1000 0.34 -6.77 -5.85
CA LEU A 1000 0.22 -7.08 -4.43
C LEU A 1000 -1.21 -6.92 -3.93
N GLY A 1001 -1.91 -5.90 -4.41
CA GLY A 1001 -3.22 -5.56 -3.90
C GLY A 1001 -3.21 -4.62 -2.72
N GLU A 1002 -2.04 -4.13 -2.30
CA GLU A 1002 -1.92 -3.25 -1.16
C GLU A 1002 -1.00 -2.10 -1.52
N PHE A 1003 -1.15 -0.99 -0.80
CA PHE A 1003 -0.35 0.22 -1.00
C PHE A 1003 0.79 0.21 0.00
N VAL A 1004 2.00 -0.06 -0.47
CA VAL A 1004 3.16 -0.20 0.41
C VAL A 1004 3.68 1.19 0.77
N ASN A 1005 3.93 1.41 2.05
CA ASN A 1005 4.47 2.68 2.55
C ASN A 1005 5.94 2.59 2.91
N VAL A 1006 6.44 1.42 3.28
CA VAL A 1006 7.79 1.29 3.81
C VAL A 1006 8.32 -0.10 3.48
N PHE A 1007 9.61 -0.17 3.16
CA PHE A 1007 10.35 -1.42 3.02
C PHE A 1007 11.42 -1.48 4.09
N CYS A 1008 11.61 -2.66 4.68
CA CYS A 1008 12.55 -2.82 5.77
C CYS A 1008 13.29 -4.14 5.62
N HIS A 1009 14.56 -4.15 6.04
CA HIS A 1009 15.39 -5.33 5.96
C HIS A 1009 15.38 -6.07 7.29
N GLY A 1010 15.06 -7.36 7.25
CA GLY A 1010 15.04 -8.18 8.43
C GLY A 1010 13.94 -9.22 8.42
N SER A 1011 13.80 -9.98 9.50
CA SER A 1011 12.77 -11.00 9.59
C SER A 1011 12.37 -11.17 11.04
N LEU A 1012 11.19 -11.76 11.25
CA LEU A 1012 10.63 -11.95 12.57
C LEU A 1012 10.94 -13.31 13.16
N VAL A 1013 11.63 -14.18 12.43
CA VAL A 1013 11.99 -15.49 12.94
C VAL A 1013 13.41 -15.43 13.48
N MET A 1014 13.76 -16.42 14.30
CA MET A 1014 15.08 -16.45 14.93
C MET A 1014 16.12 -16.84 13.89
N GLN A 1015 17.17 -16.02 13.76
CA GLN A 1015 18.19 -16.25 12.76
C GLN A 1015 19.27 -17.16 13.32
N ASN A 1016 19.48 -18.29 12.64
CA ASN A 1016 20.51 -19.25 13.03
C ASN A 1016 21.32 -19.61 11.79
N LEU A 1017 22.57 -20.04 12.01
CA LEU A 1017 23.42 -20.45 10.91
C LEU A 1017 22.79 -21.64 10.17
N GLY A 1018 22.33 -22.64 10.92
CA GLY A 1018 21.63 -23.77 10.34
C GLY A 1018 22.43 -24.63 9.40
N GLU A 1019 23.71 -24.32 9.17
CA GLU A 1019 24.58 -25.09 8.30
C GLU A 1019 24.05 -25.12 6.87
N THR A 1020 22.90 -25.77 6.67
CA THR A 1020 22.26 -25.77 5.35
C THR A 1020 21.67 -24.43 4.97
N SER A 1021 21.56 -23.50 5.92
CA SER A 1021 20.99 -22.15 5.69
C SER A 1021 19.55 -22.35 5.20
N THR A 1022 19.10 -21.58 4.22
CA THR A 1022 17.78 -21.70 3.63
C THR A 1022 17.90 -21.61 2.11
N PRO A 1023 16.92 -22.15 1.39
CA PRO A 1023 16.89 -21.93 -0.07
C PRO A 1023 16.78 -20.46 -0.43
N THR A 1024 16.17 -19.65 0.42
CA THR A 1024 15.97 -18.23 0.17
C THR A 1024 17.11 -17.42 0.76
N GLN A 1025 17.43 -16.31 0.09
CA GLN A 1025 18.48 -15.40 0.54
C GLN A 1025 17.88 -14.04 0.85
N GLY A 1026 18.42 -13.38 1.86
CA GLY A 1026 17.95 -12.07 2.25
C GLY A 1026 16.57 -12.14 2.91
N SER A 1027 16.09 -10.95 3.30
CA SER A 1027 14.76 -10.84 3.90
C SER A 1027 14.35 -9.37 3.88
N VAL A 1028 13.18 -9.09 3.31
CA VAL A 1028 12.67 -7.73 3.23
C VAL A 1028 11.20 -7.76 3.65
N LEU A 1029 10.87 -6.98 4.67
CA LEU A 1029 9.49 -6.81 5.12
C LEU A 1029 8.91 -5.54 4.50
N PHE A 1030 7.58 -5.43 4.56
CA PHE A 1030 6.94 -4.19 4.17
C PHE A 1030 5.59 -4.06 4.87
N GLY A 1031 5.18 -2.83 5.11
CA GLY A 1031 3.90 -2.54 5.71
C GLY A 1031 3.07 -1.65 4.81
N THR A 1032 1.77 -1.89 4.80
CA THR A 1032 0.87 -1.25 3.86
C THR A 1032 -0.16 -0.39 4.60
N VAL A 1033 -1.00 0.27 3.82
CA VAL A 1033 -2.01 1.18 4.37
C VAL A 1033 -3.08 0.38 5.12
N ASN A 1034 -3.47 -0.77 4.59
CA ASN A 1034 -4.50 -1.57 5.24
C ASN A 1034 -4.02 -2.26 6.50
N GLY A 1035 -2.72 -2.20 6.80
CA GLY A 1035 -2.21 -2.75 8.03
C GLY A 1035 -1.81 -4.21 7.93
N MET A 1036 -1.15 -4.57 6.83
CA MET A 1036 -0.66 -5.93 6.64
C MET A 1036 0.85 -5.91 6.50
N ILE A 1037 1.50 -6.94 7.05
CA ILE A 1037 2.95 -7.08 6.99
C ILE A 1037 3.27 -8.19 6.01
N GLY A 1038 4.11 -7.89 5.02
CA GLY A 1038 4.54 -8.86 4.04
C GLY A 1038 6.02 -9.17 4.16
N LEU A 1039 6.48 -10.02 3.25
CA LEU A 1039 7.87 -10.45 3.26
C LEU A 1039 8.25 -10.91 1.86
N VAL A 1040 9.40 -10.45 1.37
CA VAL A 1040 9.92 -10.85 0.08
C VAL A 1040 11.38 -11.26 0.26
N THR A 1041 11.74 -12.44 -0.24
CA THR A 1041 13.10 -12.96 -0.18
C THR A 1041 13.46 -13.53 -1.54
N SER A 1042 14.74 -13.38 -1.90
CA SER A 1042 15.20 -13.86 -3.19
C SER A 1042 15.23 -15.39 -3.21
N LEU A 1043 15.31 -15.94 -4.43
CA LEU A 1043 15.27 -17.38 -4.64
C LEU A 1043 16.33 -17.77 -5.66
N SER A 1044 16.54 -19.08 -5.78
CA SER A 1044 17.39 -19.65 -6.82
C SER A 1044 16.57 -19.92 -8.07
N GLU A 1045 17.26 -20.04 -9.19
CA GLU A 1045 16.57 -20.25 -10.47
C GLU A 1045 15.83 -21.57 -10.49
N SER A 1046 16.46 -22.64 -10.00
CA SER A 1046 15.80 -23.94 -9.98
C SER A 1046 14.59 -23.93 -9.06
N TRP A 1047 14.74 -23.35 -7.87
CA TRP A 1047 13.61 -23.25 -6.95
C TRP A 1047 12.50 -22.39 -7.54
N TYR A 1048 12.88 -21.30 -8.22
CA TYR A 1048 11.88 -20.44 -8.85
C TYR A 1048 11.11 -21.20 -9.93
N ASN A 1049 11.80 -21.96 -10.76
CA ASN A 1049 11.11 -22.74 -11.79
C ASN A 1049 10.18 -23.77 -11.18
N LEU A 1050 10.66 -24.49 -10.16
CA LEU A 1050 9.83 -25.51 -9.51
C LEU A 1050 8.59 -24.88 -8.88
N LEU A 1051 8.76 -23.74 -8.21
CA LEU A 1051 7.63 -23.10 -7.56
C LEU A 1051 6.67 -22.49 -8.57
N LEU A 1052 7.17 -22.00 -9.70
CA LEU A 1052 6.28 -21.51 -10.74
C LEU A 1052 5.45 -22.65 -11.33
N ASP A 1053 6.07 -23.81 -11.55
CA ASP A 1053 5.29 -24.98 -11.98
C ASP A 1053 4.24 -25.36 -10.93
N MET A 1054 4.64 -25.32 -9.66
CA MET A 1054 3.70 -25.61 -8.58
C MET A 1054 2.52 -24.66 -8.60
N GLN A 1055 2.80 -23.37 -8.79
CA GLN A 1055 1.77 -22.35 -8.81
C GLN A 1055 0.82 -22.54 -9.98
N ASN A 1056 1.35 -22.86 -11.16
CA ASN A 1056 0.50 -23.14 -12.30
C ASN A 1056 -0.36 -24.38 -12.06
N ARG A 1057 0.18 -25.36 -11.33
CA ARG A 1057 -0.60 -26.58 -11.06
C ARG A 1057 -1.67 -26.36 -10.02
N LEU A 1058 -1.41 -25.51 -9.02
CA LEU A 1058 -2.40 -25.28 -7.95
C LEU A 1058 -3.63 -24.55 -8.49
N ASN A 1059 -3.44 -23.60 -9.41
CA ASN A 1059 -4.57 -22.83 -9.91
C ASN A 1059 -5.59 -23.71 -10.60
N LYS A 1060 -5.16 -24.81 -11.22
CA LYS A 1060 -6.10 -25.75 -11.81
C LYS A 1060 -6.82 -26.59 -10.77
N VAL A 1061 -6.39 -26.54 -9.52
CA VAL A 1061 -6.98 -27.33 -8.44
C VAL A 1061 -7.76 -26.44 -7.47
N ILE A 1062 -7.14 -25.36 -7.01
CA ILE A 1062 -7.79 -24.45 -6.07
C ILE A 1062 -8.91 -23.70 -6.79
N LYS A 1063 -10.09 -23.71 -6.18
CA LYS A 1063 -11.22 -22.91 -6.66
C LYS A 1063 -11.43 -21.76 -5.69
N SER A 1064 -11.36 -20.54 -6.20
CA SER A 1064 -11.42 -19.34 -5.38
C SER A 1064 -12.85 -18.81 -5.32
N VAL A 1065 -13.14 -18.09 -4.23
CA VAL A 1065 -14.47 -17.51 -4.05
C VAL A 1065 -14.66 -16.39 -5.06
N GLY A 1066 -15.77 -16.46 -5.79
CA GLY A 1066 -16.01 -15.57 -6.91
C GLY A 1066 -15.50 -16.09 -8.24
N LYS A 1067 -14.82 -17.24 -8.24
CA LYS A 1067 -14.29 -17.85 -9.46
C LYS A 1067 -13.39 -16.89 -10.22
N ILE A 1068 -12.56 -16.15 -9.50
CA ILE A 1068 -11.61 -15.23 -10.09
C ILE A 1068 -10.31 -15.98 -10.36
N GLU A 1069 -9.80 -15.87 -11.58
CA GLU A 1069 -8.56 -16.53 -11.93
C GLU A 1069 -7.39 -15.87 -11.22
N HIS A 1070 -6.46 -16.71 -10.71
CA HIS A 1070 -5.31 -16.18 -10.00
C HIS A 1070 -4.35 -15.46 -10.92
N SER A 1071 -4.22 -15.91 -12.18
CA SER A 1071 -3.34 -15.24 -13.12
C SER A 1071 -3.81 -13.82 -13.41
N PHE A 1072 -5.13 -13.64 -13.53
CA PHE A 1072 -5.68 -12.32 -13.79
C PHE A 1072 -5.40 -11.35 -12.64
N TRP A 1073 -5.58 -11.82 -11.40
CA TRP A 1073 -5.44 -10.92 -10.27
C TRP A 1073 -4.01 -10.44 -10.09
N ARG A 1074 -3.04 -11.36 -10.17
CA ARG A 1074 -1.65 -11.00 -9.93
C ARG A 1074 -1.01 -10.25 -11.09
N SER A 1075 -1.72 -10.11 -12.21
CA SER A 1075 -1.17 -9.38 -13.35
C SER A 1075 -0.95 -7.92 -12.99
N PHE A 1076 0.16 -7.37 -13.48
CA PHE A 1076 0.50 -5.98 -13.22
C PHE A 1076 -0.56 -5.06 -13.81
N HIS A 1077 -1.32 -4.40 -12.96
CA HIS A 1077 -2.47 -3.62 -13.38
C HIS A 1077 -2.16 -2.13 -13.35
N THR A 1078 -2.57 -1.43 -14.40
CA THR A 1078 -2.48 0.01 -14.47
C THR A 1078 -3.70 0.53 -15.22
N GLU A 1079 -4.02 1.80 -15.01
CA GLU A 1079 -5.19 2.38 -15.66
C GLU A 1079 -5.06 2.41 -17.18
N ARG A 1080 -3.85 2.30 -17.72
CA ARG A 1080 -3.64 2.34 -19.15
C ARG A 1080 -3.23 1.01 -19.77
N LYS A 1081 -2.60 0.11 -19.01
CA LYS A 1081 -2.11 -1.14 -19.57
C LYS A 1081 -2.03 -2.20 -18.48
N THR A 1082 -2.00 -3.46 -18.91
CA THR A 1082 -1.91 -4.59 -18.01
C THR A 1082 -1.02 -5.67 -18.63
N GLU A 1083 -0.18 -6.27 -17.80
CA GLU A 1083 0.76 -7.30 -18.23
C GLU A 1083 0.91 -8.33 -17.13
N PRO A 1084 1.14 -9.59 -17.47
CA PRO A 1084 1.17 -10.64 -16.46
C PRO A 1084 2.38 -10.52 -15.54
N ALA A 1085 2.23 -11.08 -14.35
CA ALA A 1085 3.30 -11.04 -13.36
C ALA A 1085 4.43 -11.98 -13.77
N THR A 1086 5.67 -11.55 -13.51
CA THR A 1086 6.86 -12.35 -13.76
C THR A 1086 7.84 -12.13 -12.61
N GLY A 1087 8.63 -13.17 -12.32
CA GLY A 1087 9.69 -13.03 -11.34
C GLY A 1087 9.23 -12.99 -9.90
N PHE A 1088 7.96 -13.29 -9.63
CA PHE A 1088 7.43 -13.32 -8.28
C PHE A 1088 6.65 -14.61 -8.06
N ILE A 1089 6.91 -15.26 -6.94
CA ILE A 1089 6.18 -16.46 -6.53
C ILE A 1089 5.22 -16.07 -5.43
N ASP A 1090 3.94 -16.38 -5.63
CA ASP A 1090 2.90 -16.03 -4.66
C ASP A 1090 3.02 -16.96 -3.46
N GLY A 1091 3.52 -16.42 -2.34
CA GLY A 1091 3.73 -17.25 -1.17
C GLY A 1091 2.44 -17.78 -0.56
N ASP A 1092 1.38 -16.98 -0.59
CA ASP A 1092 0.12 -17.42 -0.02
C ASP A 1092 -0.45 -18.61 -0.76
N LEU A 1093 -0.39 -18.58 -2.09
CA LEU A 1093 -0.91 -19.70 -2.89
C LEU A 1093 -0.12 -20.97 -2.64
N ILE A 1094 1.21 -20.86 -2.54
CA ILE A 1094 2.04 -22.03 -2.27
C ILE A 1094 1.78 -22.55 -0.85
N GLU A 1095 1.58 -21.64 0.10
CA GLU A 1095 1.28 -22.07 1.46
C GLU A 1095 -0.07 -22.76 1.55
N SER A 1096 -1.02 -22.36 0.72
CA SER A 1096 -2.32 -23.04 0.69
C SER A 1096 -2.23 -24.46 0.14
N PHE A 1097 -1.04 -24.94 -0.21
CA PHE A 1097 -0.89 -26.30 -0.69
C PHE A 1097 -0.98 -27.32 0.44
N LEU A 1098 -0.67 -26.90 1.68
CA LEU A 1098 -0.76 -27.80 2.81
C LEU A 1098 -2.18 -27.94 3.34
N ASP A 1099 -3.09 -27.03 2.96
CA ASP A 1099 -4.46 -27.05 3.46
C ASP A 1099 -5.40 -27.89 2.60
N ILE A 1100 -4.95 -28.37 1.45
CA ILE A 1100 -5.79 -29.19 0.58
C ILE A 1100 -5.76 -30.63 1.08
N SER A 1101 -6.68 -31.45 0.58
CA SER A 1101 -6.76 -32.85 0.98
C SER A 1101 -5.72 -33.68 0.24
N ARG A 1102 -5.55 -34.92 0.71
CA ARG A 1102 -4.60 -35.84 0.08
C ARG A 1102 -4.93 -36.11 -1.39
N PRO A 1103 -6.19 -36.37 -1.79
CA PRO A 1103 -6.45 -36.56 -3.23
C PRO A 1103 -6.06 -35.35 -4.07
N LYS A 1104 -6.42 -34.14 -3.63
CA LYS A 1104 -6.03 -32.95 -4.37
C LYS A 1104 -4.53 -32.75 -4.35
N MET A 1105 -3.90 -33.07 -3.21
CA MET A 1105 -2.44 -33.00 -3.14
C MET A 1105 -1.79 -33.96 -4.13
N GLN A 1106 -2.46 -35.07 -4.44
CA GLN A 1106 -1.97 -35.97 -5.47
C GLN A 1106 -2.23 -35.42 -6.87
N GLU A 1107 -3.39 -34.78 -7.07
CA GLU A 1107 -3.69 -34.19 -8.37
C GLU A 1107 -2.74 -33.05 -8.71
N VAL A 1108 -2.25 -32.32 -7.71
CA VAL A 1108 -1.39 -31.17 -7.98
C VAL A 1108 -0.08 -31.63 -8.61
N VAL A 1109 0.56 -32.64 -8.03
CA VAL A 1109 1.88 -33.09 -8.45
C VAL A 1109 1.73 -34.37 -9.27
N ALA A 1110 2.14 -34.33 -10.53
CA ALA A 1110 2.24 -35.53 -11.33
C ALA A 1110 3.56 -35.60 -12.09
N ASN A 1111 4.08 -34.45 -12.52
CA ASN A 1111 5.23 -34.41 -13.42
C ASN A 1111 6.19 -33.27 -13.10
N LEU A 1112 6.33 -32.91 -11.82
CA LEU A 1112 7.16 -31.76 -11.47
C LEU A 1112 8.62 -31.92 -11.88
N GLN A 1113 9.17 -33.13 -11.75
CA GLN A 1113 10.62 -33.35 -11.83
C GLN A 1113 11.34 -32.53 -10.74
N TYR A 1114 10.97 -32.82 -9.50
CA TYR A 1114 11.49 -32.06 -8.37
C TYR A 1114 13.00 -32.25 -8.22
N ASP A 1115 13.49 -33.46 -8.44
CA ASP A 1115 14.90 -33.77 -8.19
C ASP A 1115 15.79 -32.92 -9.08
N ASP A 1116 16.74 -32.22 -8.47
CA ASP A 1116 17.69 -31.36 -9.16
C ASP A 1116 19.13 -31.80 -8.97
N GLY A 1117 19.51 -32.17 -7.76
CA GLY A 1117 20.83 -32.70 -7.51
C GLY A 1117 20.95 -34.15 -7.96
N SER A 1118 20.92 -34.35 -9.29
CA SER A 1118 20.94 -35.67 -9.92
C SER A 1118 19.63 -36.40 -9.71
N GLY A 1119 19.11 -37.01 -10.77
CA GLY A 1119 17.86 -37.72 -10.71
C GLY A 1119 16.69 -36.90 -11.23
N MET A 1120 15.66 -37.61 -11.68
CA MET A 1120 14.44 -36.97 -12.20
C MET A 1120 13.24 -37.23 -11.29
N LYS A 1121 12.95 -38.50 -11.00
CA LYS A 1121 11.88 -38.87 -10.09
C LYS A 1121 10.55 -38.26 -10.55
N ARG A 1122 10.07 -38.79 -11.69
CA ARG A 1122 8.89 -38.23 -12.34
C ARG A 1122 7.70 -38.18 -11.40
N GLU A 1123 7.59 -39.13 -10.47
CA GLU A 1123 6.54 -39.05 -9.46
C GLU A 1123 6.72 -37.83 -8.57
N ALA A 1124 7.96 -37.56 -8.16
CA ALA A 1124 8.31 -36.41 -7.32
C ALA A 1124 7.59 -36.45 -5.98
N THR A 1125 6.90 -37.55 -5.69
CA THR A 1125 6.19 -37.77 -4.43
C THR A 1125 5.18 -36.65 -4.14
N ALA A 1126 4.59 -36.69 -2.96
CA ALA A 1126 3.71 -35.61 -2.50
C ALA A 1126 4.16 -35.17 -1.11
N ASP A 1127 4.71 -36.10 -0.34
CA ASP A 1127 5.32 -35.77 0.94
C ASP A 1127 6.68 -35.12 0.77
N ASP A 1128 7.34 -35.33 -0.37
CA ASP A 1128 8.51 -34.53 -0.72
C ASP A 1128 8.12 -33.07 -0.90
N LEU A 1129 6.93 -32.83 -1.46
CA LEU A 1129 6.43 -31.47 -1.60
C LEU A 1129 6.17 -30.84 -0.25
N ILE A 1130 5.69 -31.62 0.72
CA ILE A 1130 5.42 -31.09 2.06
C ILE A 1130 6.69 -30.53 2.67
N LYS A 1131 7.81 -31.25 2.53
CA LYS A 1131 9.07 -30.80 3.10
C LYS A 1131 9.49 -29.46 2.51
N VAL A 1132 9.33 -29.29 1.20
CA VAL A 1132 9.70 -28.03 0.56
C VAL A 1132 8.82 -26.89 1.05
N VAL A 1133 7.50 -27.11 1.06
CA VAL A 1133 6.58 -26.05 1.47
C VAL A 1133 6.71 -25.77 2.96
N GLU A 1134 7.07 -26.78 3.76
CA GLU A 1134 7.27 -26.54 5.19
C GLU A 1134 8.41 -25.58 5.43
N GLU A 1135 9.52 -25.73 4.70
CA GLU A 1135 10.63 -24.80 4.86
C GLU A 1135 10.23 -23.40 4.42
N LEU A 1136 9.42 -23.29 3.37
CA LEU A 1136 8.97 -21.97 2.92
C LEU A 1136 8.02 -21.33 3.93
N THR A 1137 7.25 -22.14 4.65
CA THR A 1137 6.40 -21.60 5.71
C THR A 1137 7.19 -21.24 6.95
N ARG A 1138 8.34 -21.89 7.16
CA ARG A 1138 9.14 -21.66 8.35
C ARG A 1138 9.87 -20.32 8.34
N ILE A 1139 9.89 -19.59 7.22
CA ILE A 1139 10.71 -18.39 7.11
C ILE A 1139 10.00 -17.14 7.61
N HIS A 1140 8.73 -17.23 8.00
CA HIS A 1140 8.04 -16.08 8.56
C HIS A 1140 7.25 -16.45 9.80
N ASN B 45 0.80 49.56 -20.82
CA ASN B 45 1.52 49.36 -22.07
C ASN B 45 0.72 48.48 -23.03
N ILE B 46 -0.57 48.75 -23.13
CA ILE B 46 -1.48 48.00 -23.99
C ILE B 46 -1.78 48.83 -25.22
N ILE B 47 -1.84 48.18 -26.38
CA ILE B 47 -2.17 48.83 -27.65
C ILE B 47 -3.33 48.09 -28.29
N ASN B 48 -4.21 48.84 -28.95
CA ASN B 48 -5.41 48.28 -29.56
C ASN B 48 -5.02 47.54 -30.84
N PHE B 49 -4.61 46.29 -30.67
CA PHE B 49 -4.24 45.42 -31.76
C PHE B 49 -4.98 44.09 -31.64
N ASP B 50 -5.48 43.59 -32.76
CA ASP B 50 -6.17 42.31 -32.78
C ASP B 50 -5.16 41.18 -32.86
N THR B 51 -4.96 40.48 -31.75
CA THR B 51 -3.95 39.42 -31.66
C THR B 51 -4.47 38.13 -32.31
N SER B 52 -4.85 38.25 -33.58
CA SER B 52 -5.25 37.10 -34.39
C SER B 52 -4.64 37.09 -35.78
N LEU B 53 -4.08 38.19 -36.25
CA LEU B 53 -3.46 38.24 -37.57
C LEU B 53 -2.07 37.60 -37.56
N PRO B 54 -1.23 37.81 -36.54
CA PRO B 54 0.03 37.06 -36.50
C PRO B 54 -0.16 35.55 -36.52
N THR B 55 -1.24 35.07 -35.89
CA THR B 55 -1.55 33.64 -35.98
C THR B 55 -2.16 33.29 -37.33
N SER B 56 -2.98 34.18 -37.90
CA SER B 56 -3.65 33.92 -39.16
C SER B 56 -2.68 33.86 -40.34
N HIS B 57 -1.44 34.33 -40.17
CA HIS B 57 -0.41 34.26 -41.21
C HIS B 57 -0.88 34.97 -42.49
N THR B 58 -1.44 36.16 -42.31
CA THR B 58 -2.03 36.89 -43.44
C THR B 58 -0.99 37.40 -44.43
N TYR B 59 0.29 37.42 -44.04
CA TYR B 59 1.32 37.94 -44.94
C TYR B 59 1.46 37.08 -46.19
N LEU B 60 1.32 35.76 -46.05
CA LEU B 60 1.41 34.89 -47.21
C LEU B 60 0.29 35.17 -48.21
N GLY B 61 -0.95 35.11 -47.73
CA GLY B 61 -2.08 35.35 -48.62
C GLY B 61 -3.39 35.05 -47.91
N ALA B 62 -4.47 35.12 -48.67
CA ALA B 62 -5.82 34.87 -48.17
C ALA B 62 -6.52 33.73 -48.87
N ASP B 63 -6.39 33.63 -50.19
CA ASP B 63 -7.05 32.55 -50.95
C ASP B 63 -6.27 31.26 -50.72
N MET B 64 -6.52 30.66 -49.56
CA MET B 64 -5.83 29.46 -49.13
C MET B 64 -6.81 28.30 -49.07
N GLU B 65 -6.40 27.14 -49.58
CA GLU B 65 -7.24 25.95 -49.60
C GLU B 65 -7.32 25.38 -48.19
N GLU B 66 -8.37 25.77 -47.47
CA GLU B 66 -8.53 25.33 -46.08
C GLU B 66 -8.84 23.84 -46.04
N PHE B 67 -8.13 23.12 -45.17
CA PHE B 67 -8.27 21.68 -45.00
C PHE B 67 -8.55 21.35 -43.54
N HIS B 68 -9.47 20.42 -43.32
CA HIS B 68 -9.88 20.04 -41.97
C HIS B 68 -9.04 18.88 -41.46
N GLY B 69 -8.61 18.96 -40.20
CA GLY B 69 -7.74 17.95 -39.61
C GLY B 69 -8.43 16.66 -39.28
N ARG B 70 -8.05 15.58 -39.96
CA ARG B 70 -8.65 14.25 -39.74
C ARG B 70 -7.58 13.16 -39.80
N THR B 71 -6.44 13.39 -39.15
CA THR B 71 -5.35 12.43 -39.16
C THR B 71 -4.97 12.03 -37.74
N LEU B 72 -4.54 10.77 -37.60
CA LEU B 72 -4.12 10.23 -36.31
C LEU B 72 -3.24 9.01 -36.57
N HIS B 73 -2.84 8.34 -35.48
CA HIS B 73 -2.02 7.14 -35.58
C HIS B 73 -2.52 6.11 -34.60
N ASP B 74 -1.99 4.89 -34.74
CA ASP B 74 -2.43 3.77 -33.92
C ASP B 74 -1.72 3.69 -32.58
N ASP B 75 -0.80 4.62 -32.30
CA ASP B 75 -0.16 4.77 -30.99
C ASP B 75 0.84 3.65 -30.73
N ASP B 76 2.11 4.02 -30.56
CA ASP B 76 3.19 3.08 -30.24
C ASP B 76 3.30 1.98 -31.30
N SER B 77 3.66 2.41 -32.51
CA SER B 77 3.80 1.49 -33.63
C SER B 77 4.87 2.01 -34.58
N CYS B 78 5.31 1.13 -35.46
CA CYS B 78 6.31 1.47 -36.48
C CYS B 78 5.62 1.99 -37.73
N GLN B 79 6.17 3.06 -38.29
CA GLN B 79 5.59 3.71 -39.47
C GLN B 79 6.71 4.25 -40.35
N VAL B 80 6.35 4.61 -41.57
CA VAL B 80 7.26 5.25 -42.52
C VAL B 80 6.63 6.55 -42.98
N ILE B 81 7.39 7.64 -42.89
CA ILE B 81 6.91 8.98 -43.24
C ILE B 81 8.01 9.72 -43.97
N PRO B 82 7.72 10.37 -45.10
CA PRO B 82 8.77 11.15 -45.78
C PRO B 82 9.15 12.39 -45.00
N VAL B 83 10.40 12.80 -45.17
CA VAL B 83 10.97 13.95 -44.46
C VAL B 83 11.45 14.96 -45.49
N LEU B 84 11.05 16.22 -45.32
CA LEU B 84 11.52 17.29 -46.19
C LEU B 84 12.79 17.89 -45.60
N PRO B 85 13.92 17.85 -46.30
CA PRO B 85 15.17 18.35 -45.72
C PRO B 85 15.25 19.88 -45.72
N GLN B 86 16.42 20.39 -45.33
CA GLN B 86 16.71 21.82 -45.32
C GLN B 86 15.80 22.58 -44.36
N VAL B 87 15.36 21.94 -43.29
CA VAL B 87 14.59 22.58 -42.24
C VAL B 87 15.32 22.39 -40.91
N MET B 88 15.56 23.48 -40.20
CA MET B 88 16.22 23.46 -38.90
C MET B 88 15.23 24.00 -37.88
N MET B 89 14.42 23.10 -37.32
CA MET B 89 13.36 23.51 -36.41
C MET B 89 12.95 22.34 -35.53
N ILE B 90 13.03 22.53 -34.22
CA ILE B 90 12.44 21.60 -33.27
C ILE B 90 10.97 22.00 -33.11
N LEU B 91 10.06 21.09 -33.44
CA LEU B 91 8.64 21.41 -33.50
C LEU B 91 7.90 20.62 -32.44
N ILE B 92 6.97 21.30 -31.76
CA ILE B 92 6.18 20.72 -30.68
C ILE B 92 4.75 20.54 -31.17
N PRO B 93 4.05 19.47 -30.80
CA PRO B 93 2.65 19.32 -31.21
C PRO B 93 1.82 20.53 -30.82
N GLY B 94 1.00 20.99 -31.77
CA GLY B 94 0.22 22.20 -31.60
C GLY B 94 0.88 23.46 -32.10
N GLN B 95 2.19 23.43 -32.37
CA GLN B 95 2.89 24.60 -32.86
C GLN B 95 2.66 24.77 -34.35
N THR B 96 2.37 26.01 -34.75
CA THR B 96 2.10 26.31 -36.15
C THR B 96 3.40 26.47 -36.92
N LEU B 97 3.45 25.87 -38.10
CA LEU B 97 4.62 25.93 -38.98
C LEU B 97 4.23 26.52 -40.32
N PRO B 98 4.95 27.55 -40.74
CA PRO B 98 4.77 28.18 -42.04
C PRO B 98 5.95 27.80 -42.93
N LEU B 99 5.67 27.19 -44.08
CA LEU B 99 6.70 26.65 -44.94
C LEU B 99 6.58 27.18 -46.35
N GLN B 100 7.72 27.47 -46.96
CA GLN B 100 7.82 27.88 -48.36
C GLN B 100 8.67 26.86 -49.10
N LEU B 101 8.17 26.35 -50.21
CA LEU B 101 8.82 25.28 -50.95
C LEU B 101 9.28 25.78 -52.32
N PHE B 102 10.55 25.50 -52.63
CA PHE B 102 11.20 26.03 -53.87
C PHE B 102 11.65 24.89 -54.80
N HIS B 103 12.31 23.86 -54.28
CA HIS B 103 12.85 22.80 -55.12
C HIS B 103 11.71 21.96 -55.73
N PRO B 104 11.83 21.58 -57.00
CA PRO B 104 10.75 20.79 -57.62
C PRO B 104 10.50 19.45 -56.96
N GLN B 105 11.54 18.78 -56.46
CA GLN B 105 11.33 17.47 -55.85
C GLN B 105 10.58 17.58 -54.52
N GLU B 106 10.83 18.65 -53.77
CA GLU B 106 10.06 18.88 -52.55
C GLU B 106 8.59 19.15 -52.88
N VAL B 107 8.33 19.88 -53.97
CA VAL B 107 6.97 20.12 -54.41
C VAL B 107 6.29 18.81 -54.81
N SER B 108 7.02 17.95 -55.53
CA SER B 108 6.46 16.65 -55.86
C SER B 108 6.15 15.85 -54.61
N MET B 109 7.06 15.87 -53.64
CA MET B 109 6.84 15.12 -52.41
C MET B 109 5.62 15.63 -51.65
N VAL B 110 5.46 16.95 -51.55
CA VAL B 110 4.31 17.47 -50.83
C VAL B 110 3.02 17.18 -51.58
N ARG B 111 3.05 17.22 -52.92
CA ARG B 111 1.84 16.89 -53.68
C ARG B 111 1.46 15.42 -53.49
N ASN B 112 2.43 14.51 -53.52
CA ASN B 112 2.12 13.11 -53.26
C ASN B 112 1.62 12.91 -51.83
N LEU B 113 2.19 13.64 -50.87
CA LEU B 113 1.68 13.57 -49.50
C LEU B 113 0.25 14.06 -49.43
N ILE B 114 -0.09 15.10 -50.20
CA ILE B 114 -1.47 15.58 -50.25
C ILE B 114 -2.38 14.50 -50.81
N GLN B 115 -1.95 13.83 -51.88
CA GLN B 115 -2.70 12.68 -52.37
C GLN B 115 -2.30 11.42 -51.62
N LYS B 116 -2.26 11.52 -50.29
CA LYS B 116 -1.90 10.42 -49.39
C LYS B 116 -2.21 10.92 -47.97
N ASP B 117 -1.74 10.18 -46.97
CA ASP B 117 -1.73 10.73 -45.62
C ASP B 117 -0.87 11.98 -45.61
N ARG B 118 -1.49 13.13 -45.37
CA ARG B 118 -0.85 14.42 -45.58
C ARG B 118 0.02 14.82 -44.39
N THR B 119 0.86 13.89 -43.94
CA THR B 119 1.70 14.11 -42.77
C THR B 119 3.14 13.84 -43.15
N PHE B 120 4.00 14.83 -42.98
CA PHE B 120 5.43 14.63 -43.09
C PHE B 120 6.04 14.65 -41.69
N ALA B 121 7.35 14.47 -41.60
CA ALA B 121 8.04 14.32 -40.33
C ALA B 121 9.13 15.37 -40.24
N VAL B 122 9.03 16.24 -39.24
CA VAL B 122 10.09 17.21 -38.97
C VAL B 122 11.12 16.55 -38.07
N LEU B 123 12.36 16.48 -38.54
CA LEU B 123 13.43 15.83 -37.80
C LEU B 123 13.97 16.74 -36.72
N ALA B 124 14.63 16.14 -35.73
CA ALA B 124 15.17 16.85 -34.58
C ALA B 124 16.68 16.99 -34.78
N TYR B 125 17.15 18.22 -34.87
CA TYR B 125 18.57 18.49 -35.07
C TYR B 125 19.24 18.79 -33.73
N SER B 126 20.28 18.03 -33.41
CA SER B 126 21.09 18.28 -32.23
C SER B 126 22.25 19.19 -32.59
N ASN B 127 23.23 19.32 -31.69
CA ASN B 127 24.41 20.12 -31.99
C ASN B 127 25.19 19.56 -33.17
N VAL B 128 25.31 18.24 -33.24
CA VAL B 128 26.02 17.60 -34.34
C VAL B 128 25.19 17.69 -35.60
N GLN B 129 25.82 18.13 -36.69
CA GLN B 129 25.14 18.27 -37.97
C GLN B 129 25.05 16.91 -38.66
N GLU B 130 24.69 16.93 -39.95
CA GLU B 130 24.62 15.72 -40.77
C GLU B 130 23.55 14.75 -40.26
N ARG B 131 22.36 15.30 -40.00
CA ARG B 131 21.18 14.51 -39.64
C ARG B 131 21.42 13.64 -38.41
N GLU B 132 22.10 14.21 -37.41
CA GLU B 132 22.29 13.54 -36.12
C GLU B 132 20.99 13.62 -35.33
N ALA B 133 20.01 12.82 -35.77
CA ALA B 133 18.65 12.90 -35.27
C ALA B 133 18.27 11.61 -34.56
N GLN B 134 17.55 11.74 -33.46
CA GLN B 134 17.01 10.60 -32.73
C GLN B 134 15.54 10.77 -32.35
N PHE B 135 14.94 11.93 -32.59
CA PHE B 135 13.54 12.18 -32.29
C PHE B 135 12.93 13.02 -33.41
N GLY B 136 11.67 13.39 -33.23
CA GLY B 136 10.98 14.19 -34.22
C GLY B 136 9.50 14.19 -33.97
N THR B 137 8.80 14.97 -34.79
CA THR B 137 7.36 15.13 -34.66
C THR B 137 6.72 15.09 -36.05
N THR B 138 5.44 14.75 -36.08
CA THR B 138 4.69 14.64 -37.32
C THR B 138 3.84 15.89 -37.52
N ALA B 139 4.00 16.54 -38.66
CA ALA B 139 3.26 17.75 -38.98
C ALA B 139 2.14 17.43 -39.96
N GLU B 140 0.96 18.00 -39.70
CA GLU B 140 -0.22 17.76 -40.51
C GLU B 140 -0.56 18.99 -41.35
N ILE B 141 -0.78 18.77 -42.64
CA ILE B 141 -1.09 19.85 -43.57
C ILE B 141 -2.56 20.22 -43.41
N TYR B 142 -2.83 21.52 -43.30
CA TYR B 142 -4.19 22.03 -43.32
C TYR B 142 -4.34 23.24 -44.23
N ALA B 143 -3.29 23.47 -45.01
CA ALA B 143 -3.05 24.77 -45.64
C ALA B 143 -2.28 24.54 -46.94
N TYR B 144 -2.93 24.27 -48.06
CA TYR B 144 -2.12 24.03 -49.26
C TYR B 144 -2.40 25.06 -50.37
N ARG B 145 -1.35 25.70 -50.90
CA ARG B 145 -1.54 26.60 -52.08
C ARG B 145 -0.27 26.55 -52.92
N GLU B 146 -0.39 26.20 -54.20
CA GLU B 146 0.81 26.03 -55.08
C GLU B 146 1.21 27.37 -55.66
N GLU B 147 0.69 27.72 -56.82
CA GLU B 147 1.02 29.02 -57.48
C GLU B 147 2.42 28.95 -58.05
N GLN B 148 2.53 28.59 -59.33
CA GLN B 148 3.87 28.47 -60.00
C GLN B 148 4.50 29.86 -60.10
N ASP B 149 3.75 30.92 -59.79
CA ASP B 149 4.33 32.28 -59.76
C ASP B 149 5.14 32.53 -61.02
N PHE B 150 6.48 32.55 -60.89
CA PHE B 150 7.36 32.83 -62.04
C PHE B 150 7.60 31.55 -62.86
N GLY B 151 6.60 30.65 -62.90
CA GLY B 151 6.73 29.42 -63.69
C GLY B 151 7.40 28.30 -62.92
N ILE B 152 7.63 28.49 -61.63
CA ILE B 152 8.19 27.40 -60.78
C ILE B 152 7.01 26.59 -60.24
N GLU B 153 6.89 26.44 -58.92
CA GLU B 153 5.69 25.76 -58.34
C GLU B 153 5.48 26.32 -56.93
N ILE B 154 6.56 26.70 -56.23
CA ILE B 154 6.46 27.34 -54.89
C ILE B 154 5.23 26.90 -54.10
N VAL B 155 5.14 25.63 -53.73
CA VAL B 155 4.00 25.20 -52.87
C VAL B 155 4.12 25.94 -51.54
N LYS B 156 3.10 26.70 -51.16
CA LYS B 156 3.10 27.38 -49.83
C LYS B 156 2.20 26.55 -48.91
N VAL B 157 2.78 25.93 -47.88
CA VAL B 157 1.99 24.99 -47.03
C VAL B 157 2.16 25.39 -45.58
N LYS B 158 1.06 25.40 -44.82
CA LYS B 158 1.17 25.67 -43.38
C LYS B 158 0.63 24.47 -42.62
N ALA B 159 1.39 24.04 -41.63
CA ALA B 159 1.18 22.78 -40.94
C ALA B 159 1.42 22.97 -39.44
N ILE B 160 0.86 22.06 -38.65
CA ILE B 160 1.06 22.03 -37.22
C ILE B 160 1.44 20.61 -36.80
N GLY B 161 2.13 20.49 -35.68
CA GLY B 161 2.49 19.19 -35.17
C GLY B 161 1.30 18.47 -34.57
N ARG B 162 1.33 17.15 -34.66
CA ARG B 162 0.24 16.35 -34.11
C ARG B 162 0.72 15.24 -33.19
N GLN B 163 1.85 14.61 -33.48
CA GLN B 163 2.34 13.50 -32.69
C GLN B 163 3.86 13.51 -32.67
N ARG B 164 4.43 12.85 -31.67
CA ARG B 164 5.87 12.71 -31.51
C ARG B 164 6.31 11.32 -31.92
N PHE B 165 7.61 11.17 -32.15
CA PHE B 165 8.17 9.88 -32.53
C PHE B 165 9.67 9.90 -32.33
N LYS B 166 10.29 8.74 -32.53
CA LYS B 166 11.73 8.58 -32.58
C LYS B 166 12.11 7.86 -33.86
N VAL B 167 13.16 8.34 -34.53
CA VAL B 167 13.61 7.72 -35.77
C VAL B 167 14.43 6.48 -35.45
N LEU B 168 14.04 5.35 -36.03
CA LEU B 168 14.77 4.11 -35.88
C LEU B 168 15.93 4.01 -36.88
N GLU B 169 15.67 4.38 -38.13
CA GLU B 169 16.71 4.49 -39.14
C GLU B 169 16.29 5.56 -40.14
N LEU B 170 17.28 6.15 -40.80
CA LEU B 170 17.05 7.21 -41.80
C LEU B 170 17.42 6.64 -43.17
N ARG B 171 16.42 6.09 -43.87
CA ARG B 171 16.62 5.58 -45.21
C ARG B 171 16.59 6.72 -46.21
N THR B 172 17.57 6.75 -47.10
CA THR B 172 17.69 7.79 -48.12
C THR B 172 17.21 7.23 -49.46
N GLN B 173 16.21 7.88 -50.04
CA GLN B 173 15.67 7.49 -51.34
C GLN B 173 16.38 8.25 -52.44
N SER B 174 16.57 7.59 -53.59
CA SER B 174 17.29 8.20 -54.70
C SER B 174 16.55 9.39 -55.29
N ASP B 175 15.26 9.55 -54.99
CA ASP B 175 14.51 10.70 -55.50
C ASP B 175 15.05 12.00 -54.94
N GLY B 176 15.39 12.01 -53.65
CA GLY B 176 15.88 13.22 -53.01
C GLY B 176 15.18 13.50 -51.71
N ILE B 177 14.07 12.81 -51.46
CA ILE B 177 13.30 12.93 -50.24
C ILE B 177 13.44 11.63 -49.46
N GLN B 178 14.01 11.72 -48.27
CA GLN B 178 14.28 10.54 -47.46
C GLN B 178 13.05 10.16 -46.64
N GLN B 179 12.70 8.88 -46.68
CA GLN B 179 11.63 8.32 -45.88
C GLN B 179 12.25 7.47 -44.77
N ALA B 180 11.96 7.83 -43.53
CA ALA B 180 12.60 7.22 -42.38
C ALA B 180 11.64 6.27 -41.67
N LYS B 181 12.23 5.28 -40.99
CA LYS B 181 11.47 4.34 -40.18
C LYS B 181 11.11 5.03 -38.87
N VAL B 182 9.82 5.06 -38.54
CA VAL B 182 9.28 5.94 -37.52
C VAL B 182 8.54 5.09 -36.48
N GLN B 183 8.89 5.30 -35.21
CA GLN B 183 8.21 4.66 -34.07
C GLN B 183 7.41 5.73 -33.35
N ILE B 184 6.08 5.62 -33.42
CA ILE B 184 5.20 6.62 -32.82
C ILE B 184 5.30 6.54 -31.30
N LEU B 185 5.45 7.69 -30.65
CA LEU B 185 5.60 7.76 -29.20
C LEU B 185 4.24 8.01 -28.54
N PRO B 186 3.81 7.15 -27.62
CA PRO B 186 2.56 7.42 -26.90
C PRO B 186 2.73 8.58 -25.93
N GLU B 187 1.61 9.24 -25.63
CA GLU B 187 1.56 10.32 -24.65
C GLU B 187 0.90 9.77 -23.38
N CYS B 188 1.70 9.59 -22.34
CA CYS B 188 1.20 9.01 -21.11
C CYS B 188 0.31 9.99 -20.35
N VAL B 189 -0.74 9.46 -19.74
CA VAL B 189 -1.62 10.21 -18.85
C VAL B 189 -1.69 9.49 -17.52
N LEU B 190 -1.55 10.24 -16.43
CA LEU B 190 -1.51 9.64 -15.10
C LEU B 190 -2.73 10.09 -14.29
N PRO B 191 -3.26 9.21 -13.44
CA PRO B 191 -4.37 9.59 -12.58
C PRO B 191 -3.87 10.46 -11.44
N SER B 192 -4.82 10.95 -10.64
CA SER B 192 -4.46 11.71 -9.46
C SER B 192 -3.69 10.84 -8.49
N THR B 193 -2.72 11.44 -7.81
CA THR B 193 -1.84 10.69 -6.91
C THR B 193 -2.57 10.15 -5.68
N MET B 194 -3.80 10.61 -5.43
CA MET B 194 -4.58 10.16 -4.28
C MET B 194 -5.60 9.09 -4.63
N SER B 195 -5.65 8.65 -5.89
CA SER B 195 -6.67 7.69 -6.29
C SER B 195 -6.44 6.33 -5.64
N ALA B 196 -5.18 5.91 -5.50
CA ALA B 196 -4.90 4.58 -4.97
C ALA B 196 -5.18 4.49 -3.48
N VAL B 197 -4.75 5.50 -2.71
CA VAL B 197 -4.84 5.44 -1.25
C VAL B 197 -6.09 6.11 -0.72
N GLN B 198 -7.01 6.54 -1.59
CA GLN B 198 -8.17 7.29 -1.15
C GLN B 198 -9.06 6.46 -0.23
N LEU B 199 -9.65 7.12 0.75
CA LEU B 199 -10.66 6.49 1.61
C LEU B 199 -12.00 6.48 0.88
N GLU B 200 -12.67 5.33 0.90
CA GLU B 200 -13.89 5.19 0.12
C GLU B 200 -15.04 6.00 0.71
N SER B 201 -15.12 6.08 2.04
CA SER B 201 -16.24 6.78 2.67
C SER B 201 -16.24 8.26 2.31
N LEU B 202 -15.08 8.91 2.40
CA LEU B 202 -14.98 10.33 2.05
C LEU B 202 -14.59 10.54 0.59
N ASN B 203 -15.29 9.84 -0.30
CA ASN B 203 -15.21 10.11 -1.72
C ASN B 203 -16.25 11.11 -2.19
N LYS B 204 -17.36 11.23 -1.46
CA LYS B 204 -18.36 12.24 -1.80
C LYS B 204 -17.82 13.65 -1.57
N CYS B 205 -16.80 13.77 -0.71
CA CYS B 205 -16.13 15.05 -0.48
C CYS B 205 -14.94 15.22 -1.42
N GLN B 206 -15.17 15.02 -2.71
CA GLN B 206 -14.14 15.16 -3.71
C GLN B 206 -14.53 16.05 -4.88
N ILE B 207 -15.80 16.43 -5.00
CA ILE B 207 -16.26 17.31 -6.06
C ILE B 207 -16.38 18.70 -5.45
N PHE B 208 -15.37 19.52 -5.67
CA PHE B 208 -15.40 20.87 -5.14
C PHE B 208 -16.32 21.75 -5.99
N PRO B 209 -16.99 22.72 -5.37
CA PRO B 209 -17.74 23.71 -6.15
C PRO B 209 -16.81 24.50 -7.06
N SER B 210 -17.36 24.95 -8.18
CA SER B 210 -16.58 25.63 -9.22
C SER B 210 -15.79 26.80 -8.67
N LYS B 211 -14.73 27.19 -9.37
CA LYS B 211 -13.85 28.24 -8.89
C LYS B 211 -14.62 29.56 -8.80
N PRO B 212 -14.44 30.33 -7.72
CA PRO B 212 -15.21 31.56 -7.55
C PRO B 212 -14.56 32.73 -8.28
N VAL B 213 -15.35 33.39 -9.12
CA VAL B 213 -14.95 34.59 -9.86
C VAL B 213 -13.71 34.17 -10.67
N SER B 214 -12.76 35.09 -10.87
CA SER B 214 -11.54 34.81 -11.62
C SER B 214 -10.60 36.00 -11.46
N ARG B 215 -9.31 35.71 -11.32
CA ARG B 215 -8.26 36.72 -11.15
C ARG B 215 -8.63 37.72 -10.05
N GLU B 216 -8.92 37.15 -8.87
CA GLU B 216 -9.28 37.97 -7.72
C GLU B 216 -8.53 37.45 -6.50
N ASP B 217 -7.89 38.36 -5.77
CA ASP B 217 -7.12 37.97 -4.61
C ASP B 217 -8.03 37.45 -3.50
N GLN B 218 -7.53 36.47 -2.76
CA GLN B 218 -8.22 35.78 -1.67
C GLN B 218 -9.37 34.93 -2.19
N CYS B 219 -9.64 35.01 -3.50
CA CYS B 219 -10.44 34.00 -4.17
C CYS B 219 -9.59 32.86 -4.69
N SER B 220 -8.27 32.98 -4.57
CA SER B 220 -7.32 31.93 -4.94
C SER B 220 -6.53 31.42 -3.75
N TYR B 221 -5.91 32.31 -2.98
CA TYR B 221 -5.08 31.89 -1.86
C TYR B 221 -5.87 31.26 -0.73
N LYS B 222 -7.19 31.34 -0.76
CA LYS B 222 -8.06 30.61 0.17
C LYS B 222 -8.75 29.44 -0.49
N TRP B 223 -9.27 29.61 -1.71
CA TRP B 223 -9.91 28.51 -2.41
C TRP B 223 -8.90 27.41 -2.72
N TRP B 224 -7.70 27.77 -3.14
CA TRP B 224 -6.68 26.75 -3.41
C TRP B 224 -6.20 26.09 -2.13
N GLN B 225 -6.14 26.84 -1.02
CA GLN B 225 -5.79 26.26 0.26
C GLN B 225 -6.81 25.22 0.69
N LYS B 226 -8.10 25.55 0.56
CA LYS B 226 -9.15 24.60 0.88
C LYS B 226 -9.13 23.42 -0.08
N TYR B 227 -8.83 23.67 -1.36
CA TYR B 227 -8.76 22.61 -2.35
C TYR B 227 -7.66 21.61 -2.02
N GLN B 228 -6.50 22.12 -1.60
CA GLN B 228 -5.41 21.24 -1.20
C GLN B 228 -5.76 20.51 0.10
N LYS B 229 -6.41 21.20 1.04
CA LYS B 229 -6.76 20.56 2.31
C LYS B 229 -7.76 19.43 2.11
N ARG B 230 -8.69 19.60 1.18
CA ARG B 230 -9.76 18.61 0.99
C ARG B 230 -9.43 17.56 -0.06
N LYS B 231 -8.55 17.86 -1.01
CA LYS B 231 -8.22 16.91 -2.06
C LYS B 231 -7.24 15.85 -1.56
N PHE B 232 -6.08 16.29 -1.08
CA PHE B 232 -5.08 15.38 -0.55
C PHE B 232 -5.23 15.18 0.95
N HIS B 233 -6.46 14.87 1.38
CA HIS B 233 -6.70 14.57 2.78
C HIS B 233 -6.18 13.19 3.15
N CYS B 234 -6.13 12.28 2.19
CA CYS B 234 -5.66 10.92 2.41
C CYS B 234 -4.14 10.80 2.42
N ALA B 235 -3.42 11.93 2.32
CA ALA B 235 -1.98 11.90 2.45
C ALA B 235 -1.52 11.52 3.86
N ASN B 236 -2.45 11.53 4.84
CA ASN B 236 -2.12 11.05 6.17
C ASN B 236 -1.98 9.53 6.21
N LEU B 237 -2.53 8.84 5.21
CA LEU B 237 -2.36 7.39 5.13
C LEU B 237 -0.98 7.02 4.60
N THR B 238 -0.34 7.90 3.85
CA THR B 238 0.97 7.64 3.28
C THR B 238 2.04 8.34 4.11
N SER B 239 3.27 8.32 3.62
CA SER B 239 4.41 8.88 4.33
C SER B 239 4.80 10.27 3.84
N TRP B 240 3.96 10.90 3.02
CA TRP B 240 4.33 12.18 2.45
C TRP B 240 3.29 13.24 2.79
N PRO B 241 3.72 14.48 3.05
CA PRO B 241 2.78 15.55 3.39
C PRO B 241 1.88 15.95 2.23
N ARG B 242 0.92 16.84 2.49
CA ARG B 242 -0.01 17.27 1.44
C ARG B 242 0.68 18.12 0.39
N TRP B 243 1.59 19.01 0.81
CA TRP B 243 2.19 19.93 -0.14
C TRP B 243 3.08 19.20 -1.14
N LEU B 244 3.72 18.10 -0.73
CA LEU B 244 4.49 17.32 -1.69
C LEU B 244 3.59 16.74 -2.78
N TYR B 245 2.42 16.25 -2.40
CA TYR B 245 1.48 15.74 -3.39
C TYR B 245 0.94 16.86 -4.28
N SER B 246 0.74 18.05 -3.71
CA SER B 246 0.34 19.18 -4.55
C SER B 246 1.46 19.66 -5.46
N LEU B 247 2.71 19.32 -5.15
CA LEU B 247 3.81 19.60 -6.06
C LEU B 247 3.72 18.76 -7.33
N TYR B 248 2.92 17.70 -7.33
CA TYR B 248 2.73 16.85 -8.50
C TYR B 248 1.31 16.93 -9.03
N ASP B 249 0.52 17.90 -8.57
CA ASP B 249 -0.87 18.03 -9.02
C ASP B 249 -0.91 18.71 -10.37
N ALA B 250 -1.70 18.15 -11.29
CA ALA B 250 -1.81 18.74 -12.63
C ALA B 250 -2.48 20.11 -12.58
N GLU B 251 -3.53 20.25 -11.77
CA GLU B 251 -4.25 21.51 -11.70
C GLU B 251 -3.40 22.60 -11.06
N THR B 252 -2.72 22.27 -9.95
CA THR B 252 -1.92 23.27 -9.25
C THR B 252 -0.77 23.76 -10.11
N LEU B 253 -0.11 22.85 -10.84
CA LEU B 253 0.98 23.26 -11.70
C LEU B 253 0.51 24.18 -12.82
N MET B 254 -0.66 23.89 -13.40
CA MET B 254 -1.20 24.78 -14.42
C MET B 254 -1.56 26.14 -13.82
N ASP B 255 -2.07 26.17 -12.59
CA ASP B 255 -2.36 27.45 -11.95
C ASP B 255 -1.09 28.25 -11.74
N ARG B 256 -0.02 27.60 -11.28
CA ARG B 256 1.25 28.30 -11.10
C ARG B 256 1.79 28.83 -12.42
N ILE B 257 1.69 28.02 -13.47
CA ILE B 257 2.17 28.45 -14.79
C ILE B 257 1.34 29.62 -15.30
N LYS B 258 0.03 29.59 -15.07
CA LYS B 258 -0.82 30.72 -15.48
C LYS B 258 -0.45 31.98 -14.73
N LYS B 259 -0.15 31.87 -13.43
CA LYS B 259 0.30 33.03 -12.67
C LYS B 259 1.59 33.60 -13.25
N GLN B 260 2.55 32.73 -13.57
CA GLN B 260 3.80 33.22 -14.13
C GLN B 260 3.59 33.84 -15.51
N LEU B 261 2.71 33.27 -16.33
CA LEU B 261 2.42 33.84 -17.64
C LEU B 261 1.78 35.22 -17.51
N ARG B 262 0.82 35.36 -16.60
CA ARG B 262 0.23 36.68 -16.35
C ARG B 262 1.27 37.66 -15.82
N GLU B 263 2.25 37.15 -15.07
CA GLU B 263 3.37 38.01 -14.68
C GLU B 263 4.15 38.49 -15.89
N TRP B 264 4.36 37.61 -16.87
CA TRP B 264 4.99 38.04 -18.13
C TRP B 264 4.13 39.08 -18.83
N ASP B 265 2.93 38.68 -19.26
CA ASP B 265 2.02 39.59 -19.92
C ASP B 265 0.59 39.18 -19.60
N GLU B 266 -0.33 40.14 -19.70
CA GLU B 266 -1.72 39.89 -19.33
C GLU B 266 -2.37 38.95 -20.34
N ASN B 267 -2.86 37.82 -19.85
CA ASN B 267 -3.63 36.87 -20.65
C ASN B 267 -5.09 37.02 -20.30
N LEU B 268 -5.94 37.10 -21.33
CA LEU B 268 -7.36 37.38 -21.11
C LEU B 268 -8.05 36.15 -20.54
N LYS B 269 -8.05 36.03 -19.21
CA LYS B 269 -8.66 34.92 -18.50
C LYS B 269 -8.25 33.58 -19.10
N ASP B 270 -9.20 32.86 -19.67
CA ASP B 270 -8.91 31.62 -20.41
C ASP B 270 -8.62 31.97 -21.87
N ASP B 271 -7.54 32.70 -22.07
CA ASP B 271 -7.19 33.21 -23.40
C ASP B 271 -6.67 32.08 -24.26
N SER B 272 -7.58 31.20 -24.71
CA SER B 272 -7.26 30.05 -25.55
C SER B 272 -6.32 29.07 -24.87
N LEU B 273 -6.17 29.17 -23.56
CA LEU B 273 -5.35 28.22 -22.83
C LEU B 273 -6.15 26.95 -22.55
N PRO B 274 -5.76 25.80 -23.07
CA PRO B 274 -6.57 24.59 -22.89
C PRO B 274 -6.58 24.14 -21.43
N SER B 275 -7.72 23.59 -21.03
CA SER B 275 -7.85 23.05 -19.68
C SER B 275 -7.06 21.76 -19.51
N ASN B 276 -6.93 20.98 -20.58
CA ASN B 276 -6.20 19.72 -20.51
C ASN B 276 -4.72 19.99 -20.20
N PRO B 277 -4.12 19.28 -19.25
CA PRO B 277 -2.68 19.46 -19.01
C PRO B 277 -1.82 19.12 -20.20
N ILE B 278 -2.28 18.21 -21.07
CA ILE B 278 -1.49 17.83 -22.25
C ILE B 278 -1.27 19.05 -23.15
N ASP B 279 -2.37 19.63 -23.65
CA ASP B 279 -2.27 20.76 -24.55
C ASP B 279 -1.70 21.99 -23.86
N PHE B 280 -2.02 22.19 -22.58
CA PHE B 280 -1.46 23.32 -21.85
C PHE B 280 0.06 23.22 -21.78
N SER B 281 0.58 22.05 -21.42
CA SER B 281 2.01 21.86 -21.36
C SER B 281 2.65 22.03 -22.74
N TYR B 282 2.00 21.51 -23.78
CA TYR B 282 2.55 21.65 -25.12
C TYR B 282 2.62 23.11 -25.55
N ARG B 283 1.56 23.88 -25.27
CA ARG B 283 1.55 25.30 -25.61
C ARG B 283 2.62 26.06 -24.84
N VAL B 284 2.76 25.78 -23.55
CA VAL B 284 3.79 26.46 -22.76
C VAL B 284 5.17 26.12 -23.29
N ALA B 285 5.43 24.85 -23.61
CA ALA B 285 6.72 24.48 -24.17
C ALA B 285 6.95 25.16 -25.50
N ALA B 286 5.88 25.37 -26.28
CA ALA B 286 6.03 26.06 -27.56
C ALA B 286 6.36 27.54 -27.37
N CYS B 287 5.85 28.17 -26.33
CA CYS B 287 6.06 29.61 -26.17
C CYS B 287 7.26 29.97 -25.29
N LEU B 288 7.99 29.00 -24.75
CA LEU B 288 9.12 29.33 -23.90
C LEU B 288 10.33 29.74 -24.72
N PRO B 289 11.10 30.73 -24.29
CA PRO B 289 12.36 31.11 -24.96
C PRO B 289 13.55 30.23 -24.56
N ILE B 290 13.58 29.02 -25.11
CA ILE B 290 14.60 28.04 -24.77
C ILE B 290 15.27 27.55 -26.05
N ASP B 291 16.48 27.02 -25.89
CA ASP B 291 17.29 26.59 -27.02
C ASP B 291 16.87 25.22 -27.52
N ASP B 292 17.60 24.70 -28.50
CA ASP B 292 17.21 23.45 -29.15
C ASP B 292 17.29 22.27 -28.21
N VAL B 293 18.33 22.21 -27.38
CA VAL B 293 18.50 21.06 -26.49
C VAL B 293 17.40 21.04 -25.44
N LEU B 294 17.03 22.21 -24.91
CA LEU B 294 15.92 22.25 -23.96
C LEU B 294 14.61 21.84 -24.61
N ARG B 295 14.40 22.27 -25.86
CA ARG B 295 13.18 21.88 -26.56
C ARG B 295 13.12 20.38 -26.81
N ILE B 296 14.25 19.76 -27.17
CA ILE B 296 14.22 18.32 -27.39
C ILE B 296 14.07 17.57 -26.07
N GLN B 297 14.63 18.11 -24.98
CA GLN B 297 14.39 17.51 -23.68
C GLN B 297 12.93 17.58 -23.29
N LEU B 298 12.27 18.70 -23.58
CA LEU B 298 10.84 18.80 -23.34
C LEU B 298 10.05 17.89 -24.26
N LEU B 299 10.57 17.62 -25.45
CA LEU B 299 9.86 16.77 -26.41
C LEU B 299 9.93 15.30 -25.99
N LYS B 300 11.09 14.86 -25.50
CA LYS B 300 11.23 13.45 -25.15
C LYS B 300 10.43 13.07 -23.92
N ILE B 301 10.08 14.03 -23.06
CA ILE B 301 9.29 13.74 -21.87
C ILE B 301 7.91 13.25 -22.29
N GLY B 302 7.47 12.14 -21.68
CA GLY B 302 6.26 11.48 -22.08
C GLY B 302 5.03 11.73 -21.22
N SER B 303 5.17 12.43 -20.11
CA SER B 303 4.05 12.68 -19.21
C SER B 303 3.82 14.17 -19.04
N ALA B 304 2.56 14.58 -19.00
CA ALA B 304 2.22 16.00 -18.90
C ALA B 304 2.72 16.60 -17.59
N ILE B 305 2.61 15.85 -16.49
CA ILE B 305 3.02 16.39 -15.20
C ILE B 305 4.51 16.70 -15.20
N GLN B 306 5.33 15.79 -15.72
CA GLN B 306 6.76 16.04 -15.79
C GLN B 306 7.07 17.21 -16.70
N ARG B 307 6.35 17.33 -17.81
CA ARG B 307 6.56 18.47 -18.71
C ARG B 307 6.23 19.79 -18.03
N LEU B 308 5.11 19.84 -17.29
CA LEU B 308 4.76 21.05 -16.58
C LEU B 308 5.77 21.39 -15.51
N ARG B 309 6.25 20.39 -14.76
CA ARG B 309 7.26 20.64 -13.75
C ARG B 309 8.54 21.17 -14.39
N CYS B 310 8.95 20.59 -15.51
CA CYS B 310 10.16 21.04 -16.18
C CYS B 310 10.01 22.46 -16.71
N GLU B 311 8.85 22.79 -17.28
CA GLU B 311 8.64 24.14 -17.79
C GLU B 311 8.61 25.16 -16.67
N LEU B 312 7.96 24.83 -15.56
CA LEU B 312 7.92 25.73 -14.41
C LEU B 312 9.32 25.92 -13.83
N ASP B 313 10.11 24.85 -13.77
CA ASP B 313 11.50 24.98 -13.32
C ASP B 313 12.30 25.84 -14.27
N ILE B 314 12.11 25.67 -15.58
CA ILE B 314 12.88 26.43 -16.56
C ILE B 314 12.57 27.92 -16.44
N MET B 315 11.29 28.27 -16.36
CA MET B 315 10.95 29.69 -16.31
C MET B 315 10.98 30.26 -14.90
N ASN B 316 11.29 29.45 -13.89
CA ASN B 316 11.64 29.98 -12.57
C ASN B 316 13.14 29.89 -12.29
N LYS B 317 13.94 29.39 -13.23
CA LYS B 317 15.38 29.27 -13.03
C LYS B 317 16.21 29.92 -14.12
N CYS B 318 15.63 30.33 -15.24
CA CYS B 318 16.35 30.99 -16.31
C CYS B 318 15.84 32.42 -16.43
N THR B 319 16.75 33.39 -16.35
CA THR B 319 16.36 34.79 -16.37
C THR B 319 17.16 35.62 -17.37
N SER B 320 18.40 35.20 -17.64
CA SER B 320 19.31 35.97 -18.48
C SER B 320 19.51 35.26 -19.81
N LEU B 321 19.38 36.02 -20.90
CA LEU B 321 19.57 35.50 -22.24
C LEU B 321 20.92 35.95 -22.81
N CYS B 322 21.21 35.51 -24.02
CA CYS B 322 22.41 35.90 -24.76
C CYS B 322 22.19 35.48 -26.22
N CYS B 323 23.09 35.90 -27.09
CA CYS B 323 23.04 35.51 -28.51
C CYS B 323 24.29 34.71 -28.84
N LYS B 324 24.15 33.74 -29.74
CA LYS B 324 25.28 32.93 -30.15
C LYS B 324 26.33 33.80 -30.84
N GLN B 325 27.56 33.27 -30.89
CA GLN B 325 28.73 33.93 -31.45
C GLN B 325 29.20 35.10 -30.60
N CYS B 326 28.45 35.42 -29.53
CA CYS B 326 28.91 36.36 -28.51
C CYS B 326 29.07 35.68 -27.16
N GLN B 327 28.01 35.07 -26.63
CA GLN B 327 27.98 34.53 -25.28
C GLN B 327 28.41 35.58 -24.26
N GLU B 328 28.06 36.84 -24.57
CA GLU B 328 28.48 37.95 -23.71
C GLU B 328 27.40 39.02 -23.52
N THR B 329 26.21 38.84 -24.07
CA THR B 329 25.16 39.86 -24.01
C THR B 329 24.00 39.34 -23.17
N GLU B 330 23.15 40.27 -22.74
CA GLU B 330 21.97 39.93 -21.95
C GLU B 330 20.77 40.74 -22.40
N ILE B 331 20.63 40.95 -23.71
CA ILE B 331 19.54 41.72 -24.29
C ILE B 331 18.22 41.04 -23.96
N THR B 332 17.18 41.84 -23.71
CA THR B 332 15.81 41.37 -23.50
C THR B 332 15.70 40.38 -22.35
N THR B 333 15.91 40.85 -21.12
CA THR B 333 15.70 40.05 -19.93
C THR B 333 14.21 39.70 -19.80
N LYS B 334 13.94 38.69 -18.97
CA LYS B 334 12.63 38.06 -18.89
C LYS B 334 11.48 39.02 -18.57
N ASN B 335 11.71 39.99 -17.68
CA ASN B 335 10.60 40.77 -17.13
C ASN B 335 9.86 41.61 -18.17
N GLU B 336 10.26 41.57 -19.45
CA GLU B 336 9.60 42.38 -20.47
C GLU B 336 9.22 41.56 -21.69
N ILE B 337 9.07 40.24 -21.55
CA ILE B 337 8.71 39.39 -22.67
C ILE B 337 7.21 39.51 -22.92
N PHE B 338 6.83 40.43 -23.81
CA PHE B 338 5.42 40.64 -24.10
C PHE B 338 4.89 39.51 -25.00
N SER B 339 3.61 39.63 -25.37
CA SER B 339 2.99 38.65 -26.27
C SER B 339 1.93 39.38 -27.08
N LEU B 340 2.33 39.85 -28.27
CA LEU B 340 1.41 40.51 -29.18
C LEU B 340 0.86 39.53 -30.23
N SER B 341 0.34 38.40 -29.74
CA SER B 341 -0.19 37.37 -30.62
C SER B 341 -0.99 36.39 -29.77
N LEU B 342 -1.85 35.62 -30.45
CA LEU B 342 -2.67 34.63 -29.75
C LEU B 342 -1.83 33.46 -29.26
N CYS B 343 -0.87 33.02 -30.07
CA CYS B 343 -0.09 31.83 -29.74
C CYS B 343 0.88 32.07 -28.59
N GLY B 344 1.30 33.31 -28.37
CA GLY B 344 2.21 33.62 -27.30
C GLY B 344 3.39 34.44 -27.76
N PRO B 345 4.38 34.61 -26.88
CA PRO B 345 5.55 35.42 -27.24
C PRO B 345 6.32 34.92 -28.45
N MET B 346 6.36 33.60 -28.67
CA MET B 346 7.17 33.01 -29.70
C MET B 346 6.29 32.33 -30.73
N ALA B 347 6.61 32.51 -32.01
CA ALA B 347 5.85 31.93 -33.11
C ALA B 347 6.77 31.71 -34.29
N ALA B 348 6.27 31.01 -35.30
CA ALA B 348 7.04 30.65 -36.47
C ALA B 348 6.56 31.43 -37.67
N TYR B 349 7.48 32.12 -38.35
CA TYR B 349 7.19 32.84 -39.57
C TYR B 349 8.30 32.59 -40.57
N VAL B 350 7.98 32.78 -41.86
CA VAL B 350 8.87 32.47 -42.96
C VAL B 350 9.05 33.72 -43.83
N ASN B 351 10.27 33.94 -44.29
CA ASN B 351 10.58 35.03 -45.21
C ASN B 351 10.16 34.63 -46.63
N PRO B 352 10.25 35.55 -47.60
CA PRO B 352 9.91 35.18 -48.97
C PRO B 352 10.93 34.32 -49.70
N HIS B 353 11.89 33.75 -48.98
CA HIS B 353 12.93 32.91 -49.59
C HIS B 353 13.02 31.56 -48.89
N GLY B 354 11.89 31.06 -48.39
CA GLY B 354 11.85 29.73 -47.83
C GLY B 354 12.34 29.61 -46.40
N TYR B 355 13.20 30.55 -45.99
CA TYR B 355 13.85 30.45 -44.69
C TYR B 355 12.85 30.75 -43.58
N VAL B 356 12.82 29.88 -42.57
CA VAL B 356 11.86 29.98 -41.47
C VAL B 356 12.60 30.42 -40.22
N HIS B 357 12.09 31.47 -39.57
CA HIS B 357 12.69 32.01 -38.36
C HIS B 357 11.62 32.06 -37.27
N GLU B 358 11.96 31.54 -36.09
CA GLU B 358 11.09 31.71 -34.93
C GLU B 358 11.48 32.97 -34.19
N THR B 359 10.48 33.81 -33.90
CA THR B 359 10.74 35.13 -33.36
C THR B 359 10.15 35.28 -31.96
N LEU B 360 10.75 36.18 -31.20
CA LEU B 360 10.33 36.49 -29.84
C LEU B 360 9.92 37.95 -29.76
N THR B 361 8.65 38.21 -29.46
CA THR B 361 8.13 39.57 -29.38
C THR B 361 8.39 40.08 -27.97
N VAL B 362 9.13 41.18 -27.87
CA VAL B 362 9.49 41.77 -26.58
C VAL B 362 9.13 43.24 -26.59
N TYR B 363 9.00 43.81 -25.39
CA TYR B 363 8.61 45.21 -25.26
C TYR B 363 9.77 46.14 -25.62
N LYS B 364 10.98 45.83 -25.15
CA LYS B 364 12.14 46.68 -25.38
C LYS B 364 13.37 45.82 -25.60
N ALA B 365 14.33 46.36 -26.35
CA ALA B 365 15.56 45.64 -26.65
C ALA B 365 16.67 46.67 -26.87
N CYS B 366 17.70 46.62 -26.02
CA CYS B 366 18.84 47.51 -26.14
C CYS B 366 20.00 46.78 -26.80
N ASN B 367 21.16 47.44 -26.87
CA ASN B 367 22.39 46.84 -27.41
C ASN B 367 22.18 46.33 -28.84
N LEU B 368 21.64 47.21 -29.69
CA LEU B 368 21.36 46.87 -31.07
C LEU B 368 21.73 48.04 -31.98
N ASN B 369 21.96 47.72 -33.25
CA ASN B 369 22.16 48.72 -34.28
C ASN B 369 21.23 48.42 -35.45
N LEU B 370 20.89 49.46 -36.21
CA LEU B 370 19.92 49.36 -37.28
C LEU B 370 20.57 49.60 -38.64
N ILE B 371 20.14 48.81 -39.62
CA ILE B 371 20.55 48.97 -41.01
C ILE B 371 19.31 48.81 -41.88
N GLY B 372 19.21 49.65 -42.91
CA GLY B 372 18.09 49.59 -43.83
C GLY B 372 16.92 50.46 -43.40
N ARG B 373 16.07 50.77 -44.37
CA ARG B 373 14.90 51.59 -44.14
C ARG B 373 13.76 50.76 -43.55
N PRO B 374 12.79 51.41 -42.89
CA PRO B 374 11.67 50.65 -42.34
C PRO B 374 10.73 50.13 -43.42
N SER B 375 11.12 49.02 -44.04
CA SER B 375 10.32 48.44 -45.11
C SER B 375 9.00 47.89 -44.57
N THR B 376 7.99 47.86 -45.45
CA THR B 376 6.68 47.35 -45.10
C THR B 376 6.23 46.28 -46.10
N GLU B 377 7.18 45.60 -46.75
CA GLU B 377 6.83 44.72 -47.86
C GLU B 377 6.21 43.41 -47.36
N HIS B 378 6.95 42.63 -46.60
CA HIS B 378 6.50 41.33 -46.14
C HIS B 378 6.66 41.20 -44.62
N SER B 379 6.22 42.22 -43.90
CA SER B 379 6.20 42.15 -42.45
C SER B 379 5.12 41.16 -42.01
N TRP B 380 5.50 40.26 -41.10
CA TRP B 380 4.54 39.25 -40.62
C TRP B 380 3.39 39.88 -39.84
N PHE B 381 3.55 41.12 -39.38
CA PHE B 381 2.49 41.84 -38.69
C PHE B 381 1.91 42.88 -39.64
N PRO B 382 0.63 42.77 -40.01
CA PRO B 382 0.08 43.65 -41.06
C PRO B 382 0.18 45.13 -40.75
N GLY B 383 0.04 45.53 -39.50
CA GLY B 383 0.00 46.94 -39.15
C GLY B 383 1.35 47.51 -38.74
N TYR B 384 2.43 46.85 -39.13
CA TYR B 384 3.76 47.24 -38.69
C TYR B 384 4.71 47.23 -39.88
N ALA B 385 5.78 48.02 -39.78
CA ALA B 385 6.83 48.08 -40.78
C ALA B 385 8.12 47.56 -40.18
N TRP B 386 8.79 46.65 -40.88
CA TRP B 386 9.95 45.96 -40.35
C TRP B 386 11.25 46.64 -40.76
N THR B 387 12.30 46.37 -39.99
CA THR B 387 13.63 46.86 -40.28
C THR B 387 14.63 45.82 -39.82
N VAL B 388 15.72 45.66 -40.57
CA VAL B 388 16.74 44.68 -40.24
C VAL B 388 17.49 45.15 -39.00
N ALA B 389 17.60 44.29 -38.00
CA ALA B 389 18.31 44.61 -36.77
C ALA B 389 19.56 43.73 -36.69
N GLN B 390 20.71 44.36 -36.48
CA GLN B 390 21.97 43.66 -36.39
C GLN B 390 22.51 43.74 -34.96
N CYS B 391 23.22 42.70 -34.53
CA CYS B 391 23.82 42.72 -33.21
C CYS B 391 24.89 43.79 -33.15
N LYS B 392 24.90 44.56 -32.06
CA LYS B 392 25.83 45.66 -31.93
C LYS B 392 27.27 45.22 -31.72
N ILE B 393 27.51 43.93 -31.48
CA ILE B 393 28.85 43.46 -31.18
C ILE B 393 29.32 42.43 -32.20
N CYS B 394 28.62 41.30 -32.29
CA CYS B 394 29.04 40.26 -33.22
C CYS B 394 28.54 40.53 -34.64
N ALA B 395 27.59 41.45 -34.79
CA ALA B 395 27.00 41.79 -36.09
C ALA B 395 26.34 40.57 -36.73
N SER B 396 25.96 39.60 -35.91
CA SER B 396 25.19 38.44 -36.37
C SER B 396 23.72 38.77 -36.20
N HIS B 397 22.94 38.53 -37.26
CA HIS B 397 21.57 39.02 -37.32
C HIS B 397 20.69 38.42 -36.22
N ILE B 398 20.29 39.26 -35.27
CA ILE B 398 19.28 38.90 -34.28
C ILE B 398 18.31 40.08 -34.19
N GLY B 399 17.02 39.78 -34.26
CA GLY B 399 16.01 40.77 -34.02
C GLY B 399 15.57 41.50 -35.28
N TRP B 400 14.47 42.23 -35.16
CA TRP B 400 13.97 43.12 -36.20
C TRP B 400 13.28 44.29 -35.52
N LYS B 401 13.73 45.50 -35.79
CA LYS B 401 13.05 46.68 -35.30
C LYS B 401 11.79 46.93 -36.12
N PHE B 402 10.74 47.41 -35.44
CA PHE B 402 9.46 47.70 -36.08
C PHE B 402 9.04 49.12 -35.78
N THR B 403 8.33 49.73 -36.72
CA THR B 403 7.92 51.13 -36.64
C THR B 403 6.40 51.23 -36.77
N ALA B 404 5.91 52.46 -36.91
CA ALA B 404 4.49 52.75 -36.91
C ALA B 404 3.97 52.99 -38.32
N THR B 405 2.73 52.58 -38.56
CA THR B 405 2.05 52.85 -39.82
C THR B 405 0.65 53.41 -39.56
N LYS B 406 0.14 53.21 -38.35
CA LYS B 406 -1.21 53.65 -38.00
C LYS B 406 -1.21 54.52 -36.75
N LYS B 407 -2.40 54.80 -36.22
CA LYS B 407 -2.55 55.70 -35.08
C LYS B 407 -2.66 54.94 -33.76
N ASP B 408 -3.66 54.06 -33.65
CA ASP B 408 -3.92 53.34 -32.40
C ASP B 408 -3.00 52.10 -32.36
N MET B 409 -1.74 52.35 -32.05
CA MET B 409 -0.72 51.31 -32.02
C MET B 409 0.46 51.85 -31.22
N SER B 410 1.51 51.04 -31.09
CA SER B 410 2.73 51.45 -30.40
C SER B 410 3.74 51.93 -31.43
N PRO B 411 4.00 53.24 -31.52
CA PRO B 411 4.92 53.75 -32.55
C PRO B 411 6.37 53.44 -32.21
N GLN B 412 7.02 52.63 -33.04
CA GLN B 412 8.45 52.34 -32.94
C GLN B 412 8.83 51.77 -31.58
N LYS B 413 7.91 51.05 -30.94
CA LYS B 413 8.16 50.35 -29.68
C LYS B 413 7.78 48.89 -29.91
N PHE B 414 8.72 48.13 -30.45
CA PHE B 414 8.47 46.73 -30.83
C PHE B 414 9.79 46.10 -31.20
N TRP B 415 9.92 44.80 -30.92
CA TRP B 415 11.10 44.04 -31.29
C TRP B 415 10.71 42.58 -31.47
N GLY B 416 11.23 41.96 -32.52
CA GLY B 416 11.09 40.54 -32.68
C GLY B 416 12.44 39.86 -32.90
N LEU B 417 12.89 39.06 -31.93
CA LEU B 417 14.21 38.45 -31.98
C LEU B 417 14.15 37.17 -32.81
N THR B 418 15.21 36.37 -32.73
CA THR B 418 15.26 35.08 -33.42
C THR B 418 15.90 34.06 -32.49
N ARG B 419 15.59 32.78 -32.74
CA ARG B 419 16.30 31.69 -32.09
C ARG B 419 17.55 31.28 -32.85
N SER B 420 17.88 31.97 -33.94
CA SER B 420 19.11 31.67 -34.66
C SER B 420 20.31 31.89 -33.76
N ALA B 421 20.31 32.96 -32.98
CA ALA B 421 21.32 33.21 -31.95
C ALA B 421 20.60 33.76 -30.72
N LEU B 422 20.14 32.85 -29.87
CA LEU B 422 19.49 33.24 -28.61
C LEU B 422 19.52 32.05 -27.66
N LEU B 423 20.30 32.16 -26.59
CA LEU B 423 20.44 31.11 -25.61
C LEU B 423 20.22 31.69 -24.22
N PRO B 424 19.71 30.90 -23.29
CA PRO B 424 19.56 31.38 -21.91
C PRO B 424 20.77 31.05 -21.05
N THR B 425 20.96 31.88 -20.02
CA THR B 425 22.04 31.67 -19.07
C THR B 425 21.53 31.73 -17.63
N PRO C 35 18.20 45.32 -56.72
CA PRO C 35 17.83 43.93 -56.37
C PRO C 35 18.78 43.27 -55.38
N PHE C 36 19.89 43.91 -55.05
CA PHE C 36 20.85 43.34 -54.10
C PHE C 36 20.23 43.28 -52.71
N GLN C 37 19.91 42.07 -52.26
CA GLN C 37 19.29 41.88 -50.96
C GLN C 37 19.71 40.52 -50.43
N CYS C 38 19.92 40.44 -49.12
CA CYS C 38 20.32 39.19 -48.50
C CYS C 38 19.12 38.25 -48.37
N ASN C 39 19.42 36.97 -48.14
CA ASN C 39 18.40 35.94 -48.00
C ASN C 39 18.39 35.29 -46.62
N GLN C 40 19.55 35.07 -46.01
CA GLN C 40 19.61 34.47 -44.69
C GLN C 40 18.99 35.37 -43.62
N CYS C 41 19.06 36.67 -43.89
CA CYS C 41 18.75 37.72 -42.92
C CYS C 41 17.54 38.47 -43.38
N GLY C 42 17.70 39.01 -44.57
CA GLY C 42 16.80 39.99 -45.14
C GLY C 42 17.37 41.37 -45.33
N ALA C 43 18.66 41.56 -45.06
CA ALA C 43 19.28 42.88 -45.21
C ALA C 43 19.28 43.30 -46.67
N SER C 44 19.06 44.59 -46.90
CA SER C 44 19.00 45.15 -48.24
C SER C 44 20.23 46.02 -48.50
N PHE C 45 20.70 46.01 -49.74
CA PHE C 45 21.90 46.74 -50.12
C PHE C 45 21.70 47.37 -51.49
N THR C 46 22.48 48.42 -51.76
CA THR C 46 22.55 49.01 -53.09
C THR C 46 23.82 48.65 -53.84
N GLN C 47 24.77 48.00 -53.18
CA GLN C 47 25.99 47.50 -53.80
C GLN C 47 26.14 46.02 -53.45
N LYS C 48 27.28 45.44 -53.87
CA LYS C 48 27.51 44.00 -53.71
C LYS C 48 28.56 43.66 -52.67
N GLY C 49 29.52 44.55 -52.41
CA GLY C 49 30.56 44.23 -51.46
C GLY C 49 30.03 43.96 -50.06
N ASN C 50 29.16 44.84 -49.57
CA ASN C 50 28.58 44.64 -48.25
C ASN C 50 27.63 43.45 -48.23
N LEU C 51 26.93 43.18 -49.34
CA LEU C 51 26.08 42.00 -49.40
C LEU C 51 26.91 40.72 -49.27
N LEU C 52 28.03 40.66 -49.98
CA LEU C 52 28.91 39.49 -49.87
C LEU C 52 29.52 39.40 -48.48
N ARG C 53 29.87 40.54 -47.88
CA ARG C 53 30.36 40.53 -46.51
C ARG C 53 29.32 39.96 -45.56
N HIS C 54 28.06 40.37 -45.73
CA HIS C 54 26.97 39.83 -44.92
C HIS C 54 26.77 38.33 -45.14
N ILE C 55 26.89 37.88 -46.39
CA ILE C 55 26.71 36.45 -46.68
C ILE C 55 27.80 35.63 -46.01
N LYS C 56 29.06 36.05 -46.16
CA LYS C 56 30.15 35.34 -45.51
C LYS C 56 30.10 35.46 -43.99
N LEU C 57 29.55 36.55 -43.46
CA LEU C 57 29.35 36.66 -42.02
C LEU C 57 28.30 35.68 -41.54
N HIS C 58 27.24 35.47 -42.33
CA HIS C 58 26.29 34.40 -42.04
C HIS C 58 26.97 33.04 -42.10
N SER C 59 27.85 32.84 -43.08
CA SER C 59 28.56 31.58 -43.21
C SER C 59 29.49 31.36 -42.02
N GLY C 60 29.56 30.12 -41.55
CA GLY C 60 30.39 29.78 -40.42
C GLY C 60 29.68 29.92 -39.09
ZN ZN D . 25.95 39.18 -30.63
N1 QFC E . 10.02 37.09 -54.54
N3 QFC E . 9.05 39.42 -42.09
C4 QFC E . 10.85 32.94 -57.35
C5 QFC E . 11.54 33.68 -56.39
C6 QFC E . 11.48 36.11 -56.26
C7 QFC E . 10.46 37.20 -55.94
C8 QFC E . 9.20 38.24 -54.17
C10 QFC E . 11.04 39.28 -52.79
C13 QFC E . 11.05 41.35 -49.62
C15 QFC E . 13.06 39.46 -48.87
C17 QFC E . 14.19 38.38 -47.04
C20 QFC E . 11.25 39.99 -45.51
C21 QFC E . 12.16 39.62 -46.64
C22 QFC E . 11.34 39.31 -43.03
C24 QFC E . 10.88 40.52 -40.90
C26 QFC E . 9.87 38.95 -43.09
C28 QFC E . 8.81 39.42 -51.98
N QFC E . 11.01 34.82 -55.77
C QFC E . 12.81 33.23 -56.04
O QFC E . 10.98 40.63 -48.38
C1 QFC E . 13.41 32.14 -56.59
C11 QFC E . 11.48 40.02 -51.71
C12 QFC E . 10.59 40.48 -50.75
C14 QFC E . 12.09 39.91 -48.00
C16 QFC E . 14.11 38.69 -48.38
C18 QFC E . 13.21 38.86 -46.17
C19 QFC E . 13.04 38.68 -44.71
C2 QFC E . 12.70 31.41 -57.53
C23 QFC E . 11.58 40.60 -42.25
C25 QFC E . 9.43 40.17 -41.02
C27 QFC E . 9.25 40.15 -50.90
C29 QFC E . 9.28 35.84 -54.36
C3 QFC E . 11.42 31.82 -57.91
C30 QFC E . 9.57 34.85 -55.48
C31 QFC E . 13.25 30.18 -58.06
C9 QFC E . 9.70 38.98 -52.94
F QFC E . 13.44 33.85 -55.02
N2 QFC E . 11.89 39.34 -44.38
N4 QFC E . 13.72 29.22 -58.44
O1 QFC E . 13.76 38.09 -43.93
O2 QFC E . 8.60 40.54 -40.20
O3 QFC E . 9.44 38.24 -44.00
ZN ZN F . 21.69 37.97 -43.99
#